data_5OSC
#
_entry.id   5OSC
#
_cell.length_a   183.310
_cell.length_b   133.180
_cell.length_c   161.860
_cell.angle_alpha   90.00
_cell.angle_beta   102.71
_cell.angle_gamma   90.00
#
_symmetry.space_group_name_H-M   'C 1 2 1'
#
loop_
_entity.id
_entity.type
_entity.pdbx_description
1 polymer 'Proton-gated ion channel,Gamma-aminobutyric acid receptor subunit alpha-2,Gamma-aminobutyric acid receptor subunit alpha-1'
2 non-polymer 'ACETATE ION'
3 non-polymer 'CHLORIDE ION'
4 non-polymer 'Pregnenolone sulfate'
5 non-polymer 'CHOLESTEROL HEMISUCCINATE'
#
_entity_poly.entity_id   1
_entity_poly.type   'polypeptide(L)'
_entity_poly.pdbx_seq_one_letter_code
;QDMVSPPPPIADEPLTVNTGIYLIECYSLDDKAETFKVNAFLSLSWKDRRLAFDPVRSGVRVKTYEPEAIWIPEIRFVNV
ENARDADVVDISVSPDGTVQYLERFSARVLSPLDFRRYPFDSQTLHIYLIVRSVDTRNIVLAVDLEKVGKNDDVFLTGWD
IESFTAVVKPANFALEDRLESKLDYQLRISRQYGYFVIQTYLPCIMTVILSQVSFWLNRESVPARTVFVVTTVLTMTTLS
ISARNSLPKVAYATAMDWFIAVCYAFVFSALIEFATVNYFTKSQPARAAKIDRLSRIAFPLLFGIFNLVYWATYLNREPQ
LKAPTPHQHHHHHHHH
;
_entity_poly.pdbx_strand_id   A,B,C,D,E
#
loop_
_chem_comp.id
_chem_comp.type
_chem_comp.name
_chem_comp.formula
A8W non-polymer 'Pregnenolone sulfate' 'C21 H32 O5 S'
ACT non-polymer 'ACETATE ION' 'C2 H3 O2 -1'
CL non-polymer 'CHLORIDE ION' 'Cl -1'
Y01 non-polymer 'CHOLESTEROL HEMISUCCINATE' 'C31 H50 O4'
#
# COMPACT_ATOMS: atom_id res chain seq x y z
N VAL A 4 34.74 -7.78 24.08
CA VAL A 4 35.78 -6.78 24.28
C VAL A 4 35.17 -5.56 24.97
N SER A 5 36.03 -4.63 25.39
CA SER A 5 35.60 -3.48 26.18
C SER A 5 36.35 -2.23 25.73
N PRO A 6 35.93 -1.03 26.17
CA PRO A 6 36.47 0.19 25.58
C PRO A 6 37.93 0.37 25.91
N PRO A 7 38.68 1.09 25.08
CA PRO A 7 40.09 1.28 25.35
C PRO A 7 40.29 2.06 26.64
N PRO A 8 41.38 1.82 27.35
CA PRO A 8 41.60 2.51 28.61
C PRO A 8 41.94 3.97 28.36
N PRO A 9 41.50 4.87 29.24
CA PRO A 9 41.85 6.28 29.07
C PRO A 9 43.31 6.51 29.44
N ILE A 10 44.01 7.27 28.60
CA ILE A 10 45.41 7.57 28.85
C ILE A 10 45.59 8.42 30.10
N ALA A 11 44.50 8.86 30.72
CA ALA A 11 44.55 9.61 31.96
C ALA A 11 43.18 9.59 32.63
N ASP A 12 42.39 10.63 32.40
CA ASP A 12 40.99 10.65 32.81
C ASP A 12 40.21 11.47 31.78
N GLU A 13 40.34 11.09 30.51
CA GLU A 13 39.82 11.84 29.39
C GLU A 13 38.69 11.09 28.69
N PRO A 14 37.70 11.81 28.18
CA PRO A 14 36.63 11.15 27.42
C PRO A 14 37.13 10.71 26.06
N LEU A 15 36.55 9.63 25.55
CA LEU A 15 36.88 9.11 24.24
C LEU A 15 36.00 9.77 23.19
N THR A 16 36.62 10.52 22.29
CA THR A 16 35.89 11.19 21.22
C THR A 16 35.96 10.36 19.94
N VAL A 17 34.82 10.22 19.28
CA VAL A 17 34.69 9.48 18.03
C VAL A 17 34.39 10.49 16.94
N ASN A 18 35.33 10.67 16.02
CA ASN A 18 35.13 11.61 14.92
C ASN A 18 34.21 10.94 13.90
N THR A 19 33.05 11.54 13.69
CA THR A 19 31.99 11.00 12.85
C THR A 19 31.86 11.82 11.58
N GLY A 20 31.28 11.19 10.56
CA GLY A 20 31.01 11.85 9.30
C GLY A 20 30.02 11.08 8.45
N ILE A 21 29.12 11.79 7.78
CA ILE A 21 28.12 11.17 6.93
C ILE A 21 28.29 11.75 5.52
N TYR A 22 28.29 10.87 4.52
CA TYR A 22 28.41 11.29 3.12
C TYR A 22 27.16 10.78 2.42
N LEU A 23 26.21 11.69 2.14
CA LEU A 23 24.97 11.29 1.50
C LEU A 23 25.25 10.70 0.12
N ILE A 24 24.85 9.46 -0.07
CA ILE A 24 24.92 8.79 -1.36
C ILE A 24 23.59 8.85 -2.08
N GLU A 25 22.51 8.54 -1.37
CA GLU A 25 21.17 8.49 -1.93
C GLU A 25 20.18 9.13 -0.97
N CYS A 26 19.22 9.88 -1.53
CA CYS A 26 18.19 10.54 -0.75
C CYS A 26 16.88 10.43 -1.51
N TYR A 27 15.89 9.79 -0.90
CA TYR A 27 14.67 9.43 -1.62
C TYR A 27 13.53 9.24 -0.63
N SER A 28 12.33 9.12 -1.19
CA SER A 28 11.12 8.80 -0.43
C SER A 28 10.88 9.82 0.69
N LEU A 29 10.83 11.10 0.33
CA LEU A 29 10.42 12.14 1.26
C LEU A 29 8.90 12.16 1.30
N ASP A 30 8.33 11.65 2.39
CA ASP A 30 6.89 11.50 2.53
C ASP A 30 6.36 12.65 3.38
N ASP A 31 5.55 13.52 2.77
CA ASP A 31 4.96 14.63 3.51
C ASP A 31 3.97 14.12 4.56
N LYS A 32 3.20 13.10 4.23
CA LYS A 32 2.17 12.62 5.15
C LYS A 32 2.79 11.89 6.33
N ALA A 33 3.80 11.05 6.08
CA ALA A 33 4.49 10.35 7.15
C ALA A 33 5.58 11.18 7.81
N GLU A 34 5.95 12.32 7.21
CA GLU A 34 7.03 13.14 7.74
C GLU A 34 8.29 12.30 7.95
N THR A 35 8.63 11.52 6.93
CA THR A 35 9.80 10.66 6.96
C THR A 35 10.47 10.71 5.60
N PHE A 36 11.76 10.39 5.58
CA PHE A 36 12.50 10.29 4.33
C PHE A 36 13.56 9.21 4.47
N LYS A 37 13.87 8.54 3.37
CA LYS A 37 14.84 7.47 3.37
C LYS A 37 16.19 7.99 2.88
N VAL A 38 17.25 7.62 3.58
CA VAL A 38 18.60 8.09 3.28
C VAL A 38 19.52 6.89 3.16
N ASN A 39 20.53 7.02 2.30
CA ASN A 39 21.54 5.98 2.09
C ASN A 39 22.88 6.68 1.96
N ALA A 40 23.76 6.50 2.95
CA ALA A 40 24.98 7.29 2.99
C ALA A 40 26.10 6.52 3.68
N PHE A 41 27.28 7.14 3.65
CA PHE A 41 28.45 6.63 4.36
C PHE A 41 28.48 7.16 5.78
N LEU A 42 28.80 6.27 6.73
CA LEU A 42 29.09 6.65 8.10
C LEU A 42 30.54 6.30 8.40
N SER A 43 31.33 7.29 8.80
CA SER A 43 32.74 7.12 9.10
C SER A 43 33.00 7.55 10.54
N LEU A 44 33.64 6.66 11.29
CA LEU A 44 34.01 6.92 12.67
C LEU A 44 35.52 6.82 12.79
N SER A 45 36.07 7.44 13.82
CA SER A 45 37.53 7.42 14.00
C SER A 45 37.85 7.67 15.46
N TRP A 46 38.57 6.73 16.08
CA TRP A 46 38.95 6.89 17.48
C TRP A 46 40.37 6.36 17.67
N LYS A 47 40.83 6.35 18.92
CA LYS A 47 42.17 5.92 19.26
C LYS A 47 42.09 4.79 20.29
N ASP A 48 42.52 3.60 19.89
CA ASP A 48 42.60 2.45 20.78
C ASP A 48 44.06 2.01 20.79
N ARG A 49 44.83 2.53 21.75
CA ARG A 49 46.26 2.27 21.80
C ARG A 49 46.58 0.79 21.93
N ARG A 50 45.65 0.00 22.47
CA ARG A 50 45.85 -1.44 22.57
C ARG A 50 46.12 -2.06 21.20
N LEU A 51 45.73 -1.39 20.12
CA LEU A 51 45.87 -1.91 18.76
C LEU A 51 47.13 -1.43 18.06
N ALA A 52 47.95 -0.61 18.72
CA ALA A 52 49.18 -0.14 18.09
C ALA A 52 50.05 -1.32 17.66
N PHE A 53 50.94 -1.07 16.71
CA PHE A 53 51.81 -2.13 16.21
C PHE A 53 53.01 -1.51 15.53
N ASP A 54 54.05 -2.32 15.36
CA ASP A 54 55.26 -1.88 14.69
C ASP A 54 55.05 -1.99 13.17
N PRO A 55 55.13 -0.89 12.42
CA PRO A 55 54.96 -0.99 10.96
C PRO A 55 56.11 -1.69 10.27
N VAL A 56 57.25 -1.85 10.94
CA VAL A 56 58.41 -2.54 10.37
C VAL A 56 58.38 -4.02 10.69
N ARG A 57 58.26 -4.37 11.98
CA ARG A 57 58.12 -5.77 12.35
C ARG A 57 56.89 -6.37 11.68
N SER A 58 55.76 -5.67 11.77
CA SER A 58 54.57 -6.04 11.00
C SER A 58 54.72 -5.46 9.60
N GLY A 59 54.77 -6.33 8.60
CA GLY A 59 55.06 -5.88 7.25
C GLY A 59 53.96 -5.07 6.61
N VAL A 60 52.92 -4.74 7.37
CA VAL A 60 51.79 -3.98 6.87
C VAL A 60 51.89 -2.55 7.38
N ARG A 61 51.38 -1.61 6.58
CA ARG A 61 51.41 -0.21 6.96
C ARG A 61 50.13 0.25 7.65
N VAL A 62 49.06 -0.53 7.53
CA VAL A 62 47.77 -0.20 8.14
C VAL A 62 47.25 -1.48 8.80
N LYS A 63 46.89 -2.46 7.97
CA LYS A 63 46.38 -3.74 8.45
C LYS A 63 44.95 -3.58 8.98
N THR A 64 44.01 -4.32 8.39
CA THR A 64 42.59 -4.17 8.64
C THR A 64 42.01 -5.36 9.40
N TYR A 65 41.03 -5.07 10.26
CA TYR A 65 40.35 -6.08 11.06
C TYR A 65 38.87 -6.17 10.69
N GLU A 66 38.19 -7.20 11.28
CA GLU A 66 36.77 -7.53 11.20
C GLU A 66 36.02 -6.95 12.40
N PRO A 67 34.75 -6.57 12.19
CA PRO A 67 33.99 -5.95 13.29
C PRO A 67 33.99 -6.76 14.58
N GLU A 68 33.97 -8.09 14.49
CA GLU A 68 33.97 -8.93 15.67
C GLU A 68 35.31 -8.94 16.40
N ALA A 69 36.37 -8.46 15.76
CA ALA A 69 37.72 -8.60 16.33
C ALA A 69 38.02 -7.52 17.36
N ILE A 70 37.65 -6.27 17.09
CA ILE A 70 38.06 -5.15 17.92
C ILE A 70 36.83 -4.48 18.52
N TRP A 71 37.07 -3.68 19.56
CA TRP A 71 36.01 -2.89 20.16
C TRP A 71 35.60 -1.77 19.20
N ILE A 72 34.30 -1.62 19.00
CA ILE A 72 33.76 -0.57 18.14
C ILE A 72 32.68 0.15 18.95
N PRO A 73 32.63 1.48 18.92
CA PRO A 73 31.62 2.18 19.73
C PRO A 73 30.23 1.91 19.20
N GLU A 74 29.28 1.77 20.13
CA GLU A 74 27.88 1.57 19.76
C GLU A 74 27.28 2.92 19.39
N ILE A 75 27.26 3.21 18.09
CA ILE A 75 26.67 4.43 17.57
C ILE A 75 25.28 4.12 17.07
N ARG A 76 24.29 4.90 17.50
CA ARG A 76 22.90 4.69 17.13
C ARG A 76 22.30 5.97 16.59
N PHE A 77 21.36 5.84 15.67
CA PHE A 77 20.53 6.96 15.25
C PHE A 77 19.33 7.09 16.17
N VAL A 78 18.90 8.32 16.39
CA VAL A 78 17.78 8.58 17.28
C VAL A 78 16.50 8.63 16.47
N ASN A 79 16.36 9.65 15.62
CA ASN A 79 15.13 9.88 14.86
C ASN A 79 15.06 8.94 13.65
N VAL A 80 15.07 7.64 13.95
CA VAL A 80 14.96 6.60 12.94
C VAL A 80 13.87 5.64 13.41
N GLU A 81 13.22 4.98 12.44
CA GLU A 81 12.13 4.09 12.78
C GLU A 81 12.64 2.72 13.25
N ASN A 82 13.48 2.08 12.44
CA ASN A 82 14.13 0.85 12.81
C ASN A 82 15.64 1.04 12.78
N ALA A 83 16.36 0.14 13.46
CA ALA A 83 17.80 0.15 13.40
C ALA A 83 18.25 0.12 11.94
N ARG A 84 19.24 0.95 11.62
CA ARG A 84 19.72 1.04 10.24
C ARG A 84 20.24 -0.31 9.77
N ASP A 85 20.20 -0.52 8.45
CA ASP A 85 20.80 -1.68 7.80
C ASP A 85 22.16 -1.23 7.26
N ALA A 86 23.23 -1.71 7.89
CA ALA A 86 24.58 -1.25 7.56
C ALA A 86 25.44 -2.42 7.11
N ASP A 87 26.30 -2.15 6.14
CA ASP A 87 27.32 -3.09 5.70
C ASP A 87 28.68 -2.44 5.89
N VAL A 88 29.51 -3.05 6.72
CA VAL A 88 30.82 -2.48 7.02
C VAL A 88 31.68 -2.48 5.76
N VAL A 89 32.24 -1.31 5.44
CA VAL A 89 33.03 -1.15 4.23
C VAL A 89 34.52 -1.36 4.52
N ASP A 90 35.04 -0.74 5.58
CA ASP A 90 36.47 -0.84 5.83
C ASP A 90 36.77 -0.48 7.28
N ILE A 91 37.83 -1.09 7.80
CA ILE A 91 38.35 -0.79 9.13
C ILE A 91 39.87 -0.78 9.03
N SER A 92 40.49 0.38 9.25
CA SER A 92 41.93 0.52 9.09
C SER A 92 42.52 1.15 10.34
N VAL A 93 43.45 0.44 10.97
CA VAL A 93 44.14 0.93 12.16
C VAL A 93 45.51 1.44 11.77
N SER A 94 45.97 2.46 12.49
CA SER A 94 47.27 3.07 12.30
C SER A 94 48.27 2.50 13.29
N PRO A 95 49.56 2.61 13.02
CA PRO A 95 50.57 2.12 13.98
C PRO A 95 50.39 2.67 15.38
N ASP A 96 49.83 3.88 15.50
CA ASP A 96 49.60 4.47 16.82
C ASP A 96 48.30 4.00 17.46
N GLY A 97 47.46 3.28 16.72
CA GLY A 97 46.18 2.83 17.25
C GLY A 97 45.00 3.65 16.80
N THR A 98 45.12 4.41 15.71
CA THR A 98 44.03 5.26 15.23
C THR A 98 43.13 4.44 14.31
N VAL A 99 41.97 4.04 14.83
CA VAL A 99 41.02 3.27 14.05
C VAL A 99 40.16 4.20 13.21
N GLN A 100 40.09 3.91 11.90
CA GLN A 100 39.21 4.57 10.95
C GLN A 100 38.21 3.54 10.44
N TYR A 101 36.95 3.75 10.78
CA TYR A 101 35.86 2.83 10.49
C TYR A 101 34.95 3.46 9.44
N LEU A 102 34.48 2.64 8.49
CA LEU A 102 33.63 3.13 7.41
C LEU A 102 32.59 2.07 7.08
N GLU A 103 31.32 2.48 7.15
CA GLU A 103 30.20 1.64 6.77
C GLU A 103 29.31 2.41 5.80
N ARG A 104 28.44 1.68 5.11
CA ARG A 104 27.41 2.27 4.27
C ARG A 104 26.06 1.80 4.80
N PHE A 105 25.19 2.75 5.12
CA PHE A 105 23.91 2.45 5.75
C PHE A 105 22.77 3.03 4.95
N SER A 106 21.59 2.45 5.18
CA SER A 106 20.32 2.98 4.71
C SER A 106 19.37 3.02 5.89
N ALA A 107 18.61 4.10 6.01
CA ALA A 107 17.71 4.23 7.14
C ALA A 107 16.51 5.07 6.75
N ARG A 108 15.41 4.86 7.49
CA ARG A 108 14.20 5.65 7.32
C ARG A 108 14.17 6.67 8.45
N VAL A 109 14.53 7.89 8.13
CA VAL A 109 14.62 8.97 9.12
C VAL A 109 13.25 9.59 9.32
N LEU A 110 12.93 9.90 10.58
CA LEU A 110 11.66 10.50 10.96
C LEU A 110 11.94 11.92 11.45
N SER A 111 11.60 12.91 10.63
CA SER A 111 11.84 14.30 10.94
C SER A 111 10.57 15.09 10.67
N PRO A 112 10.06 15.86 11.64
CA PRO A 112 8.83 16.60 11.43
C PRO A 112 9.01 17.74 10.45
N LEU A 113 7.91 18.10 9.79
CA LEU A 113 7.90 19.16 8.78
C LEU A 113 6.96 20.27 9.22
N ASP A 114 7.24 21.48 8.74
CA ASP A 114 6.45 22.67 9.06
C ASP A 114 5.73 23.11 7.78
N PHE A 115 4.44 22.79 7.69
CA PHE A 115 3.64 23.02 6.50
C PHE A 115 2.96 24.39 6.50
N ARG A 116 3.33 25.29 7.42
CA ARG A 116 2.64 26.57 7.50
C ARG A 116 2.76 27.36 6.21
N ARG A 117 3.95 27.37 5.60
CA ARG A 117 4.19 28.06 4.35
C ARG A 117 4.06 27.14 3.14
N TYR A 118 3.53 25.93 3.34
CA TYR A 118 3.35 24.98 2.25
C TYR A 118 2.42 25.57 1.19
N PRO A 119 2.69 25.34 -0.11
CA PRO A 119 3.81 24.56 -0.66
C PRO A 119 5.05 25.40 -0.96
N PHE A 120 5.10 26.62 -0.41
CA PHE A 120 6.27 27.47 -0.51
C PHE A 120 7.21 27.29 0.67
N ASP A 121 7.26 26.08 1.22
CA ASP A 121 7.97 25.80 2.46
C ASP A 121 9.40 25.35 2.19
N SER A 122 10.27 25.63 3.15
CA SER A 122 11.60 25.05 3.22
C SER A 122 11.70 24.24 4.49
N GLN A 123 12.43 23.12 4.43
CA GLN A 123 12.54 22.21 5.54
C GLN A 123 14.01 22.00 5.91
N THR A 124 14.22 21.59 7.15
CA THR A 124 15.55 21.19 7.65
C THR A 124 15.39 19.79 8.23
N LEU A 125 15.66 18.77 7.42
CA LEU A 125 15.64 17.40 7.89
C LEU A 125 16.82 17.16 8.84
N HIS A 126 16.55 16.43 9.92
CA HIS A 126 17.55 16.16 10.95
C HIS A 126 17.88 14.67 10.98
N ILE A 127 19.17 14.37 11.13
CA ILE A 127 19.66 13.02 11.39
C ILE A 127 20.48 13.11 12.67
N TYR A 128 20.00 12.46 13.72
CA TYR A 128 20.60 12.56 15.05
C TYR A 128 21.41 11.31 15.33
N LEU A 129 22.73 11.48 15.47
CA LEU A 129 23.60 10.44 15.97
C LEU A 129 23.67 10.52 17.49
N ILE A 130 23.99 9.39 18.13
CA ILE A 130 24.09 9.34 19.58
C ILE A 130 24.93 8.15 19.97
N VAL A 131 25.69 8.31 21.06
CA VAL A 131 26.48 7.24 21.65
C VAL A 131 26.32 7.33 23.16
N ARG A 132 26.21 6.18 23.82
CA ARG A 132 26.01 6.11 25.25
C ARG A 132 27.32 5.71 25.92
N SER A 133 27.72 6.49 26.92
CA SER A 133 28.99 6.22 27.60
C SER A 133 28.91 4.95 28.41
N VAL A 134 30.02 4.22 28.46
CA VAL A 134 30.11 3.01 29.27
C VAL A 134 30.56 3.40 30.67
N ASP A 135 30.52 2.44 31.60
CA ASP A 135 30.95 2.72 32.97
C ASP A 135 32.46 2.88 33.08
N THR A 136 33.20 2.34 32.10
CA THR A 136 34.66 2.44 32.15
C THR A 136 35.16 3.79 31.66
N ARG A 137 34.43 4.43 30.76
CA ARG A 137 34.91 5.67 30.15
C ARG A 137 33.73 6.37 29.48
N ASN A 138 33.78 7.70 29.47
CA ASN A 138 32.79 8.49 28.76
C ASN A 138 33.19 8.63 27.30
N ILE A 139 32.21 8.49 26.41
CA ILE A 139 32.42 8.57 24.97
C ILE A 139 31.69 9.81 24.45
N VAL A 140 32.38 10.56 23.59
CA VAL A 140 31.87 11.81 23.05
C VAL A 140 31.99 11.79 21.53
N LEU A 141 31.02 12.38 20.85
CA LEU A 141 31.01 12.43 19.40
C LEU A 141 31.56 13.77 18.91
N ALA A 142 32.24 13.70 17.76
CA ALA A 142 32.80 14.89 17.11
C ALA A 142 32.50 14.81 15.62
N VAL A 143 32.84 15.86 14.90
CA VAL A 143 32.55 15.98 13.47
C VAL A 143 33.86 16.19 12.73
N ASP A 144 34.12 15.31 11.76
CA ASP A 144 35.28 15.42 10.87
C ASP A 144 34.78 16.02 9.55
N LEU A 145 34.99 17.33 9.39
CA LEU A 145 34.47 18.01 8.20
C LEU A 145 34.99 17.38 6.91
N GLU A 146 36.16 16.75 6.96
CA GLU A 146 36.67 16.05 5.78
C GLU A 146 35.80 14.89 5.36
N LYS A 147 35.01 14.32 6.28
CA LYS A 147 34.21 13.14 6.02
C LYS A 147 32.72 13.45 5.91
N VAL A 148 32.36 14.72 5.74
CA VAL A 148 30.98 15.15 5.62
C VAL A 148 30.74 15.71 4.22
N GLY A 149 29.58 15.40 3.66
CA GLY A 149 29.24 15.88 2.34
C GLY A 149 28.10 15.05 1.76
N LYS A 150 27.89 15.25 0.46
CA LYS A 150 26.84 14.52 -0.25
C LYS A 150 27.20 14.47 -1.72
N ASN A 151 26.82 13.38 -2.37
CA ASN A 151 27.11 13.22 -3.79
C ASN A 151 26.37 14.28 -4.60
N ASP A 152 26.91 14.58 -5.77
CA ASP A 152 26.30 15.59 -6.63
C ASP A 152 24.98 15.11 -7.21
N ASP A 153 24.84 13.80 -7.46
CA ASP A 153 23.64 13.23 -8.06
C ASP A 153 22.58 12.87 -7.03
N VAL A 154 22.58 13.51 -5.87
CA VAL A 154 21.53 13.31 -4.88
C VAL A 154 20.36 14.20 -5.24
N PHE A 155 19.17 13.62 -5.34
CA PHE A 155 18.00 14.36 -5.83
C PHE A 155 16.76 14.00 -5.03
N LEU A 156 15.94 15.00 -4.74
CA LEU A 156 14.62 14.85 -4.15
C LEU A 156 13.61 15.31 -5.19
N THR A 157 12.93 14.33 -5.80
CA THR A 157 12.11 14.57 -7.00
C THR A 157 11.23 15.81 -6.93
N GLY A 158 10.91 16.30 -5.74
CA GLY A 158 10.05 17.46 -5.63
C GLY A 158 10.67 18.63 -4.91
N TRP A 159 11.97 18.53 -4.63
CA TRP A 159 12.65 19.51 -3.79
C TRP A 159 13.96 19.96 -4.42
N ASP A 160 14.41 21.12 -3.96
CA ASP A 160 15.75 21.64 -4.23
C ASP A 160 16.58 21.45 -2.97
N ILE A 161 17.71 20.77 -3.10
CA ILE A 161 18.57 20.48 -1.96
C ILE A 161 19.56 21.64 -1.80
N GLU A 162 19.49 22.30 -0.64
CA GLU A 162 20.27 23.51 -0.38
C GLU A 162 21.67 23.17 0.12
N SER A 163 21.77 22.39 1.19
CA SER A 163 23.04 22.08 1.81
C SER A 163 22.86 20.91 2.76
N PHE A 164 23.99 20.27 3.11
CA PHE A 164 24.03 19.20 4.09
C PHE A 164 25.22 19.47 5.00
N THR A 165 24.95 19.88 6.24
CA THR A 165 25.98 20.23 7.21
C THR A 165 25.70 19.52 8.52
N ALA A 166 26.57 19.74 9.50
CA ALA A 166 26.42 19.15 10.82
C ALA A 166 26.82 20.15 11.90
N VAL A 167 26.09 20.14 13.01
CA VAL A 167 26.40 20.99 14.16
C VAL A 167 27.57 20.38 14.92
N VAL A 168 28.68 21.11 14.98
CA VAL A 168 29.91 20.56 15.54
C VAL A 168 29.76 20.27 17.03
N LYS A 169 29.25 21.22 17.78
CA LYS A 169 29.14 21.05 19.23
C LYS A 169 28.05 20.05 19.56
N PRO A 170 28.38 18.88 20.12
CA PRO A 170 27.35 17.89 20.43
C PRO A 170 26.59 18.20 21.71
N ALA A 171 25.42 17.57 21.82
CA ALA A 171 24.54 17.71 22.99
C ALA A 171 24.75 16.51 23.89
N ASN A 172 25.45 16.71 25.00
CA ASN A 172 25.68 15.69 26.00
C ASN A 172 24.72 15.89 27.17
N PHE A 173 24.16 14.79 27.66
CA PHE A 173 23.12 14.89 28.67
C PHE A 173 23.02 13.58 29.42
N ALA A 174 22.34 13.61 30.56
CA ALA A 174 22.15 12.43 31.39
C ALA A 174 20.88 11.69 30.96
N LEU A 175 20.99 10.37 30.86
CA LEU A 175 19.86 9.52 30.49
C LEU A 175 20.02 8.20 31.23
N GLU A 176 19.05 7.88 32.08
CA GLU A 176 19.03 6.63 32.84
C GLU A 176 20.38 6.35 33.49
N ASP A 177 20.94 7.38 34.12
CA ASP A 177 22.16 7.28 34.91
C ASP A 177 23.40 7.06 34.04
N ARG A 178 23.36 7.40 32.76
CA ARG A 178 24.53 7.31 31.91
C ARG A 178 24.60 8.52 30.99
N LEU A 179 25.82 8.87 30.58
CA LEU A 179 26.03 10.02 29.72
C LEU A 179 25.75 9.66 28.27
N GLU A 180 25.05 10.55 27.58
CA GLU A 180 24.71 10.37 26.17
C GLU A 180 25.22 11.57 25.37
N SER A 181 25.77 11.29 24.18
CA SER A 181 26.29 12.31 23.29
C SER A 181 25.54 12.26 21.96
N LYS A 182 24.98 13.40 21.55
CA LYS A 182 24.12 13.48 20.37
C LYS A 182 24.67 14.48 19.37
N LEU A 183 24.73 14.08 18.11
CA LEU A 183 25.11 14.95 17.01
C LEU A 183 23.92 15.22 16.09
N ASP A 184 23.91 16.41 15.48
CA ASP A 184 22.79 16.90 14.68
C ASP A 184 23.26 17.18 13.26
N TYR A 185 22.95 16.28 12.33
CA TYR A 185 23.15 16.53 10.90
C TYR A 185 21.89 17.15 10.30
N GLN A 186 22.08 18.17 9.46
CA GLN A 186 20.97 18.96 8.94
C GLN A 186 21.03 19.00 7.41
N LEU A 187 19.96 18.55 6.77
CA LEU A 187 19.78 18.62 5.32
C LEU A 187 18.69 19.63 5.03
N ARG A 188 19.08 20.78 4.48
CA ARG A 188 18.13 21.84 4.17
C ARG A 188 17.61 21.67 2.74
N ILE A 189 16.30 21.87 2.57
CA ILE A 189 15.64 21.72 1.28
C ILE A 189 14.57 22.81 1.14
N SER A 190 14.19 23.07 -0.10
CA SER A 190 13.10 23.99 -0.41
C SER A 190 12.21 23.35 -1.46
N ARG A 191 10.90 23.34 -1.21
CA ARG A 191 9.98 22.62 -2.08
C ARG A 191 9.81 23.34 -3.42
N GLN A 192 9.61 22.53 -4.46
CA GLN A 192 9.32 23.04 -5.80
C GLN A 192 7.80 23.13 -5.95
N TYR A 193 7.27 24.35 -5.94
CA TYR A 193 5.83 24.56 -5.86
C TYR A 193 5.11 24.46 -7.20
N GLY A 194 5.86 24.45 -8.32
CA GLY A 194 5.21 24.47 -9.63
C GLY A 194 4.15 23.40 -9.79
N TYR A 195 4.45 22.18 -9.33
CA TYR A 195 3.51 21.07 -9.47
C TYR A 195 2.13 21.44 -8.95
N PHE A 196 2.07 22.19 -7.85
CA PHE A 196 0.78 22.51 -7.26
C PHE A 196 0.06 23.63 -8.02
N VAL A 197 0.81 24.53 -8.66
CA VAL A 197 0.18 25.62 -9.40
C VAL A 197 -0.77 25.06 -10.44
N ILE A 198 -0.38 23.99 -11.13
CA ILE A 198 -1.25 23.34 -12.10
C ILE A 198 -2.06 22.20 -11.49
N GLN A 199 -1.77 21.82 -10.24
CA GLN A 199 -2.53 20.75 -9.58
C GLN A 199 -3.72 21.29 -8.80
N THR A 200 -3.62 22.50 -8.26
CA THR A 200 -4.65 23.02 -7.37
C THR A 200 -4.94 24.50 -7.65
N TYR A 201 -3.89 25.31 -7.76
CA TYR A 201 -4.07 26.75 -7.90
C TYR A 201 -4.83 27.09 -9.17
N LEU A 202 -4.48 26.46 -10.30
CA LEU A 202 -5.21 26.71 -11.53
C LEU A 202 -6.66 26.27 -11.43
N PRO A 203 -6.98 25.05 -10.97
CA PRO A 203 -8.40 24.70 -10.81
C PRO A 203 -9.18 25.71 -9.97
N CYS A 204 -8.56 26.25 -8.92
CA CYS A 204 -9.25 27.22 -8.07
C CYS A 204 -9.47 28.53 -8.81
N ILE A 205 -8.43 29.05 -9.46
CA ILE A 205 -8.56 30.31 -10.18
C ILE A 205 -9.62 30.19 -11.28
N MET A 206 -9.53 29.11 -12.07
CA MET A 206 -10.50 28.90 -13.14
C MET A 206 -11.91 28.68 -12.60
N THR A 207 -12.03 28.13 -11.39
CA THR A 207 -13.36 27.96 -10.80
C THR A 207 -13.92 29.31 -10.36
N VAL A 208 -13.08 30.20 -9.85
CA VAL A 208 -13.55 31.55 -9.51
C VAL A 208 -13.98 32.30 -10.76
N ILE A 209 -13.16 32.25 -11.81
CA ILE A 209 -13.53 32.90 -13.06
C ILE A 209 -14.84 32.33 -13.58
N LEU A 210 -14.94 31.00 -13.63
CA LEU A 210 -16.17 30.36 -14.09
C LEU A 210 -17.36 30.81 -13.27
N SER A 211 -17.19 30.99 -11.97
CA SER A 211 -18.29 31.48 -11.15
C SER A 211 -18.67 32.90 -11.52
N GLN A 212 -17.68 33.73 -11.87
CA GLN A 212 -17.98 35.10 -12.25
C GLN A 212 -18.64 35.20 -13.62
N VAL A 213 -18.40 34.22 -14.50
CA VAL A 213 -19.05 34.24 -15.82
C VAL A 213 -20.57 34.32 -15.70
N SER A 214 -21.13 33.89 -14.55
CA SER A 214 -22.58 33.89 -14.39
C SER A 214 -23.16 35.29 -14.37
N PHE A 215 -22.38 36.29 -13.93
CA PHE A 215 -22.89 37.65 -13.83
C PHE A 215 -23.25 38.24 -15.19
N TRP A 216 -22.72 37.71 -16.27
CA TRP A 216 -23.00 38.21 -17.61
C TRP A 216 -24.18 37.51 -18.28
N LEU A 217 -24.75 36.51 -17.62
CA LEU A 217 -25.95 35.87 -18.13
C LEU A 217 -27.18 36.69 -17.76
N ASN A 218 -28.20 36.59 -18.61
CA ASN A 218 -29.44 37.33 -18.37
C ASN A 218 -30.00 37.00 -17.00
N ARG A 219 -30.50 38.02 -16.31
CA ARG A 219 -31.05 37.82 -14.98
C ARG A 219 -32.31 36.97 -15.00
N GLU A 220 -32.98 36.85 -16.16
CA GLU A 220 -34.21 36.08 -16.25
C GLU A 220 -33.94 34.58 -16.36
N SER A 221 -32.81 34.20 -16.94
CA SER A 221 -32.45 32.78 -17.08
C SER A 221 -31.84 32.30 -15.77
N VAL A 222 -32.72 32.00 -14.82
CA VAL A 222 -32.32 31.60 -13.47
C VAL A 222 -31.58 30.27 -13.48
N PRO A 223 -32.16 29.21 -14.06
CA PRO A 223 -31.49 27.90 -14.00
C PRO A 223 -30.04 27.92 -14.44
N ALA A 224 -29.70 28.67 -15.49
CA ALA A 224 -28.31 28.77 -15.93
C ALA A 224 -27.41 29.26 -14.81
N ARG A 225 -27.72 30.44 -14.27
CA ARG A 225 -26.91 31.00 -13.20
C ARG A 225 -26.87 30.08 -11.99
N THR A 226 -27.98 29.38 -11.71
CA THR A 226 -27.98 28.39 -10.64
C THR A 226 -26.94 27.31 -10.88
N VAL A 227 -26.94 26.74 -12.09
CA VAL A 227 -25.94 25.72 -12.42
C VAL A 227 -24.53 26.26 -12.20
N PHE A 228 -24.26 27.45 -12.75
CA PHE A 228 -22.93 28.05 -12.59
C PHE A 228 -22.54 28.13 -11.11
N VAL A 229 -23.37 28.81 -10.31
CA VAL A 229 -23.04 29.06 -8.91
C VAL A 229 -22.83 27.76 -8.16
N VAL A 230 -23.81 26.85 -8.24
CA VAL A 230 -23.75 25.61 -7.46
C VAL A 230 -22.52 24.81 -7.84
N THR A 231 -22.30 24.62 -9.14
CA THR A 231 -21.16 23.79 -9.56
C THR A 231 -19.84 24.42 -9.11
N THR A 232 -19.74 25.75 -9.14
CA THR A 232 -18.49 26.37 -8.70
C THR A 232 -18.28 26.21 -7.20
N VAL A 233 -19.35 26.31 -6.40
CA VAL A 233 -19.21 26.14 -4.96
C VAL A 233 -18.80 24.70 -4.62
N LEU A 234 -19.51 23.72 -5.19
CA LEU A 234 -19.16 22.33 -4.94
C LEU A 234 -17.75 22.02 -5.41
N THR A 235 -17.36 22.54 -6.58
CA THR A 235 -16.00 22.35 -7.06
C THR A 235 -14.99 22.92 -6.08
N MET A 236 -15.28 24.10 -5.53
CA MET A 236 -14.38 24.69 -4.53
C MET A 236 -14.24 23.78 -3.32
N THR A 237 -15.36 23.28 -2.78
CA THR A 237 -15.28 22.41 -1.61
C THR A 237 -14.46 21.17 -1.91
N THR A 238 -14.71 20.54 -3.07
CA THR A 238 -13.97 19.34 -3.44
C THR A 238 -12.48 19.62 -3.57
N LEU A 239 -12.11 20.73 -4.21
CA LEU A 239 -10.70 21.06 -4.33
C LEU A 239 -10.07 21.30 -2.97
N SER A 240 -10.81 21.91 -2.05
CA SER A 240 -10.31 22.11 -0.69
C SER A 240 -10.00 20.78 -0.02
N ILE A 241 -11.00 19.90 0.06
CA ILE A 241 -10.81 18.61 0.72
C ILE A 241 -9.68 17.83 0.06
N SER A 242 -9.76 17.68 -1.27
CA SER A 242 -8.73 16.98 -2.02
C SER A 242 -7.34 17.53 -1.74
N ALA A 243 -7.23 18.87 -1.66
CA ALA A 243 -5.93 19.48 -1.41
C ALA A 243 -5.43 19.15 -0.01
N ARG A 244 -6.29 19.25 1.00
CA ARG A 244 -5.86 18.92 2.35
C ARG A 244 -5.57 17.43 2.53
N ASN A 245 -5.99 16.58 1.59
CA ASN A 245 -5.73 15.15 1.72
C ASN A 245 -4.27 14.77 1.49
N SER A 246 -3.44 15.70 1.02
CA SER A 246 -2.03 15.40 0.76
C SER A 246 -1.13 15.59 1.97
N LEU A 247 -1.59 16.27 3.01
CA LEU A 247 -0.77 16.61 4.16
C LEU A 247 -1.12 15.75 5.36
N PRO A 248 -0.25 15.71 6.37
CA PRO A 248 -0.60 15.04 7.63
C PRO A 248 -1.65 15.85 8.38
N LYS A 249 -2.27 15.20 9.36
CA LYS A 249 -3.34 15.82 10.12
C LYS A 249 -2.78 16.96 10.97
N VAL A 250 -2.20 17.96 10.31
CA VAL A 250 -1.67 19.12 11.04
C VAL A 250 -2.82 19.99 11.53
N ALA A 251 -2.60 20.64 12.67
CA ALA A 251 -3.66 21.45 13.28
C ALA A 251 -3.77 22.83 12.66
N TYR A 252 -2.68 23.36 12.11
CA TYR A 252 -2.65 24.71 11.60
C TYR A 252 -3.14 24.73 10.15
N ALA A 253 -2.99 25.88 9.49
CA ALA A 253 -3.42 26.06 8.11
C ALA A 253 -2.24 26.49 7.25
N THR A 254 -2.17 25.97 6.03
CA THR A 254 -1.09 26.27 5.11
C THR A 254 -1.43 27.49 4.25
N ALA A 255 -0.44 27.92 3.46
CA ALA A 255 -0.68 29.00 2.52
C ALA A 255 -1.72 28.59 1.48
N MET A 256 -1.61 27.36 0.97
CA MET A 256 -2.63 26.84 0.07
C MET A 256 -4.00 26.87 0.73
N ASP A 257 -4.05 26.59 2.03
CA ASP A 257 -5.32 26.70 2.75
C ASP A 257 -5.89 28.11 2.65
N TRP A 258 -5.03 29.12 2.77
CA TRP A 258 -5.49 30.50 2.67
C TRP A 258 -5.98 30.82 1.26
N PHE A 259 -5.22 30.41 0.24
CA PHE A 259 -5.64 30.68 -1.13
C PHE A 259 -6.99 30.03 -1.41
N ILE A 260 -7.13 28.75 -1.08
CA ILE A 260 -8.40 28.05 -1.28
C ILE A 260 -9.51 28.72 -0.48
N ALA A 261 -9.19 29.21 0.71
CA ALA A 261 -10.21 29.85 1.55
C ALA A 261 -10.71 31.13 0.90
N VAL A 262 -9.81 31.98 0.40
CA VAL A 262 -10.23 33.20 -0.26
C VAL A 262 -11.03 32.89 -1.53
N CYS A 263 -10.57 31.90 -2.30
CA CYS A 263 -11.33 31.50 -3.48
C CYS A 263 -12.74 31.07 -3.09
N TYR A 264 -12.88 30.26 -2.04
CA TYR A 264 -14.21 29.87 -1.58
C TYR A 264 -15.03 31.08 -1.15
N ALA A 265 -14.36 32.07 -0.56
CA ALA A 265 -15.07 33.30 -0.19
C ALA A 265 -15.62 34.01 -1.43
N PHE A 266 -14.82 34.09 -2.49
CA PHE A 266 -15.30 34.72 -3.72
C PHE A 266 -16.45 33.95 -4.34
N VAL A 267 -16.34 32.62 -4.38
CA VAL A 267 -17.37 31.81 -5.02
C VAL A 267 -18.69 31.90 -4.25
N PHE A 268 -18.62 31.69 -2.93
CA PHE A 268 -19.84 31.79 -2.13
C PHE A 268 -20.40 33.21 -2.15
N SER A 269 -19.53 34.21 -2.25
CA SER A 269 -19.99 35.58 -2.43
C SER A 269 -20.77 35.72 -3.72
N ALA A 270 -20.30 35.08 -4.79
CA ALA A 270 -21.07 35.06 -6.04
C ALA A 270 -22.42 34.37 -5.84
N LEU A 271 -22.47 33.34 -5.00
CA LEU A 271 -23.74 32.69 -4.70
C LEU A 271 -24.70 33.67 -4.02
N ILE A 272 -24.22 34.33 -2.96
CA ILE A 272 -25.06 35.31 -2.26
C ILE A 272 -25.50 36.40 -3.21
N GLU A 273 -24.64 36.79 -4.14
CA GLU A 273 -25.01 37.81 -5.12
C GLU A 273 -26.14 37.32 -6.01
N PHE A 274 -26.02 36.09 -6.54
CA PHE A 274 -27.09 35.54 -7.37
C PHE A 274 -28.40 35.49 -6.60
N ALA A 275 -28.37 35.08 -5.33
CA ALA A 275 -29.59 35.04 -4.54
C ALA A 275 -30.18 36.44 -4.38
N THR A 276 -29.34 37.43 -4.08
CA THR A 276 -29.82 38.79 -3.92
C THR A 276 -30.47 39.32 -5.20
N VAL A 277 -29.75 39.20 -6.33
CA VAL A 277 -30.28 39.68 -7.60
C VAL A 277 -31.59 38.98 -7.94
N ASN A 278 -31.62 37.66 -7.79
CA ASN A 278 -32.86 36.92 -8.05
C ASN A 278 -33.98 37.39 -7.14
N TYR A 279 -33.65 37.87 -5.94
CA TYR A 279 -34.68 38.36 -5.02
C TYR A 279 -35.19 39.75 -5.42
N PHE A 280 -34.37 40.55 -6.11
CA PHE A 280 -34.74 41.90 -6.51
C PHE A 280 -35.02 42.02 -8.01
N THR A 281 -35.25 40.90 -8.69
CA THR A 281 -35.41 40.95 -10.14
C THR A 281 -36.79 41.46 -10.55
N LYS A 282 -37.85 40.90 -9.95
CA LYS A 282 -39.20 41.32 -10.30
C LYS A 282 -39.47 42.72 -9.79
N SER A 283 -39.31 42.94 -8.48
CA SER A 283 -39.47 44.25 -7.88
C SER A 283 -38.11 44.94 -7.80
N GLN A 284 -38.04 46.17 -8.32
CA GLN A 284 -36.81 46.96 -8.32
C GLN A 284 -35.80 46.39 -9.31
N PRO A 285 -36.18 46.20 -10.58
CA PRO A 285 -35.20 45.67 -11.55
C PRO A 285 -33.98 46.56 -11.70
N ALA A 286 -34.11 47.86 -11.46
CA ALA A 286 -32.95 48.75 -11.54
C ALA A 286 -31.90 48.36 -10.49
N ARG A 287 -32.35 47.97 -9.30
CA ARG A 287 -31.41 47.57 -8.26
C ARG A 287 -30.61 46.34 -8.69
N ALA A 288 -31.31 45.29 -9.15
CA ALA A 288 -30.61 44.11 -9.63
C ALA A 288 -29.64 44.45 -10.74
N ALA A 289 -30.09 45.27 -11.71
CA ALA A 289 -29.19 45.68 -12.79
C ALA A 289 -27.94 46.35 -12.24
N LYS A 290 -28.10 47.18 -11.22
CA LYS A 290 -26.94 47.82 -10.60
C LYS A 290 -26.04 46.79 -9.92
N ILE A 291 -26.65 45.79 -9.27
CA ILE A 291 -25.87 44.77 -8.57
C ILE A 291 -24.98 44.01 -9.55
N ASP A 292 -25.57 43.51 -10.63
CA ASP A 292 -24.77 42.80 -11.64
C ASP A 292 -23.73 43.73 -12.25
N ARG A 293 -24.16 44.94 -12.64
CA ARG A 293 -23.25 45.89 -13.28
C ARG A 293 -22.02 46.14 -12.42
N LEU A 294 -22.22 46.34 -11.11
CA LEU A 294 -21.09 46.60 -10.22
C LEU A 294 -20.26 45.34 -9.99
N SER A 295 -20.92 44.19 -9.79
CA SER A 295 -20.19 42.96 -9.51
C SER A 295 -19.24 42.61 -10.66
N ARG A 296 -19.71 42.76 -11.90
CA ARG A 296 -18.89 42.43 -13.06
C ARG A 296 -17.56 43.16 -13.07
N ILE A 297 -17.43 44.26 -12.33
CA ILE A 297 -16.19 45.02 -12.26
C ILE A 297 -15.48 44.81 -10.93
N ALA A 298 -16.23 44.67 -9.84
CA ALA A 298 -15.62 44.56 -8.52
C ALA A 298 -15.02 43.17 -8.29
N PHE A 299 -15.76 42.12 -8.62
CA PHE A 299 -15.26 40.76 -8.34
C PHE A 299 -13.90 40.51 -8.97
N PRO A 300 -13.74 40.56 -10.29
CA PRO A 300 -12.42 40.29 -10.88
C PRO A 300 -11.34 41.27 -10.43
N LEU A 301 -11.72 42.49 -10.02
CA LEU A 301 -10.73 43.45 -9.56
C LEU A 301 -10.19 43.06 -8.19
N LEU A 302 -11.09 42.81 -7.23
CA LEU A 302 -10.66 42.34 -5.92
C LEU A 302 -9.88 41.03 -6.04
N PHE A 303 -10.30 40.15 -6.95
CA PHE A 303 -9.58 38.90 -7.15
C PHE A 303 -8.18 39.14 -7.69
N GLY A 304 -8.05 40.03 -8.68
CA GLY A 304 -6.73 40.36 -9.20
C GLY A 304 -5.82 40.96 -8.14
N ILE A 305 -6.35 41.90 -7.34
CA ILE A 305 -5.57 42.47 -6.25
C ILE A 305 -5.14 41.38 -5.28
N PHE A 306 -6.06 40.48 -4.94
CA PHE A 306 -5.72 39.39 -4.02
C PHE A 306 -4.59 38.55 -4.57
N ASN A 307 -4.71 38.09 -5.81
CA ASN A 307 -3.62 37.31 -6.41
C ASN A 307 -2.30 38.09 -6.41
N LEU A 308 -2.38 39.41 -6.66
CA LEU A 308 -1.16 40.22 -6.65
C LEU A 308 -0.49 40.17 -5.28
N VAL A 309 -1.26 40.42 -4.22
CA VAL A 309 -0.68 40.43 -2.88
C VAL A 309 -0.19 39.05 -2.49
N TYR A 310 -0.95 38.01 -2.84
CA TYR A 310 -0.61 36.64 -2.46
C TYR A 310 0.67 36.19 -3.15
N TRP A 311 0.66 36.13 -4.48
CA TRP A 311 1.84 35.66 -5.21
C TRP A 311 3.03 36.58 -4.98
N ALA A 312 2.79 37.88 -4.81
CA ALA A 312 3.89 38.78 -4.48
C ALA A 312 4.47 38.45 -3.11
N THR A 313 3.61 38.04 -2.18
CA THR A 313 4.06 37.75 -0.82
C THR A 313 4.85 36.44 -0.75
N TYR A 314 4.28 35.36 -1.29
CA TYR A 314 4.86 34.03 -1.14
C TYR A 314 5.93 33.72 -2.18
N LEU A 315 6.35 34.70 -2.98
CA LEU A 315 7.43 34.49 -3.93
C LEU A 315 8.53 35.53 -3.76
N VAL B 4 41.18 -12.40 4.99
CA VAL B 4 42.08 -12.40 3.85
C VAL B 4 42.24 -10.98 3.31
N SER B 5 43.17 -10.77 2.39
CA SER B 5 43.47 -9.44 1.89
C SER B 5 43.71 -9.47 0.39
N PRO B 6 43.76 -8.33 -0.28
CA PRO B 6 43.76 -8.33 -1.74
C PRO B 6 45.06 -8.89 -2.29
N PRO B 7 45.05 -9.43 -3.50
CA PRO B 7 46.27 -10.01 -4.05
C PRO B 7 47.33 -8.96 -4.24
N PRO B 8 48.61 -9.32 -4.10
CA PRO B 8 49.68 -8.34 -4.21
C PRO B 8 49.88 -7.93 -5.65
N PRO B 9 50.25 -6.68 -5.90
CA PRO B 9 50.52 -6.26 -7.28
C PRO B 9 51.86 -6.80 -7.78
N ILE B 10 51.86 -7.29 -9.02
CA ILE B 10 53.09 -7.78 -9.63
C ILE B 10 54.12 -6.69 -9.83
N ALA B 11 53.74 -5.43 -9.56
CA ALA B 11 54.64 -4.29 -9.66
C ALA B 11 54.06 -3.11 -8.87
N ASP B 12 53.39 -2.21 -9.57
CA ASP B 12 52.64 -1.13 -8.94
C ASP B 12 51.43 -0.80 -9.81
N GLU B 13 50.65 -1.82 -10.15
CA GLU B 13 49.59 -1.66 -11.13
C GLU B 13 48.22 -1.84 -10.47
N PRO B 14 47.19 -1.14 -10.97
CA PRO B 14 45.86 -1.29 -10.39
C PRO B 14 45.26 -2.64 -10.76
N LEU B 15 44.43 -3.15 -9.84
CA LEU B 15 43.72 -4.40 -10.07
C LEU B 15 42.37 -4.10 -10.71
N THR B 16 42.17 -4.56 -11.94
CA THR B 16 40.93 -4.35 -12.65
C THR B 16 40.02 -5.57 -12.52
N VAL B 17 38.74 -5.31 -12.29
CA VAL B 17 37.73 -6.35 -12.13
C VAL B 17 36.82 -6.26 -13.34
N ASN B 18 36.83 -7.30 -14.18
CA ASN B 18 35.99 -7.35 -15.36
C ASN B 18 34.56 -7.70 -14.94
N THR B 19 33.63 -6.77 -15.16
CA THR B 19 32.26 -6.93 -14.71
C THR B 19 31.33 -7.18 -15.88
N GLY B 20 30.18 -7.76 -15.57
CA GLY B 20 29.15 -7.99 -16.57
C GLY B 20 27.83 -8.30 -15.90
N ILE B 21 26.74 -7.75 -16.44
CA ILE B 21 25.40 -7.95 -15.89
C ILE B 21 24.53 -8.55 -16.97
N TYR B 22 23.78 -9.60 -16.63
CA TYR B 22 22.87 -10.26 -17.56
C TYR B 22 21.48 -10.22 -16.97
N LEU B 23 20.65 -9.32 -17.51
CA LEU B 23 19.29 -9.16 -17.00
C LEU B 23 18.49 -10.43 -17.21
N ILE B 24 17.97 -10.99 -16.12
CA ILE B 24 17.10 -12.15 -16.16
C ILE B 24 15.64 -11.75 -16.09
N GLU B 25 15.31 -10.84 -15.17
CA GLU B 25 13.95 -10.39 -14.95
C GLU B 25 13.97 -8.88 -14.73
N CYS B 26 12.98 -8.19 -15.29
CA CYS B 26 12.87 -6.74 -15.19
C CYS B 26 11.40 -6.39 -14.99
N TYR B 27 11.09 -5.75 -13.86
CA TYR B 27 9.70 -5.56 -13.47
C TYR B 27 9.60 -4.34 -12.55
N SER B 28 8.35 -3.94 -12.30
CA SER B 28 8.03 -2.88 -11.35
C SER B 28 8.74 -1.57 -11.68
N LEU B 29 8.51 -1.09 -12.90
CA LEU B 29 8.95 0.26 -13.27
C LEU B 29 7.91 1.26 -12.78
N ASP B 30 8.25 1.99 -11.71
CA ASP B 30 7.35 2.91 -11.05
C ASP B 30 7.64 4.33 -11.53
N ASP B 31 6.70 4.91 -12.28
CA ASP B 31 6.87 6.29 -12.74
C ASP B 31 6.84 7.26 -11.57
N LYS B 32 5.96 7.03 -10.59
CA LYS B 32 5.83 7.95 -9.47
C LYS B 32 7.04 7.86 -8.53
N ALA B 33 7.49 6.64 -8.23
CA ALA B 33 8.65 6.45 -7.37
C ALA B 33 9.98 6.56 -8.10
N GLU B 34 9.96 6.57 -9.44
CA GLU B 34 11.19 6.61 -10.23
C GLU B 34 12.15 5.52 -9.81
N THR B 35 11.62 4.30 -9.69
CA THR B 35 12.40 3.12 -9.33
C THR B 35 11.91 1.95 -10.17
N PHE B 36 12.77 0.95 -10.33
CA PHE B 36 12.39 -0.28 -11.00
C PHE B 36 13.18 -1.43 -10.39
N LYS B 37 12.58 -2.62 -10.39
CA LYS B 37 13.19 -3.80 -9.80
C LYS B 37 13.84 -4.67 -10.87
N VAL B 38 15.06 -5.13 -10.58
CA VAL B 38 15.85 -5.92 -11.51
C VAL B 38 16.34 -7.20 -10.83
N ASN B 39 16.47 -8.25 -11.62
CA ASN B 39 16.99 -9.54 -11.16
C ASN B 39 17.88 -10.10 -12.25
N ALA B 40 19.19 -10.15 -12.01
CA ALA B 40 20.12 -10.46 -13.09
C ALA B 40 21.37 -11.15 -12.54
N PHE B 41 22.23 -11.58 -13.47
CA PHE B 41 23.53 -12.15 -13.16
C PHE B 41 24.57 -11.05 -13.04
N LEU B 42 25.43 -11.17 -12.03
CA LEU B 42 26.62 -10.33 -11.88
C LEU B 42 27.84 -11.22 -11.99
N SER B 43 28.72 -10.89 -12.94
CA SER B 43 29.94 -11.66 -13.18
C SER B 43 31.15 -10.76 -13.02
N LEU B 44 32.09 -11.18 -12.19
CA LEU B 44 33.33 -10.47 -11.96
C LEU B 44 34.49 -11.39 -12.32
N SER B 45 35.64 -10.79 -12.63
CA SER B 45 36.81 -11.57 -13.04
C SER B 45 38.06 -10.76 -12.77
N TRP B 46 38.98 -11.31 -11.98
CA TRP B 46 40.22 -10.61 -11.66
C TRP B 46 41.35 -11.65 -11.63
N LYS B 47 42.54 -11.21 -11.22
CA LYS B 47 43.71 -12.07 -11.17
C LYS B 47 44.30 -12.07 -9.77
N ASP B 48 44.27 -13.23 -9.12
CA ASP B 48 44.89 -13.43 -7.80
C ASP B 48 45.95 -14.52 -7.97
N ARG B 49 47.19 -14.10 -8.23
CA ARG B 49 48.25 -15.05 -8.51
C ARG B 49 48.49 -16.00 -7.34
N ARG B 50 48.13 -15.60 -6.12
CA ARG B 50 48.26 -16.50 -4.98
C ARG B 50 47.47 -17.79 -5.18
N LEU B 51 46.45 -17.77 -6.03
CA LEU B 51 45.60 -18.91 -6.28
C LEU B 51 46.03 -19.71 -7.50
N ALA B 52 47.04 -19.24 -8.22
CA ALA B 52 47.54 -19.96 -9.38
C ALA B 52 48.03 -21.35 -8.96
N PHE B 53 48.12 -22.24 -9.94
CA PHE B 53 48.56 -23.60 -9.69
C PHE B 53 49.02 -24.21 -11.01
N ASP B 54 49.75 -25.31 -10.91
CA ASP B 54 50.27 -25.99 -12.08
C ASP B 54 49.16 -26.82 -12.73
N PRO B 55 48.82 -26.57 -13.99
CA PRO B 55 47.75 -27.36 -14.62
C PRO B 55 48.14 -28.80 -14.91
N VAL B 56 49.44 -29.11 -14.87
CA VAL B 56 49.90 -30.48 -15.14
C VAL B 56 50.01 -31.29 -13.86
N ARG B 57 50.75 -30.77 -12.87
CA ARG B 57 50.84 -31.44 -11.59
C ARG B 57 49.46 -31.60 -10.94
N SER B 58 48.68 -30.52 -10.94
CA SER B 58 47.30 -30.60 -10.49
C SER B 58 46.43 -31.13 -11.62
N GLY B 59 45.85 -32.30 -11.42
CA GLY B 59 45.06 -32.95 -12.46
C GLY B 59 43.75 -32.27 -12.75
N VAL B 60 43.53 -31.11 -12.15
CA VAL B 60 42.28 -30.37 -12.32
C VAL B 60 42.51 -29.22 -13.28
N ARG B 61 41.46 -28.88 -14.03
CA ARG B 61 41.52 -27.81 -15.02
C ARG B 61 41.00 -26.47 -14.52
N VAL B 62 40.27 -26.45 -13.40
CA VAL B 62 39.66 -25.21 -12.95
C VAL B 62 39.91 -24.98 -11.46
N LYS B 63 39.33 -25.84 -10.61
CA LYS B 63 39.43 -25.68 -9.16
C LYS B 63 38.51 -24.57 -8.68
N THR B 64 37.56 -24.92 -7.82
CA THR B 64 36.54 -23.99 -7.35
C THR B 64 36.74 -23.72 -5.86
N TYR B 65 36.49 -22.47 -5.46
CA TYR B 65 36.59 -22.07 -4.06
C TYR B 65 35.24 -21.60 -3.55
N GLU B 66 35.16 -21.43 -2.24
CA GLU B 66 34.03 -20.85 -1.56
C GLU B 66 34.31 -19.40 -1.23
N PRO B 67 33.28 -18.54 -1.19
CA PRO B 67 33.52 -17.12 -0.95
C PRO B 67 34.37 -16.85 0.29
N GLU B 68 34.24 -17.67 1.34
CA GLU B 68 35.04 -17.46 2.54
C GLU B 68 36.49 -17.87 2.35
N ALA B 69 36.81 -18.62 1.29
CA ALA B 69 38.15 -19.18 1.15
C ALA B 69 39.12 -18.19 0.55
N ILE B 70 38.71 -17.43 -0.46
CA ILE B 70 39.59 -16.55 -1.20
C ILE B 70 39.11 -15.11 -1.05
N TRP B 71 40.02 -14.17 -1.33
CA TRP B 71 39.67 -12.76 -1.32
C TRP B 71 38.77 -12.44 -2.50
N ILE B 72 37.68 -11.72 -2.24
CA ILE B 72 36.75 -11.30 -3.28
C ILE B 72 36.51 -9.80 -3.15
N PRO B 73 36.52 -9.04 -4.25
CA PRO B 73 36.35 -7.59 -4.14
C PRO B 73 34.92 -7.22 -3.73
N GLU B 74 34.82 -6.20 -2.90
CA GLU B 74 33.53 -5.68 -2.43
C GLU B 74 32.97 -4.74 -3.51
N ILE B 75 32.08 -5.27 -4.34
CA ILE B 75 31.43 -4.50 -5.40
C ILE B 75 30.06 -4.05 -4.91
N ARG B 76 29.75 -2.76 -5.05
CA ARG B 76 28.50 -2.21 -4.56
C ARG B 76 27.77 -1.45 -5.65
N PHE B 77 26.45 -1.46 -5.57
CA PHE B 77 25.62 -0.59 -6.40
C PHE B 77 25.43 0.76 -5.71
N VAL B 78 25.35 1.81 -6.51
CA VAL B 78 25.20 3.16 -5.96
C VAL B 78 23.72 3.53 -5.87
N ASN B 79 23.07 3.69 -7.02
CA ASN B 79 21.69 4.16 -7.09
C ASN B 79 20.71 3.03 -6.75
N VAL B 80 20.84 2.53 -5.53
CA VAL B 80 19.96 1.48 -5.02
C VAL B 80 19.45 1.90 -3.64
N GLU B 81 18.26 1.40 -3.29
CA GLU B 81 17.65 1.77 -2.02
C GLU B 81 18.24 0.95 -0.88
N ASN B 82 18.21 -0.37 -0.99
CA ASN B 82 18.86 -1.25 -0.03
C ASN B 82 19.90 -2.10 -0.75
N ALA B 83 20.84 -2.63 0.04
CA ALA B 83 21.83 -3.55 -0.50
C ALA B 83 21.14 -4.72 -1.20
N ARG B 84 21.67 -5.08 -2.37
CA ARG B 84 21.06 -6.14 -3.16
C ARG B 84 21.04 -7.46 -2.39
N ASP B 85 20.10 -8.33 -2.75
CA ASP B 85 20.03 -9.69 -2.24
C ASP B 85 20.68 -10.59 -3.28
N ALA B 86 21.85 -11.12 -2.95
CA ALA B 86 22.65 -11.88 -3.90
C ALA B 86 22.88 -13.30 -3.40
N ASP B 87 22.88 -14.25 -4.33
CA ASP B 87 23.22 -15.63 -4.07
C ASP B 87 24.39 -16.01 -4.97
N VAL B 88 25.52 -16.37 -4.35
CA VAL B 88 26.70 -16.72 -5.14
C VAL B 88 26.42 -17.99 -5.92
N VAL B 89 26.66 -17.93 -7.22
CA VAL B 89 26.38 -19.07 -8.10
C VAL B 89 27.61 -19.94 -8.29
N ASP B 90 28.76 -19.34 -8.57
CA ASP B 90 29.95 -20.13 -8.84
C ASP B 90 31.19 -19.27 -8.69
N ILE B 91 32.29 -19.91 -8.30
CA ILE B 91 33.60 -19.27 -8.22
C ILE B 91 34.62 -20.25 -8.77
N SER B 92 35.29 -19.89 -9.87
CA SER B 92 36.25 -20.76 -10.53
C SER B 92 37.53 -19.99 -10.79
N VAL B 93 38.65 -20.50 -10.28
CA VAL B 93 39.95 -19.89 -10.47
C VAL B 93 40.65 -20.58 -11.62
N SER B 94 41.47 -19.84 -12.34
CA SER B 94 42.20 -20.42 -13.46
C SER B 94 43.60 -20.84 -13.03
N PRO B 95 44.23 -21.75 -13.77
CA PRO B 95 45.59 -22.17 -13.41
C PRO B 95 46.56 -21.01 -13.28
N ASP B 96 46.33 -19.92 -14.01
CA ASP B 96 47.17 -18.73 -13.91
C ASP B 96 46.74 -17.81 -12.78
N GLY B 97 45.60 -18.09 -12.13
CA GLY B 97 45.10 -17.24 -11.06
C GLY B 97 43.98 -16.31 -11.44
N THR B 98 43.28 -16.58 -12.54
CA THR B 98 42.17 -15.73 -12.98
C THR B 98 40.88 -16.21 -12.32
N VAL B 99 40.40 -15.46 -11.34
CA VAL B 99 39.16 -15.78 -10.65
C VAL B 99 37.97 -15.28 -11.46
N GLN B 100 37.02 -16.17 -11.71
CA GLN B 100 35.75 -15.86 -12.36
C GLN B 100 34.64 -16.13 -11.35
N TYR B 101 33.95 -15.07 -10.95
CA TYR B 101 32.91 -15.08 -9.93
C TYR B 101 31.56 -14.79 -10.58
N LEU B 102 30.53 -15.51 -10.15
CA LEU B 102 29.21 -15.37 -10.73
C LEU B 102 28.15 -15.48 -9.64
N GLU B 103 27.32 -14.45 -9.51
CA GLU B 103 26.20 -14.42 -8.58
C GLU B 103 24.94 -14.04 -9.32
N ARG B 104 23.80 -14.28 -8.68
CA ARG B 104 22.50 -13.81 -9.16
C ARG B 104 21.91 -12.92 -8.08
N PHE B 105 21.58 -11.69 -8.44
CA PHE B 105 21.11 -10.69 -7.49
C PHE B 105 19.78 -10.11 -7.94
N SER B 106 19.06 -9.55 -6.97
CA SER B 106 17.87 -8.75 -7.22
C SER B 106 17.97 -7.46 -6.42
N ALA B 107 17.59 -6.35 -7.04
CA ALA B 107 17.71 -5.05 -6.38
C ALA B 107 16.63 -4.11 -6.88
N ARG B 108 16.32 -3.11 -6.05
CA ARG B 108 15.38 -2.04 -6.37
C ARG B 108 16.22 -0.82 -6.74
N VAL B 109 16.35 -0.57 -8.04
CA VAL B 109 17.16 0.52 -8.57
C VAL B 109 16.36 1.81 -8.58
N LEU B 110 17.02 2.91 -8.21
CA LEU B 110 16.43 4.24 -8.17
C LEU B 110 17.10 5.10 -9.25
N SER B 111 16.37 5.36 -10.34
CA SER B 111 16.88 6.15 -11.45
C SER B 111 15.84 7.18 -11.86
N PRO B 112 16.19 8.45 -11.93
CA PRO B 112 15.20 9.48 -12.29
C PRO B 112 14.77 9.38 -13.75
N LEU B 113 13.55 9.84 -14.01
CA LEU B 113 12.95 9.82 -15.34
C LEU B 113 12.65 11.24 -15.81
N ASP B 114 12.61 11.40 -17.13
CA ASP B 114 12.33 12.69 -17.77
C ASP B 114 10.97 12.62 -18.46
N PHE B 115 9.95 13.21 -17.83
CA PHE B 115 8.58 13.14 -18.31
C PHE B 115 8.20 14.29 -19.24
N ARG B 116 9.17 15.05 -19.74
CA ARG B 116 8.84 16.20 -20.57
C ARG B 116 8.12 15.77 -21.84
N ARG B 117 8.55 14.69 -22.46
CA ARG B 117 7.92 14.16 -23.67
C ARG B 117 6.88 13.09 -23.35
N TYR B 118 6.53 12.92 -22.08
CA TYR B 118 5.56 11.94 -21.66
C TYR B 118 4.20 12.24 -22.32
N PRO B 119 3.46 11.20 -22.77
CA PRO B 119 3.81 9.78 -22.67
C PRO B 119 4.57 9.26 -23.90
N PHE B 120 5.09 10.18 -24.72
CA PHE B 120 5.93 9.81 -25.84
C PHE B 120 7.40 9.84 -25.47
N ASP B 121 7.71 9.54 -24.21
CA ASP B 121 9.06 9.70 -23.68
C ASP B 121 9.85 8.41 -23.82
N SER B 122 11.17 8.55 -23.95
CA SER B 122 12.09 7.46 -23.80
C SER B 122 13.02 7.75 -22.63
N GLN B 123 13.39 6.71 -21.90
CA GLN B 123 14.19 6.85 -20.70
C GLN B 123 15.47 6.04 -20.82
N THR B 124 16.47 6.43 -20.02
CA THR B 124 17.73 5.71 -19.89
C THR B 124 17.91 5.40 -18.40
N LEU B 125 17.49 4.22 -17.99
CA LEU B 125 17.71 3.77 -16.62
C LEU B 125 19.18 3.48 -16.39
N HIS B 126 19.69 3.90 -15.23
CA HIS B 126 21.09 3.74 -14.89
C HIS B 126 21.26 2.76 -13.73
N ILE B 127 22.24 1.88 -13.86
CA ILE B 127 22.70 1.01 -12.78
C ILE B 127 24.19 1.26 -12.62
N TYR B 128 24.58 1.81 -11.48
CA TYR B 128 25.96 2.22 -11.23
C TYR B 128 26.65 1.20 -10.34
N LEU B 129 27.67 0.53 -10.88
CA LEU B 129 28.57 -0.26 -10.04
C LEU B 129 29.69 0.63 -9.53
N ILE B 130 30.28 0.24 -8.41
CA ILE B 130 31.35 1.01 -7.81
C ILE B 130 32.15 0.10 -6.89
N VAL B 131 33.46 0.34 -6.83
CA VAL B 131 34.37 -0.37 -5.94
C VAL B 131 35.32 0.65 -5.33
N ARG B 132 35.64 0.47 -4.05
CA ARG B 132 36.48 1.37 -3.30
C ARG B 132 37.86 0.75 -3.10
N SER B 133 38.90 1.52 -3.41
CA SER B 133 40.27 1.01 -3.34
C SER B 133 40.69 0.75 -1.90
N VAL B 134 41.50 -0.28 -1.71
CA VAL B 134 42.06 -0.62 -0.41
C VAL B 134 43.39 0.11 -0.23
N ASP B 135 43.95 0.03 0.98
CA ASP B 135 45.23 0.68 1.25
C ASP B 135 46.39 -0.06 0.61
N THR B 136 46.20 -1.34 0.30
CA THR B 136 47.27 -2.13 -0.32
C THR B 136 47.37 -1.91 -1.82
N ARG B 137 46.26 -1.61 -2.48
CA ARG B 137 46.24 -1.54 -3.93
C ARG B 137 44.97 -0.83 -4.38
N ASN B 138 45.08 -0.11 -5.50
CA ASN B 138 43.92 0.53 -6.10
C ASN B 138 43.18 -0.46 -6.99
N ILE B 139 41.85 -0.45 -6.91
CA ILE B 139 41.00 -1.34 -7.69
C ILE B 139 40.20 -0.51 -8.68
N VAL B 140 40.14 -0.98 -9.92
CA VAL B 140 39.47 -0.29 -11.02
C VAL B 140 38.51 -1.26 -11.68
N LEU B 141 37.37 -0.75 -12.13
CA LEU B 141 36.35 -1.58 -12.77
C LEU B 141 36.49 -1.56 -14.28
N ALA B 142 36.15 -2.68 -14.90
CA ALA B 142 36.15 -2.81 -16.35
C ALA B 142 34.88 -3.51 -16.79
N VAL B 143 34.66 -3.56 -18.10
CA VAL B 143 33.44 -4.10 -18.68
C VAL B 143 33.81 -5.25 -19.60
N ASP B 144 33.25 -6.43 -19.32
CA ASP B 144 33.42 -7.61 -20.16
C ASP B 144 32.16 -7.74 -21.00
N LEU B 145 32.23 -7.25 -22.25
CA LEU B 145 31.04 -7.25 -23.11
C LEU B 145 30.50 -8.65 -23.32
N GLU B 146 31.35 -9.67 -23.23
CA GLU B 146 30.88 -11.04 -23.34
C GLU B 146 29.92 -11.43 -22.23
N LYS B 147 29.99 -10.75 -21.09
CA LYS B 147 29.18 -11.06 -19.92
C LYS B 147 28.07 -10.05 -19.69
N VAL B 148 27.76 -9.23 -20.69
CA VAL B 148 26.70 -8.24 -20.61
C VAL B 148 25.59 -8.62 -21.58
N GLY B 149 24.35 -8.42 -21.16
CA GLY B 149 23.23 -8.76 -22.01
C GLY B 149 21.96 -8.86 -21.18
N LYS B 150 20.92 -9.42 -21.82
CA LYS B 150 19.64 -9.59 -21.17
C LYS B 150 18.90 -10.73 -21.85
N ASN B 151 18.10 -11.45 -21.07
CA ASN B 151 17.33 -12.56 -21.60
C ASN B 151 16.31 -12.05 -22.62
N ASP B 152 15.92 -12.95 -23.54
CA ASP B 152 14.98 -12.56 -24.58
C ASP B 152 13.58 -12.31 -24.01
N ASP B 153 13.19 -13.03 -22.96
CA ASP B 153 11.86 -12.89 -22.37
C ASP B 153 11.79 -11.81 -21.31
N VAL B 154 12.67 -10.81 -21.38
CA VAL B 154 12.61 -9.68 -20.46
C VAL B 154 11.60 -8.67 -20.97
N PHE B 155 10.67 -8.28 -20.11
CA PHE B 155 9.57 -7.40 -20.51
C PHE B 155 9.29 -6.38 -19.42
N LEU B 156 9.06 -5.14 -19.82
CA LEU B 156 8.54 -4.10 -18.93
C LEU B 156 7.18 -3.67 -19.46
N THR B 157 6.12 -4.22 -18.87
CA THR B 157 4.77 -3.98 -19.37
C THR B 157 4.54 -2.48 -19.57
N GLY B 158 4.17 -2.11 -20.79
CA GLY B 158 3.95 -0.73 -21.14
C GLY B 158 5.15 -0.02 -21.72
N TRP B 159 6.26 -0.74 -21.94
CA TRP B 159 7.47 -0.15 -22.47
C TRP B 159 8.05 -1.05 -23.55
N ASP B 160 8.86 -0.45 -24.42
CA ASP B 160 9.70 -1.17 -25.36
C ASP B 160 11.13 -1.09 -24.86
N ILE B 161 11.77 -2.23 -24.68
CA ILE B 161 13.15 -2.28 -24.20
C ILE B 161 14.05 -2.20 -25.43
N GLU B 162 14.85 -1.12 -25.50
CA GLU B 162 15.67 -0.83 -26.66
C GLU B 162 17.01 -1.55 -26.61
N SER B 163 17.77 -1.37 -25.53
CA SER B 163 19.10 -1.94 -25.45
C SER B 163 19.57 -1.89 -24.00
N PHE B 164 20.57 -2.71 -23.71
CA PHE B 164 21.23 -2.74 -22.41
C PHE B 164 22.74 -2.79 -22.67
N THR B 165 23.42 -1.68 -22.42
CA THR B 165 24.84 -1.55 -22.68
C THR B 165 25.53 -0.99 -21.44
N ALA B 166 26.85 -0.81 -21.54
CA ALA B 166 27.63 -0.27 -20.45
C ALA B 166 28.70 0.67 -20.99
N VAL B 167 28.97 1.74 -20.25
CA VAL B 167 30.01 2.70 -20.61
C VAL B 167 31.36 2.09 -20.23
N VAL B 168 32.21 1.86 -21.23
CA VAL B 168 33.45 1.14 -21.00
C VAL B 168 34.37 1.92 -20.07
N LYS B 169 34.57 3.19 -20.35
CA LYS B 169 35.48 3.99 -19.54
C LYS B 169 34.86 4.27 -18.18
N PRO B 170 35.39 3.75 -17.09
CA PRO B 170 34.80 4.01 -15.77
C PRO B 170 35.20 5.37 -15.23
N ALA B 171 34.41 5.85 -14.28
CA ALA B 171 34.64 7.13 -13.62
C ALA B 171 35.34 6.86 -12.30
N ASN B 172 36.64 7.15 -12.27
CA ASN B 172 37.45 7.01 -11.07
C ASN B 172 37.63 8.39 -10.45
N PHE B 173 37.50 8.46 -9.13
CA PHE B 173 37.52 9.75 -8.46
C PHE B 173 37.91 9.56 -7.00
N ALA B 174 38.29 10.66 -6.36
CA ALA B 174 38.70 10.63 -4.96
C ALA B 174 37.48 10.82 -4.07
N LEU B 175 37.38 10.00 -3.04
CA LEU B 175 36.28 10.07 -2.08
C LEU B 175 36.82 9.68 -0.71
N GLU B 176 36.75 10.60 0.25
CA GLU B 176 37.17 10.36 1.62
C GLU B 176 38.55 9.69 1.66
N ASP B 177 39.47 10.24 0.89
CA ASP B 177 40.87 9.84 0.87
C ASP B 177 41.10 8.46 0.27
N ARG B 178 40.15 7.95 -0.53
CA ARG B 178 40.34 6.67 -1.20
C ARG B 178 39.78 6.76 -2.61
N LEU B 179 40.33 5.92 -3.49
CA LEU B 179 39.91 5.92 -4.88
C LEU B 179 38.63 5.11 -5.05
N GLU B 180 37.71 5.64 -5.85
CA GLU B 180 36.45 4.98 -6.16
C GLU B 180 36.35 4.81 -7.67
N SER B 181 35.90 3.64 -8.10
CA SER B 181 35.75 3.32 -9.52
C SER B 181 34.29 2.99 -9.78
N LYS B 182 33.67 3.71 -10.71
CA LYS B 182 32.24 3.61 -10.98
C LYS B 182 32.00 3.24 -12.44
N LEU B 183 31.12 2.26 -12.66
CA LEU B 183 30.68 1.88 -13.99
C LEU B 183 29.21 2.21 -14.17
N ASP B 184 28.84 2.52 -15.41
CA ASP B 184 27.50 2.99 -15.76
C ASP B 184 26.89 2.00 -16.75
N TYR B 185 25.99 1.15 -16.24
CA TYR B 185 25.17 0.29 -17.07
C TYR B 185 23.88 1.01 -17.42
N GLN B 186 23.47 0.94 -18.69
CA GLN B 186 22.36 1.75 -19.20
C GLN B 186 21.33 0.86 -19.86
N LEU B 187 20.08 0.96 -19.39
CA LEU B 187 18.94 0.29 -20.01
C LEU B 187 18.04 1.35 -20.63
N ARG B 188 18.04 1.45 -21.95
CA ARG B 188 17.21 2.41 -22.65
C ARG B 188 15.88 1.79 -23.02
N ILE B 189 14.81 2.55 -22.83
CA ILE B 189 13.45 2.11 -23.10
C ILE B 189 12.67 3.26 -23.71
N SER B 190 11.56 2.92 -24.36
CA SER B 190 10.65 3.91 -24.91
C SER B 190 9.24 3.53 -24.53
N ARG B 191 8.49 4.49 -23.97
CA ARG B 191 7.17 4.18 -23.45
C ARG B 191 6.19 3.90 -24.58
N GLN B 192 5.25 2.98 -24.32
CA GLN B 192 4.17 2.69 -25.25
C GLN B 192 2.99 3.58 -24.89
N TYR B 193 2.72 4.57 -25.75
CA TYR B 193 1.75 5.61 -25.43
C TYR B 193 0.31 5.19 -25.71
N GLY B 194 0.10 4.08 -26.41
CA GLY B 194 -1.25 3.68 -26.78
C GLY B 194 -2.20 3.65 -25.59
N TYR B 195 -1.75 3.10 -24.47
CA TYR B 195 -2.60 3.01 -23.29
C TYR B 195 -3.20 4.35 -22.93
N PHE B 196 -2.42 5.42 -23.07
CA PHE B 196 -2.90 6.74 -22.69
C PHE B 196 -3.85 7.33 -23.73
N VAL B 197 -3.68 6.96 -25.00
CA VAL B 197 -4.56 7.49 -26.04
C VAL B 197 -6.01 7.22 -25.70
N ILE B 198 -6.31 6.02 -25.18
CA ILE B 198 -7.66 5.69 -24.75
C ILE B 198 -7.88 5.96 -23.27
N GLN B 199 -6.84 6.29 -22.53
CA GLN B 199 -6.98 6.61 -21.10
C GLN B 199 -7.24 8.09 -20.85
N THR B 200 -6.72 8.97 -21.71
CA THR B 200 -6.80 10.40 -21.47
C THR B 200 -7.14 11.17 -22.74
N TYR B 201 -6.46 10.84 -23.83
CA TYR B 201 -6.61 11.62 -25.06
C TYR B 201 -8.04 11.52 -25.60
N LEU B 202 -8.62 10.32 -25.60
CA LEU B 202 -10.00 10.18 -26.07
C LEU B 202 -10.99 10.96 -25.21
N PRO B 203 -10.99 10.82 -23.88
CA PRO B 203 -11.91 11.64 -23.07
C PRO B 203 -11.76 13.13 -23.34
N CYS B 204 -10.54 13.61 -23.59
CA CYS B 204 -10.34 15.02 -23.85
C CYS B 204 -10.93 15.42 -25.19
N ILE B 205 -10.61 14.65 -26.25
CA ILE B 205 -11.13 14.97 -27.57
C ILE B 205 -12.66 14.92 -27.57
N MET B 206 -13.23 13.85 -27.03
CA MET B 206 -14.68 13.72 -26.97
C MET B 206 -15.31 14.80 -26.10
N THR B 207 -14.59 15.29 -25.10
CA THR B 207 -15.11 16.40 -24.30
C THR B 207 -15.10 17.70 -25.09
N VAL B 208 -14.10 17.91 -25.95
CA VAL B 208 -14.09 19.09 -26.82
C VAL B 208 -15.24 19.00 -27.80
N ILE B 209 -15.42 17.84 -28.43
CA ILE B 209 -16.54 17.66 -29.35
C ILE B 209 -17.86 17.89 -28.64
N LEU B 210 -18.03 17.27 -27.47
CA LEU B 210 -19.25 17.47 -26.69
C LEU B 210 -19.49 18.95 -26.39
N SER B 211 -18.42 19.68 -26.10
CA SER B 211 -18.56 21.11 -25.86
C SER B 211 -18.99 21.85 -27.12
N GLN B 212 -18.50 21.42 -28.28
CA GLN B 212 -18.89 22.10 -29.52
C GLN B 212 -20.32 21.79 -29.92
N VAL B 213 -20.86 20.65 -29.51
CA VAL B 213 -22.26 20.34 -29.81
C VAL B 213 -23.20 21.43 -29.30
N SER B 214 -22.78 22.20 -28.30
CA SER B 214 -23.66 23.22 -27.74
C SER B 214 -23.96 24.33 -28.75
N PHE B 215 -23.04 24.57 -29.68
CA PHE B 215 -23.25 25.64 -30.65
C PHE B 215 -24.43 25.36 -31.57
N TRP B 216 -24.86 24.11 -31.67
CA TRP B 216 -25.98 23.76 -32.54
C TRP B 216 -27.32 23.77 -31.80
N LEU B 217 -27.33 24.03 -30.51
CA LEU B 217 -28.58 24.17 -29.77
C LEU B 217 -29.15 25.57 -29.96
N ASN B 218 -30.48 25.67 -29.92
CA ASN B 218 -31.14 26.96 -30.07
C ASN B 218 -30.62 27.94 -29.04
N ARG B 219 -30.43 29.19 -29.47
CA ARG B 219 -29.92 30.21 -28.57
C ARG B 219 -30.91 30.54 -27.46
N GLU B 220 -32.19 30.20 -27.63
CA GLU B 220 -33.18 30.51 -26.61
C GLU B 220 -33.16 29.52 -25.46
N SER B 221 -32.77 28.27 -25.72
CA SER B 221 -32.69 27.24 -24.68
C SER B 221 -31.36 27.40 -23.96
N VAL B 222 -31.32 28.36 -23.04
CA VAL B 222 -30.11 28.69 -22.30
C VAL B 222 -29.69 27.54 -21.39
N PRO B 223 -30.58 27.03 -20.52
CA PRO B 223 -30.16 25.99 -19.58
C PRO B 223 -29.44 24.82 -20.22
N ALA B 224 -29.90 24.35 -21.38
CA ALA B 224 -29.22 23.24 -22.05
C ALA B 224 -27.76 23.58 -22.34
N ARG B 225 -27.54 24.69 -23.06
CA ARG B 225 -26.17 25.08 -23.40
C ARG B 225 -25.34 25.31 -22.15
N THR B 226 -25.96 25.83 -21.09
CA THR B 226 -25.26 25.97 -19.81
C THR B 226 -24.78 24.62 -19.31
N VAL B 227 -25.66 23.63 -19.31
CA VAL B 227 -25.27 22.28 -18.89
C VAL B 227 -24.09 21.79 -19.72
N PHE B 228 -24.17 21.92 -21.04
CA PHE B 228 -23.08 21.49 -21.90
C PHE B 228 -21.76 22.14 -21.49
N VAL B 229 -21.73 23.48 -21.49
CA VAL B 229 -20.48 24.21 -21.25
C VAL B 229 -19.93 23.85 -19.87
N VAL B 230 -20.75 23.98 -18.83
CA VAL B 230 -20.28 23.77 -17.47
C VAL B 230 -19.75 22.35 -17.30
N THR B 231 -20.53 21.35 -17.73
CA THR B 231 -20.11 19.97 -17.55
C THR B 231 -18.82 19.68 -18.30
N THR B 232 -18.65 20.27 -19.49
CA THR B 232 -17.42 20.02 -20.24
C THR B 232 -16.22 20.69 -19.56
N VAL B 233 -16.40 21.87 -18.98
CA VAL B 233 -15.29 22.55 -18.32
C VAL B 233 -14.87 21.75 -17.07
N LEU B 234 -15.84 21.38 -16.23
CA LEU B 234 -15.51 20.60 -15.04
C LEU B 234 -14.89 19.26 -15.42
N THR B 235 -15.43 18.62 -16.46
CA THR B 235 -14.83 17.37 -16.94
C THR B 235 -13.38 17.59 -17.35
N MET B 236 -13.10 18.70 -18.04
CA MET B 236 -11.73 19.03 -18.42
C MET B 236 -10.84 19.12 -17.19
N THR B 237 -11.28 19.86 -16.16
CA THR B 237 -10.48 19.98 -14.95
C THR B 237 -10.22 18.62 -14.33
N THR B 238 -11.25 17.79 -14.24
CA THR B 238 -11.09 16.46 -13.64
C THR B 238 -10.08 15.63 -14.41
N LEU B 239 -10.15 15.65 -15.76
CA LEU B 239 -9.18 14.92 -16.55
C LEU B 239 -7.77 15.46 -16.35
N SER B 240 -7.64 16.78 -16.18
CA SER B 240 -6.33 17.37 -15.93
C SER B 240 -5.72 16.82 -14.65
N ILE B 241 -6.41 17.00 -13.52
CA ILE B 241 -5.88 16.54 -12.25
C ILE B 241 -5.62 15.03 -12.30
N SER B 242 -6.63 14.27 -12.74
CA SER B 242 -6.49 12.81 -12.83
C SER B 242 -5.24 12.43 -13.62
N ALA B 243 -4.98 13.13 -14.73
CA ALA B 243 -3.82 12.81 -15.54
C ALA B 243 -2.52 13.12 -14.80
N ARG B 244 -2.44 14.29 -14.16
CA ARG B 244 -1.23 14.61 -13.41
C ARG B 244 -1.02 13.74 -12.19
N ASN B 245 -2.03 13.00 -11.74
CA ASN B 245 -1.85 12.15 -10.57
C ASN B 245 -0.96 10.93 -10.82
N SER B 246 -0.62 10.63 -12.07
CA SER B 246 0.19 9.46 -12.39
C SER B 246 1.69 9.73 -12.34
N LEU B 247 2.11 10.98 -12.29
CA LEU B 247 3.51 11.35 -12.37
C LEU B 247 4.06 11.79 -11.03
N PRO B 248 5.37 11.80 -10.86
CA PRO B 248 5.96 12.41 -9.66
C PRO B 248 5.82 13.92 -9.69
N LYS B 249 6.03 14.54 -8.54
CA LYS B 249 5.84 15.98 -8.42
C LYS B 249 6.89 16.73 -9.23
N VAL B 250 6.90 16.52 -10.54
CA VAL B 250 7.81 17.25 -11.41
C VAL B 250 7.35 18.68 -11.57
N ALA B 251 8.31 19.59 -11.75
CA ALA B 251 7.98 21.01 -11.86
C ALA B 251 7.56 21.40 -13.27
N TYR B 252 8.02 20.67 -14.27
CA TYR B 252 7.76 21.03 -15.66
C TYR B 252 6.42 20.47 -16.12
N ALA B 253 6.14 20.56 -17.42
CA ALA B 253 4.91 20.08 -18.02
C ALA B 253 5.23 19.07 -19.11
N THR B 254 4.42 18.02 -19.19
CA THR B 254 4.59 16.96 -20.16
C THR B 254 3.84 17.28 -21.44
N ALA B 255 4.03 16.43 -22.46
CA ALA B 255 3.27 16.60 -23.70
C ALA B 255 1.78 16.42 -23.45
N MET B 256 1.41 15.41 -22.67
CA MET B 256 0.01 15.23 -22.28
C MET B 256 -0.51 16.47 -21.58
N ASP B 257 0.32 17.10 -20.75
CA ASP B 257 -0.08 18.35 -20.12
C ASP B 257 -0.44 19.40 -21.14
N TRP B 258 0.34 19.49 -22.23
CA TRP B 258 0.04 20.49 -23.26
C TRP B 258 -1.26 20.15 -23.98
N PHE B 259 -1.47 18.88 -24.34
CA PHE B 259 -2.71 18.51 -25.00
C PHE B 259 -3.91 18.83 -24.13
N ILE B 260 -3.87 18.43 -22.85
CA ILE B 260 -4.98 18.72 -21.95
C ILE B 260 -5.18 20.23 -21.82
N ALA B 261 -4.08 20.99 -21.81
CA ALA B 261 -4.19 22.44 -21.69
C ALA B 261 -4.89 23.05 -22.89
N VAL B 262 -4.52 22.63 -24.10
CA VAL B 262 -5.17 23.16 -25.30
C VAL B 262 -6.64 22.77 -25.32
N CYS B 263 -6.96 21.52 -24.95
CA CYS B 263 -8.35 21.13 -24.86
C CYS B 263 -9.13 22.03 -23.90
N TYR B 264 -8.56 22.30 -22.72
CA TYR B 264 -9.21 23.18 -21.77
C TYR B 264 -9.39 24.58 -22.37
N ALA B 265 -8.42 25.02 -23.18
CA ALA B 265 -8.57 26.30 -23.86
C ALA B 265 -9.76 26.30 -24.81
N PHE B 266 -9.94 25.22 -25.57
CA PHE B 266 -11.08 25.14 -26.47
C PHE B 266 -12.40 25.14 -25.71
N VAL B 267 -12.48 24.35 -24.63
CA VAL B 267 -13.73 24.26 -23.88
C VAL B 267 -14.07 25.60 -23.22
N PHE B 268 -13.08 26.21 -22.56
CA PHE B 268 -13.31 27.52 -21.95
C PHE B 268 -13.65 28.56 -22.99
N SER B 269 -13.08 28.43 -24.20
CA SER B 269 -13.47 29.32 -25.29
C SER B 269 -14.94 29.12 -25.66
N ALA B 270 -15.41 27.86 -25.65
CA ALA B 270 -16.83 27.61 -25.86
C ALA B 270 -17.67 28.23 -24.75
N LEU B 271 -17.16 28.24 -23.51
CA LEU B 271 -17.87 28.91 -22.43
C LEU B 271 -17.99 30.41 -22.68
N ILE B 272 -16.86 31.06 -22.96
CA ILE B 272 -16.87 32.50 -23.24
C ILE B 272 -17.78 32.80 -24.42
N GLU B 273 -17.79 31.92 -25.42
CA GLU B 273 -18.67 32.11 -26.57
C GLU B 273 -20.13 32.02 -26.15
N PHE B 274 -20.50 31.01 -25.37
CA PHE B 274 -21.87 30.88 -24.90
C PHE B 274 -22.29 32.12 -24.11
N ALA B 275 -21.41 32.61 -23.23
CA ALA B 275 -21.73 33.81 -22.46
C ALA B 275 -21.93 35.01 -23.37
N THR B 276 -21.05 35.18 -24.37
CA THR B 276 -21.18 36.29 -25.29
C THR B 276 -22.50 36.22 -26.07
N VAL B 277 -22.78 35.08 -26.68
CA VAL B 277 -24.01 34.92 -27.45
C VAL B 277 -25.23 35.17 -26.58
N ASN B 278 -25.25 34.55 -25.38
CA ASN B 278 -26.35 34.80 -24.47
C ASN B 278 -26.46 36.27 -24.10
N TYR B 279 -25.34 36.99 -24.11
CA TYR B 279 -25.35 38.41 -23.79
C TYR B 279 -25.93 39.25 -24.94
N PHE B 280 -25.81 38.76 -26.18
CA PHE B 280 -26.29 39.46 -27.36
C PHE B 280 -27.54 38.82 -27.96
N THR B 281 -28.25 38.01 -27.17
CA THR B 281 -29.40 37.29 -27.71
C THR B 281 -30.62 38.20 -27.85
N LYS B 282 -30.96 38.95 -26.80
CA LYS B 282 -32.12 39.83 -26.87
C LYS B 282 -31.86 41.01 -27.78
N SER B 283 -30.82 41.78 -27.50
CA SER B 283 -30.43 42.91 -28.35
C SER B 283 -29.36 42.46 -29.33
N GLN B 284 -29.59 42.72 -30.61
CA GLN B 284 -28.66 42.36 -31.68
C GLN B 284 -28.66 40.86 -31.91
N PRO B 285 -29.82 40.23 -32.15
CA PRO B 285 -29.83 38.78 -32.42
C PRO B 285 -29.01 38.40 -33.63
N ALA B 286 -28.85 39.31 -34.60
CA ALA B 286 -28.02 39.00 -35.76
C ALA B 286 -26.58 38.75 -35.37
N ARG B 287 -26.06 39.52 -34.40
CA ARG B 287 -24.69 39.31 -33.93
C ARG B 287 -24.53 37.92 -33.33
N ALA B 288 -25.41 37.55 -32.40
CA ALA B 288 -25.33 36.23 -31.80
C ALA B 288 -25.42 35.14 -32.86
N ALA B 289 -26.36 35.28 -33.81
CA ALA B 289 -26.48 34.30 -34.88
C ALA B 289 -25.19 34.17 -35.66
N LYS B 290 -24.53 35.30 -35.95
CA LYS B 290 -23.26 35.24 -36.67
C LYS B 290 -22.19 34.55 -35.84
N ILE B 291 -22.17 34.81 -34.52
CA ILE B 291 -21.16 34.21 -33.65
C ILE B 291 -21.30 32.68 -33.67
N ASP B 292 -22.53 32.19 -33.45
CA ASP B 292 -22.74 30.75 -33.48
C ASP B 292 -22.40 30.17 -34.86
N ARG B 293 -22.90 30.82 -35.92
CA ARG B 293 -22.69 30.34 -37.27
C ARG B 293 -21.21 30.17 -37.59
N LEU B 294 -20.39 31.15 -37.21
CA LEU B 294 -18.96 31.06 -37.49
C LEU B 294 -18.29 30.04 -36.59
N SER B 295 -18.66 30.01 -35.30
CA SER B 295 -18.02 29.08 -34.37
C SER B 295 -18.22 27.64 -34.82
N ARG B 296 -19.42 27.29 -35.29
CA ARG B 296 -19.70 25.92 -35.70
C ARG B 296 -18.73 25.41 -36.75
N ILE B 297 -18.05 26.30 -37.46
CA ILE B 297 -17.09 25.91 -38.48
C ILE B 297 -15.65 26.10 -38.00
N ALA B 298 -15.41 27.15 -37.20
CA ALA B 298 -14.05 27.45 -36.78
C ALA B 298 -13.55 26.50 -35.71
N PHE B 299 -14.36 26.24 -34.68
CA PHE B 299 -13.90 25.41 -33.57
C PHE B 299 -13.41 24.04 -34.03
N PRO B 300 -14.23 23.19 -34.64
CA PRO B 300 -13.73 21.88 -35.07
C PRO B 300 -12.60 21.97 -36.07
N LEU B 301 -12.51 23.08 -36.82
CA LEU B 301 -11.43 23.23 -37.79
C LEU B 301 -10.10 23.50 -37.08
N LEU B 302 -10.08 24.50 -36.19
CA LEU B 302 -8.87 24.77 -35.41
C LEU B 302 -8.48 23.56 -34.58
N PHE B 303 -9.46 22.84 -34.05
CA PHE B 303 -9.15 21.64 -33.26
C PHE B 303 -8.54 20.55 -34.14
N GLY B 304 -9.10 20.34 -35.32
CA GLY B 304 -8.52 19.37 -36.24
C GLY B 304 -7.10 19.72 -36.63
N ILE B 305 -6.85 20.99 -36.96
CA ILE B 305 -5.49 21.42 -37.27
C ILE B 305 -4.57 21.16 -36.08
N PHE B 306 -5.04 21.49 -34.87
CA PHE B 306 -4.22 21.28 -33.68
C PHE B 306 -3.85 19.81 -33.54
N ASN B 307 -4.83 18.91 -33.60
CA ASN B 307 -4.52 17.48 -33.54
C ASN B 307 -3.55 17.07 -34.63
N LEU B 308 -3.68 17.64 -35.82
CA LEU B 308 -2.76 17.32 -36.91
C LEU B 308 -1.33 17.67 -36.52
N VAL B 309 -1.11 18.90 -36.04
CA VAL B 309 0.24 19.32 -35.69
C VAL B 309 0.76 18.53 -34.50
N TYR B 310 -0.09 18.27 -33.51
CA TYR B 310 0.33 17.57 -32.30
C TYR B 310 0.75 16.14 -32.61
N TRP B 311 -0.18 15.33 -33.12
CA TRP B 311 0.14 13.94 -33.42
C TRP B 311 1.23 13.82 -34.47
N ALA B 312 1.29 14.78 -35.40
CA ALA B 312 2.39 14.78 -36.37
C ALA B 312 3.72 15.00 -35.67
N THR B 313 3.74 15.85 -34.64
CA THR B 313 4.98 16.17 -33.96
C THR B 313 5.44 15.02 -33.07
N TYR B 314 4.57 14.53 -32.20
CA TYR B 314 4.96 13.55 -31.19
C TYR B 314 4.89 12.11 -31.69
N LEU B 315 4.70 11.90 -32.99
CA LEU B 315 4.74 10.55 -33.55
C LEU B 315 5.71 10.48 -34.72
N VAL C 4 32.15 -29.26 -0.74
CA VAL C 4 31.94 -30.51 -1.46
C VAL C 4 31.75 -30.21 -2.94
N SER C 5 31.74 -31.24 -3.78
CA SER C 5 31.67 -31.05 -5.23
C SER C 5 30.76 -32.12 -5.85
N PRO C 6 30.37 -31.96 -7.12
CA PRO C 6 29.34 -32.82 -7.70
C PRO C 6 29.82 -34.25 -7.85
N PRO C 7 28.91 -35.22 -7.88
CA PRO C 7 29.32 -36.61 -7.98
C PRO C 7 30.02 -36.87 -9.30
N PRO C 8 30.96 -37.81 -9.32
CA PRO C 8 31.70 -38.08 -10.55
C PRO C 8 30.83 -38.84 -11.54
N PRO C 9 31.00 -38.60 -12.84
CA PRO C 9 30.24 -39.36 -13.83
C PRO C 9 30.78 -40.78 -13.95
N ILE C 10 29.85 -41.74 -14.01
CA ILE C 10 30.22 -43.14 -14.15
C ILE C 10 30.91 -43.42 -15.47
N ALA C 11 30.98 -42.43 -16.36
CA ALA C 11 31.67 -42.54 -17.63
C ALA C 11 31.92 -41.16 -18.21
N ASP C 12 31.01 -40.71 -19.07
CA ASP C 12 31.01 -39.32 -19.54
C ASP C 12 29.56 -38.92 -19.80
N GLU C 13 28.70 -39.13 -18.81
CA GLU C 13 27.27 -38.99 -18.98
C GLU C 13 26.75 -37.84 -18.12
N PRO C 14 25.72 -37.13 -18.58
CA PRO C 14 25.19 -36.01 -17.78
C PRO C 14 24.43 -36.49 -16.56
N LEU C 15 24.46 -35.68 -15.51
CA LEU C 15 23.73 -35.95 -14.29
C LEU C 15 22.34 -35.32 -14.40
N THR C 16 21.30 -36.16 -14.41
CA THR C 16 19.93 -35.69 -14.49
C THR C 16 19.32 -35.64 -13.10
N VAL C 17 18.61 -34.56 -12.82
CA VAL C 17 17.95 -34.35 -11.54
C VAL C 17 16.44 -34.42 -11.80
N ASN C 18 15.80 -35.44 -11.27
CA ASN C 18 14.36 -35.61 -11.42
C ASN C 18 13.64 -34.65 -10.48
N THR C 19 12.89 -33.73 -11.04
CA THR C 19 12.22 -32.67 -10.30
C THR C 19 10.72 -32.89 -10.28
N GLY C 20 10.07 -32.27 -9.31
CA GLY C 20 8.62 -32.30 -9.19
C GLY C 20 8.13 -31.22 -8.24
N ILE C 21 7.02 -30.57 -8.58
CA ILE C 21 6.45 -29.51 -7.76
C ILE C 21 5.02 -29.90 -7.40
N TYR C 22 4.67 -29.74 -6.12
CA TYR C 22 3.34 -30.04 -5.63
C TYR C 22 2.75 -28.77 -5.01
N LEU C 23 1.82 -28.14 -5.72
CA LEU C 23 1.23 -26.89 -5.24
C LEU C 23 0.47 -27.14 -3.93
N ILE C 24 0.88 -26.44 -2.88
CA ILE C 24 0.20 -26.48 -1.60
C ILE C 24 -0.75 -25.31 -1.43
N GLU C 25 -0.29 -24.11 -1.74
CA GLU C 25 -1.06 -22.89 -1.58
C GLU C 25 -0.85 -22.02 -2.81
N CYS C 26 -1.92 -21.39 -3.28
CA CYS C 26 -1.85 -20.53 -4.47
C CYS C 26 -2.73 -19.31 -4.22
N TYR C 27 -2.12 -18.14 -4.23
CA TYR C 27 -2.81 -16.93 -3.80
C TYR C 27 -2.17 -15.71 -4.44
N SER C 28 -2.83 -14.57 -4.29
CA SER C 28 -2.31 -13.27 -4.71
C SER C 28 -1.96 -13.25 -6.20
N LEU C 29 -2.94 -13.60 -7.03
CA LEU C 29 -2.79 -13.41 -8.47
C LEU C 29 -3.14 -11.96 -8.80
N ASP C 30 -2.12 -11.16 -9.08
CA ASP C 30 -2.27 -9.73 -9.31
C ASP C 30 -2.31 -9.48 -10.80
N ASP C 31 -3.47 -9.06 -11.31
CA ASP C 31 -3.60 -8.76 -12.73
C ASP C 31 -2.75 -7.56 -13.12
N LYS C 32 -2.68 -6.54 -12.25
CA LYS C 32 -1.94 -5.32 -12.58
C LYS C 32 -0.44 -5.57 -12.57
N ALA C 33 0.05 -6.29 -11.57
CA ALA C 33 1.47 -6.62 -11.47
C ALA C 33 1.85 -7.84 -12.29
N GLU C 34 0.88 -8.60 -12.80
CA GLU C 34 1.16 -9.81 -13.56
C GLU C 34 2.07 -10.74 -12.76
N THR C 35 1.72 -10.93 -11.49
CA THR C 35 2.46 -11.79 -10.59
C THR C 35 1.47 -12.56 -9.73
N PHE C 36 1.93 -13.71 -9.22
CA PHE C 36 1.12 -14.49 -8.29
C PHE C 36 2.05 -15.19 -7.32
N LYS C 37 1.58 -15.40 -6.10
CA LYS C 37 2.38 -16.00 -5.05
C LYS C 37 2.04 -17.49 -4.95
N VAL C 38 3.09 -18.32 -4.85
CA VAL C 38 2.93 -19.76 -4.81
C VAL C 38 3.67 -20.32 -3.61
N ASN C 39 3.14 -21.40 -3.05
CA ASN C 39 3.74 -22.10 -1.92
C ASN C 39 3.56 -23.59 -2.17
N ALA C 40 4.67 -24.29 -2.44
CA ALA C 40 4.55 -25.67 -2.89
C ALA C 40 5.77 -26.47 -2.47
N PHE C 41 5.70 -27.78 -2.72
CA PHE C 41 6.80 -28.71 -2.51
C PHE C 41 7.69 -28.77 -3.75
N LEU C 42 9.00 -28.76 -3.52
CA LEU C 42 9.99 -29.02 -4.56
C LEU C 42 10.71 -30.31 -4.19
N SER C 43 10.68 -31.28 -5.11
CA SER C 43 11.28 -32.59 -4.90
C SER C 43 12.31 -32.84 -5.99
N LEU C 44 13.52 -33.21 -5.57
CA LEU C 44 14.61 -33.54 -6.48
C LEU C 44 15.06 -34.96 -6.20
N SER C 45 15.69 -35.58 -7.20
CA SER C 45 16.14 -36.96 -7.04
C SER C 45 17.24 -37.22 -8.05
N TRP C 46 18.42 -37.62 -7.56
CA TRP C 46 19.54 -37.89 -8.44
C TRP C 46 20.28 -39.12 -7.92
N LYS C 47 21.41 -39.43 -8.55
CA LYS C 47 22.21 -40.59 -8.19
C LYS C 47 23.63 -40.12 -7.86
N ASP C 48 24.02 -40.26 -6.60
CA ASP C 48 25.37 -39.95 -6.13
C ASP C 48 25.94 -41.25 -5.57
N ARG C 49 26.65 -42.00 -6.42
CA ARG C 49 27.16 -43.30 -6.01
C ARG C 49 28.10 -43.21 -4.81
N ARG C 50 28.71 -42.05 -4.58
CA ARG C 50 29.54 -41.88 -3.40
C ARG C 50 28.78 -42.17 -2.11
N LEU C 51 27.45 -42.05 -2.14
CA LEU C 51 26.62 -42.24 -0.95
C LEU C 51 26.05 -43.64 -0.83
N ALA C 52 26.33 -44.52 -1.80
CA ALA C 52 25.86 -45.89 -1.69
C ALA C 52 26.41 -46.54 -0.43
N PHE C 53 25.75 -47.60 0.01
CA PHE C 53 26.17 -48.26 1.24
C PHE C 53 25.59 -49.67 1.28
N ASP C 54 26.18 -50.49 2.15
CA ASP C 54 25.72 -51.86 2.31
C ASP C 54 24.51 -51.89 3.24
N PRO C 55 23.36 -52.39 2.78
CA PRO C 55 22.19 -52.44 3.67
C PRO C 55 22.30 -53.47 4.78
N VAL C 56 23.25 -54.40 4.69
CA VAL C 56 23.41 -55.42 5.72
C VAL C 56 24.38 -54.99 6.80
N ARG C 57 25.60 -54.58 6.41
CA ARG C 57 26.55 -54.06 7.39
C ARG C 57 25.96 -52.85 8.10
N SER C 58 25.40 -51.92 7.34
CA SER C 58 24.65 -50.81 7.93
C SER C 58 23.23 -51.29 8.23
N GLY C 59 22.86 -51.31 9.51
CA GLY C 59 21.58 -51.83 9.91
C GLY C 59 20.41 -50.96 9.51
N VAL C 60 20.67 -49.90 8.74
CA VAL C 60 19.65 -48.97 8.31
C VAL C 60 19.31 -49.22 6.85
N ARG C 61 18.05 -48.97 6.49
CA ARG C 61 17.56 -49.20 5.15
C ARG C 61 17.58 -47.96 4.26
N VAL C 62 17.73 -46.77 4.83
CA VAL C 62 17.66 -45.54 4.06
C VAL C 62 18.82 -44.62 4.41
N LYS C 63 18.84 -44.13 5.65
CA LYS C 63 19.87 -43.20 6.11
C LYS C 63 19.62 -41.80 5.55
N THR C 64 19.43 -40.84 6.45
CA THR C 64 19.11 -39.46 6.08
C THR C 64 20.29 -38.55 6.42
N TYR C 65 20.51 -37.55 5.57
CA TYR C 65 21.58 -36.60 5.75
C TYR C 65 21.02 -35.20 5.97
N GLU C 66 21.91 -34.30 6.35
CA GLU C 66 21.62 -32.89 6.47
C GLU C 66 22.09 -32.15 5.22
N PRO C 67 21.41 -31.08 4.82
CA PRO C 67 21.80 -30.39 3.58
C PRO C 67 23.28 -30.03 3.53
N GLU C 68 23.88 -29.69 4.67
CA GLU C 68 25.29 -29.35 4.71
C GLU C 68 26.21 -30.55 4.52
N ALA C 69 25.69 -31.77 4.63
CA ALA C 69 26.54 -32.95 4.62
C ALA C 69 26.90 -33.40 3.21
N ILE C 70 25.94 -33.38 2.28
CA ILE C 70 26.13 -33.94 0.95
C ILE C 70 25.98 -32.83 -0.09
N TRP C 71 26.50 -33.11 -1.28
CA TRP C 71 26.34 -32.20 -2.40
C TRP C 71 24.89 -32.17 -2.86
N ILE C 72 24.35 -30.98 -3.04
CA ILE C 72 22.98 -30.79 -3.52
C ILE C 72 23.00 -29.83 -4.69
N PRO C 73 22.27 -30.11 -5.77
CA PRO C 73 22.33 -29.23 -6.94
C PRO C 73 21.67 -27.88 -6.66
N GLU C 74 22.26 -26.82 -7.21
CA GLU C 74 21.71 -25.48 -7.09
C GLU C 74 20.57 -25.34 -8.10
N ILE C 75 19.34 -25.53 -7.63
CA ILE C 75 18.15 -25.37 -8.46
C ILE C 75 17.58 -24.00 -8.19
N ARG C 76 17.32 -23.23 -9.26
CA ARG C 76 16.82 -21.87 -9.13
C ARG C 76 15.59 -21.69 -10.00
N PHE C 77 14.70 -20.81 -9.55
CA PHE C 77 13.59 -20.36 -10.38
C PHE C 77 14.03 -19.14 -11.18
N VAL C 78 13.47 -19.02 -12.39
CA VAL C 78 13.83 -17.94 -13.31
C VAL C 78 12.89 -16.76 -13.09
N ASN C 79 11.61 -16.95 -13.44
CA ASN C 79 10.62 -15.88 -13.40
C ASN C 79 10.15 -15.61 -11.97
N VAL C 80 11.10 -15.23 -11.11
CA VAL C 80 10.80 -14.91 -9.73
C VAL C 80 11.42 -13.56 -9.39
N GLU C 81 10.80 -12.88 -8.42
CA GLU C 81 11.26 -11.54 -8.04
C GLU C 81 12.47 -11.62 -7.11
N ASN C 82 12.33 -12.35 -6.00
CA ASN C 82 13.43 -12.62 -5.11
C ASN C 82 13.63 -14.13 -5.00
N ALA C 83 14.81 -14.54 -4.55
CA ALA C 83 15.05 -15.95 -4.32
C ALA C 83 13.98 -16.50 -3.38
N ARG C 84 13.47 -17.69 -3.72
CA ARG C 84 12.40 -18.30 -2.93
C ARG C 84 12.86 -18.54 -1.49
N ASP C 85 11.88 -18.61 -0.59
CA ASP C 85 12.11 -18.98 0.80
C ASP C 85 11.76 -20.45 0.96
N ALA C 86 12.76 -21.29 1.19
CA ALA C 86 12.61 -22.73 1.24
C ALA C 86 13.05 -23.27 2.59
N ASP C 87 12.33 -24.29 3.07
CA ASP C 87 12.70 -25.04 4.26
C ASP C 87 12.86 -26.50 3.86
N VAL C 88 14.06 -27.04 4.04
CA VAL C 88 14.32 -28.42 3.64
C VAL C 88 13.49 -29.35 4.52
N VAL C 89 12.73 -30.23 3.89
CA VAL C 89 11.84 -31.13 4.61
C VAL C 89 12.51 -32.47 4.88
N ASP C 90 13.16 -33.05 3.88
CA ASP C 90 13.75 -34.37 4.09
C ASP C 90 14.80 -34.63 3.03
N ILE C 91 15.82 -35.42 3.41
CA ILE C 91 16.86 -35.88 2.50
C ILE C 91 17.12 -37.35 2.81
N SER C 92 16.84 -38.23 1.85
CA SER C 92 16.97 -39.66 2.05
C SER C 92 17.76 -40.27 0.90
N VAL C 93 18.85 -40.94 1.23
CA VAL C 93 19.69 -41.60 0.22
C VAL C 93 19.33 -43.07 0.17
N SER C 94 19.46 -43.65 -1.01
CA SER C 94 19.17 -45.06 -1.23
C SER C 94 20.44 -45.88 -1.14
N PRO C 95 20.32 -47.19 -0.90
CA PRO C 95 21.53 -48.03 -0.83
C PRO C 95 22.41 -47.93 -2.06
N ASP C 96 21.82 -47.66 -3.23
CA ASP C 96 22.59 -47.50 -4.46
C ASP C 96 23.11 -46.08 -4.65
N GLY C 97 22.71 -45.15 -3.80
CA GLY C 97 23.13 -43.77 -3.93
C GLY C 97 22.11 -42.82 -4.52
N THR C 98 20.82 -43.17 -4.52
CA THR C 98 19.79 -42.32 -5.09
C THR C 98 19.32 -41.34 -4.01
N VAL C 99 19.74 -40.09 -4.14
CA VAL C 99 19.36 -39.05 -3.19
C VAL C 99 17.98 -38.52 -3.57
N GLN C 100 17.09 -38.50 -2.58
CA GLN C 100 15.74 -37.94 -2.70
C GLN C 100 15.64 -36.75 -1.74
N TYR C 101 15.49 -35.57 -2.32
CA TYR C 101 15.48 -34.30 -1.61
C TYR C 101 14.08 -33.69 -1.68
N LEU C 102 13.61 -33.12 -0.57
CA LEU C 102 12.28 -32.55 -0.50
C LEU C 102 12.31 -31.28 0.34
N GLU C 103 11.89 -30.17 -0.27
CA GLU C 103 11.77 -28.88 0.41
C GLU C 103 10.39 -28.30 0.19
N ARG C 104 10.04 -27.31 1.01
CA ARG C 104 8.82 -26.54 0.84
C ARG C 104 9.20 -25.07 0.68
N PHE C 105 8.76 -24.46 -0.42
CA PHE C 105 9.15 -23.09 -0.74
C PHE C 105 7.91 -22.23 -0.96
N SER C 106 8.11 -20.92 -0.81
CA SER C 106 7.15 -19.91 -1.21
C SER C 106 7.88 -18.87 -2.04
N ALA C 107 7.26 -18.42 -3.13
CA ALA C 107 7.91 -17.47 -4.01
C ALA C 107 6.85 -16.62 -4.69
N ARG C 108 7.28 -15.44 -5.13
CA ARG C 108 6.42 -14.53 -5.88
C ARG C 108 6.81 -14.68 -7.35
N VAL C 109 5.98 -15.41 -8.09
CA VAL C 109 6.23 -15.71 -9.50
C VAL C 109 5.75 -14.56 -10.36
N LEU C 110 6.55 -14.23 -11.39
CA LEU C 110 6.27 -13.17 -12.33
C LEU C 110 6.00 -13.81 -13.70
N SER C 111 4.73 -13.81 -14.10
CA SER C 111 4.30 -14.42 -15.35
C SER C 111 3.38 -13.46 -16.10
N PRO C 112 3.67 -13.15 -17.36
CA PRO C 112 2.81 -12.21 -18.10
C PRO C 112 1.45 -12.80 -18.42
N LEU C 113 0.47 -11.91 -18.57
CA LEU C 113 -0.90 -12.29 -18.86
C LEU C 113 -1.32 -11.69 -20.20
N ASP C 114 -2.28 -12.35 -20.84
CA ASP C 114 -2.83 -11.93 -22.14
C ASP C 114 -4.26 -11.48 -21.91
N PHE C 115 -4.48 -10.18 -21.86
CA PHE C 115 -5.77 -9.59 -21.54
C PHE C 115 -6.64 -9.34 -22.77
N ARG C 116 -6.29 -9.90 -23.92
CA ARG C 116 -7.04 -9.64 -25.13
C ARG C 116 -8.49 -10.11 -25.01
N ARG C 117 -8.70 -11.29 -24.43
CA ARG C 117 -10.03 -11.84 -24.22
C ARG C 117 -10.59 -11.52 -22.84
N TYR C 118 -9.92 -10.65 -22.09
CA TYR C 118 -10.37 -10.26 -20.76
C TYR C 118 -11.76 -9.60 -20.85
N PRO C 119 -12.67 -9.89 -19.91
CA PRO C 119 -12.47 -10.79 -18.76
C PRO C 119 -12.86 -12.24 -19.03
N PHE C 120 -13.03 -12.61 -20.31
CA PHE C 120 -13.28 -13.98 -20.70
C PHE C 120 -12.00 -14.73 -21.05
N ASP C 121 -10.91 -14.38 -20.39
CA ASP C 121 -9.58 -14.85 -20.75
C ASP C 121 -9.21 -16.12 -19.97
N SER C 122 -8.36 -16.92 -20.58
CA SER C 122 -7.67 -18.01 -19.91
C SER C 122 -6.18 -17.73 -19.94
N GLN C 123 -5.48 -18.10 -18.88
CA GLN C 123 -4.07 -17.81 -18.71
C GLN C 123 -3.29 -19.10 -18.48
N THR C 124 -1.99 -19.05 -18.78
CA THR C 124 -1.06 -20.13 -18.48
C THR C 124 0.09 -19.51 -17.69
N LEU C 125 -0.01 -19.58 -16.37
CA LEU C 125 1.07 -19.12 -15.51
C LEU C 125 2.26 -20.07 -15.64
N HIS C 126 3.46 -19.50 -15.69
CA HIS C 126 4.69 -20.28 -15.88
C HIS C 126 5.54 -20.21 -14.63
N ILE C 127 6.09 -21.36 -14.24
CA ILE C 127 7.12 -21.47 -13.21
C ILE C 127 8.30 -22.17 -13.86
N TYR C 128 9.41 -21.46 -14.01
CA TYR C 128 10.57 -21.96 -14.72
C TYR C 128 11.65 -22.40 -13.73
N LEU C 129 11.95 -23.70 -13.74
CA LEU C 129 13.11 -24.20 -13.04
C LEU C 129 14.33 -24.10 -13.94
N ILE C 130 15.51 -24.02 -13.34
CA ILE C 130 16.75 -23.91 -14.10
C ILE C 130 17.89 -24.35 -13.22
N VAL C 131 18.88 -24.99 -13.82
CA VAL C 131 20.11 -25.40 -13.15
C VAL C 131 21.28 -25.12 -14.10
N ARG C 132 22.38 -24.63 -13.54
CA ARG C 132 23.56 -24.29 -14.31
C ARG C 132 24.63 -25.35 -14.09
N SER C 133 25.18 -25.87 -15.18
CA SER C 133 26.16 -26.93 -15.11
C SER C 133 27.48 -26.42 -14.55
N VAL C 134 28.15 -27.27 -13.77
CA VAL C 134 29.47 -26.97 -13.23
C VAL C 134 30.53 -27.42 -14.23
N ASP C 135 31.79 -27.07 -13.97
CA ASP C 135 32.86 -27.45 -14.87
C ASP C 135 33.21 -28.93 -14.76
N THR C 136 32.84 -29.58 -13.66
CA THR C 136 33.16 -30.99 -13.50
C THR C 136 32.19 -31.90 -14.26
N ARG C 137 30.93 -31.47 -14.41
CA ARG C 137 29.92 -32.31 -15.02
C ARG C 137 28.74 -31.45 -15.42
N ASN C 138 28.08 -31.83 -16.51
CA ASN C 138 26.85 -31.17 -16.94
C ASN C 138 25.64 -31.75 -16.21
N ILE C 139 24.74 -30.87 -15.80
CA ILE C 139 23.54 -31.25 -15.07
C ILE C 139 22.32 -30.96 -15.94
N VAL C 140 21.39 -31.91 -15.99
CA VAL C 140 20.20 -31.83 -16.82
C VAL C 140 18.99 -32.06 -15.94
N LEU C 141 17.90 -31.35 -16.23
CA LEU C 141 16.67 -31.45 -15.45
C LEU C 141 15.69 -32.41 -16.12
N ALA C 142 14.93 -33.12 -15.28
CA ALA C 142 13.90 -34.04 -15.73
C ALA C 142 12.67 -33.82 -14.87
N VAL C 143 11.58 -34.50 -15.24
CA VAL C 143 10.29 -34.36 -14.58
C VAL C 143 9.85 -35.73 -14.07
N ASP C 144 9.57 -35.81 -12.78
CA ASP C 144 9.04 -37.02 -12.15
C ASP C 144 7.54 -36.84 -12.02
N LEU C 145 6.78 -37.43 -12.95
CA LEU C 145 5.33 -37.24 -12.96
C LEU C 145 4.71 -37.70 -11.65
N GLU C 146 5.34 -38.63 -10.95
CA GLU C 146 4.85 -39.05 -9.64
C GLU C 146 4.91 -37.91 -8.62
N LYS C 147 5.78 -36.93 -8.84
CA LYS C 147 6.03 -35.86 -7.88
C LYS C 147 5.43 -34.53 -8.32
N VAL C 148 4.53 -34.53 -9.30
CA VAL C 148 3.89 -33.32 -9.78
C VAL C 148 2.40 -33.41 -9.46
N GLY C 149 1.82 -32.29 -9.06
CA GLY C 149 0.42 -32.24 -8.71
C GLY C 149 0.13 -31.03 -7.86
N LYS C 150 -1.08 -31.02 -7.30
CA LYS C 150 -1.52 -29.90 -6.48
C LYS C 150 -2.63 -30.38 -5.55
N ASN C 151 -2.68 -29.77 -4.37
CA ASN C 151 -3.71 -30.11 -3.40
C ASN C 151 -5.09 -29.76 -3.95
N ASP C 152 -6.11 -30.45 -3.44
CA ASP C 152 -7.48 -30.19 -3.90
C ASP C 152 -7.99 -28.84 -3.43
N ASP C 153 -7.55 -28.37 -2.25
CA ASP C 153 -8.03 -27.11 -1.69
C ASP C 153 -7.23 -25.90 -2.17
N VAL C 154 -6.61 -26.00 -3.35
CA VAL C 154 -5.93 -24.86 -3.95
C VAL C 154 -6.97 -24.03 -4.70
N PHE C 155 -7.02 -22.74 -4.41
CA PHE C 155 -8.07 -21.87 -4.94
C PHE C 155 -7.50 -20.53 -5.34
N LEU C 156 -7.98 -20.02 -6.48
CA LEU C 156 -7.70 -18.66 -6.94
C LEU C 156 -9.04 -17.93 -6.89
N THR C 157 -9.20 -17.07 -5.88
CA THR C 157 -10.47 -16.48 -5.51
C THR C 157 -11.30 -15.99 -6.69
N GLY C 158 -10.64 -15.52 -7.75
CA GLY C 158 -11.33 -15.03 -8.92
C GLY C 158 -11.20 -15.90 -10.16
N TRP C 159 -10.62 -17.10 -10.03
CA TRP C 159 -10.32 -17.93 -11.18
C TRP C 159 -10.76 -19.38 -10.94
N ASP C 160 -10.90 -20.10 -12.06
CA ASP C 160 -11.06 -21.54 -12.07
C ASP C 160 -9.74 -22.16 -12.53
N ILE C 161 -9.20 -23.06 -11.73
CA ILE C 161 -7.91 -23.68 -12.01
C ILE C 161 -8.13 -24.92 -12.87
N GLU C 162 -7.54 -24.92 -14.07
CA GLU C 162 -7.73 -25.97 -15.07
C GLU C 162 -6.80 -27.16 -14.82
N SER C 163 -5.49 -26.92 -14.77
CA SER C 163 -4.54 -28.01 -14.63
C SER C 163 -3.17 -27.44 -14.27
N PHE C 164 -2.31 -28.31 -13.75
CA PHE C 164 -0.91 -27.98 -13.46
C PHE C 164 -0.04 -29.13 -13.95
N THR C 165 0.69 -28.91 -15.05
CA THR C 165 1.53 -29.92 -15.66
C THR C 165 2.92 -29.34 -15.91
N ALA C 166 3.80 -30.15 -16.48
CA ALA C 166 5.16 -29.73 -16.78
C ALA C 166 5.60 -30.30 -18.12
N VAL C 167 6.37 -29.50 -18.85
CA VAL C 167 6.93 -29.93 -20.14
C VAL C 167 8.13 -30.82 -19.87
N VAL C 168 8.06 -32.08 -20.31
CA VAL C 168 9.07 -33.07 -19.94
C VAL C 168 10.42 -32.69 -20.53
N LYS C 169 10.45 -32.35 -21.81
CA LYS C 169 11.70 -32.05 -22.49
C LYS C 169 12.23 -30.69 -22.02
N PRO C 170 13.37 -30.63 -21.34
CA PRO C 170 13.89 -29.35 -20.89
C PRO C 170 14.58 -28.59 -22.00
N ALA C 171 14.71 -27.28 -21.78
CA ALA C 171 15.37 -26.37 -22.72
C ALA C 171 16.79 -26.13 -22.23
N ASN C 172 17.75 -26.73 -22.92
CA ASN C 172 19.16 -26.56 -22.59
C ASN C 172 19.77 -25.55 -23.56
N PHE C 173 20.59 -24.66 -23.02
CA PHE C 173 21.11 -23.55 -23.81
C PHE C 173 22.37 -23.00 -23.15
N ALA C 174 23.14 -22.23 -23.92
CA ALA C 174 24.36 -21.63 -23.42
C ALA C 174 24.10 -20.27 -22.80
N LEU C 175 24.72 -20.03 -21.64
CA LEU C 175 24.61 -18.76 -20.94
C LEU C 175 25.93 -18.49 -20.24
N GLU C 176 26.58 -17.39 -20.63
CA GLU C 176 27.85 -16.96 -20.03
C GLU C 176 28.84 -18.12 -19.95
N ASP C 177 28.99 -18.85 -21.05
CA ASP C 177 29.97 -19.92 -21.19
C ASP C 177 29.65 -21.14 -20.33
N ARG C 178 28.40 -21.33 -19.93
CA ARG C 178 28.02 -22.53 -19.19
C ARG C 178 26.68 -23.03 -19.69
N LEU C 179 26.47 -24.34 -19.58
CA LEU C 179 25.22 -24.94 -20.02
C LEU C 179 24.16 -24.79 -18.94
N GLU C 180 22.96 -24.41 -19.37
CA GLU C 180 21.81 -24.21 -18.49
C GLU C 180 20.66 -25.09 -18.95
N SER C 181 19.96 -25.68 -17.97
CA SER C 181 18.80 -26.52 -18.25
C SER C 181 17.58 -25.91 -17.57
N LYS C 182 16.52 -25.70 -18.37
CA LYS C 182 15.32 -25.00 -17.90
C LYS C 182 14.11 -25.90 -18.07
N LEU C 183 13.27 -25.99 -17.04
CA LEU C 183 12.01 -26.70 -17.09
C LEU C 183 10.86 -25.71 -16.98
N ASP C 184 9.75 -26.04 -17.62
CA ASP C 184 8.59 -25.16 -17.74
C ASP C 184 7.38 -25.85 -17.10
N TYR C 185 7.04 -25.43 -15.88
CA TYR C 185 5.78 -25.85 -15.25
C TYR C 185 4.68 -24.86 -15.61
N GLN C 186 3.51 -25.39 -15.94
CA GLN C 186 2.42 -24.59 -16.47
C GLN C 186 1.17 -24.81 -15.63
N LEU C 187 0.64 -23.72 -15.07
CA LEU C 187 -0.61 -23.71 -14.32
C LEU C 187 -1.65 -22.96 -15.15
N ARG C 188 -2.60 -23.68 -15.71
CA ARG C 188 -3.62 -23.11 -16.56
C ARG C 188 -4.82 -22.70 -15.73
N ILE C 189 -5.38 -21.52 -16.04
CA ILE C 189 -6.53 -20.99 -15.32
C ILE C 189 -7.46 -20.31 -16.31
N SER C 190 -8.72 -20.14 -15.89
CA SER C 190 -9.72 -19.41 -16.66
C SER C 190 -10.46 -18.47 -15.73
N ARG C 191 -10.56 -17.20 -16.11
CA ARG C 191 -11.12 -16.20 -15.21
C ARG C 191 -12.63 -16.36 -15.06
N GLN C 192 -13.12 -16.04 -13.88
CA GLN C 192 -14.56 -16.02 -13.60
C GLN C 192 -15.08 -14.61 -13.88
N TYR C 193 -15.82 -14.46 -14.97
CA TYR C 193 -16.23 -13.15 -15.46
C TYR C 193 -17.46 -12.60 -14.75
N GLY C 194 -18.17 -13.40 -13.97
CA GLY C 194 -19.41 -12.94 -13.36
C GLY C 194 -19.24 -11.64 -12.59
N TYR C 195 -18.16 -11.53 -11.81
CA TYR C 195 -17.93 -10.32 -11.03
C TYR C 195 -18.00 -9.07 -11.89
N PHE C 196 -17.49 -9.15 -13.12
CA PHE C 196 -17.47 -7.99 -13.99
C PHE C 196 -18.84 -7.71 -14.61
N VAL C 197 -19.66 -8.75 -14.81
CA VAL C 197 -20.99 -8.54 -15.38
C VAL C 197 -21.76 -7.52 -14.57
N ILE C 198 -21.67 -7.60 -13.24
CA ILE C 198 -22.32 -6.63 -12.37
C ILE C 198 -21.40 -5.48 -11.98
N GLN C 199 -20.12 -5.55 -12.32
CA GLN C 199 -19.19 -4.48 -12.01
C GLN C 199 -19.08 -3.44 -13.12
N THR C 200 -19.27 -3.84 -14.37
CA THR C 200 -19.06 -2.94 -15.49
C THR C 200 -20.14 -3.10 -16.56
N TYR C 201 -20.43 -4.33 -16.93
CA TYR C 201 -21.34 -4.58 -18.05
C TYR C 201 -22.74 -4.06 -17.76
N LEU C 202 -23.25 -4.32 -16.55
CA LEU C 202 -24.58 -3.82 -16.19
C LEU C 202 -24.63 -2.29 -16.16
N PRO C 203 -23.71 -1.59 -15.49
CA PRO C 203 -23.74 -0.12 -15.56
C PRO C 203 -23.75 0.40 -16.99
N CYS C 204 -23.01 -0.24 -17.89
CA CYS C 204 -22.95 0.20 -19.28
C CYS C 204 -24.29 -0.01 -19.98
N ILE C 205 -24.85 -1.22 -19.87
CA ILE C 205 -26.12 -1.50 -20.52
C ILE C 205 -27.21 -0.57 -20.00
N MET C 206 -27.30 -0.44 -18.67
CA MET C 206 -28.32 0.42 -18.08
C MET C 206 -28.08 1.88 -18.46
N THR C 207 -26.84 2.28 -18.70
CA THR C 207 -26.60 3.64 -19.16
C THR C 207 -27.06 3.84 -20.60
N VAL C 208 -26.90 2.80 -21.43
CA VAL C 208 -27.43 2.89 -22.80
C VAL C 208 -28.95 2.98 -22.79
N ILE C 209 -29.60 2.12 -22.00
CA ILE C 209 -31.06 2.17 -21.90
C ILE C 209 -31.51 3.53 -21.39
N LEU C 210 -30.88 4.00 -20.30
CA LEU C 210 -31.21 5.31 -19.77
C LEU C 210 -31.05 6.40 -20.81
N SER C 211 -30.03 6.28 -21.67
CA SER C 211 -29.86 7.26 -22.73
C SER C 211 -31.00 7.17 -23.74
N GLN C 212 -31.51 5.97 -23.99
CA GLN C 212 -32.61 5.82 -24.93
C GLN C 212 -33.92 6.35 -24.36
N VAL C 213 -34.06 6.36 -23.03
CA VAL C 213 -35.27 6.90 -22.41
C VAL C 213 -35.53 8.34 -22.84
N SER C 214 -34.49 9.07 -23.25
CA SER C 214 -34.67 10.47 -23.62
C SER C 214 -35.51 10.62 -24.88
N PHE C 215 -35.49 9.62 -25.76
CA PHE C 215 -36.24 9.73 -27.02
C PHE C 215 -37.74 9.78 -26.79
N TRP C 216 -38.22 9.34 -25.63
CA TRP C 216 -39.63 9.34 -25.32
C TRP C 216 -40.09 10.60 -24.59
N LEU C 217 -39.17 11.49 -24.25
CA LEU C 217 -39.54 12.77 -23.66
C LEU C 217 -39.95 13.76 -24.75
N ASN C 218 -40.85 14.67 -24.39
CA ASN C 218 -41.33 15.67 -25.33
C ASN C 218 -40.16 16.45 -25.91
N ARG C 219 -40.22 16.72 -27.22
CA ARG C 219 -39.15 17.45 -27.88
C ARG C 219 -39.06 18.90 -27.42
N GLU C 220 -40.12 19.44 -26.82
CA GLU C 220 -40.09 20.84 -26.39
C GLU C 220 -39.36 21.00 -25.06
N SER C 221 -39.37 19.98 -24.21
CA SER C 221 -38.66 20.04 -22.93
C SER C 221 -37.19 19.70 -23.20
N VAL C 222 -36.46 20.70 -23.68
CA VAL C 222 -35.07 20.54 -24.07
C VAL C 222 -34.19 20.21 -22.87
N PRO C 223 -34.22 21.01 -21.80
CA PRO C 223 -33.32 20.76 -20.66
C PRO C 223 -33.36 19.33 -20.15
N ALA C 224 -34.53 18.70 -20.09
CA ALA C 224 -34.62 17.32 -19.64
C ALA C 224 -33.75 16.40 -20.51
N ARG C 225 -34.00 16.42 -21.82
CA ARG C 225 -33.22 15.58 -22.73
C ARG C 225 -31.74 15.92 -22.68
N THR C 226 -31.41 17.20 -22.49
CA THR C 226 -30.01 17.58 -22.31
C THR C 226 -29.40 16.87 -21.10
N VAL C 227 -30.10 16.92 -19.96
CA VAL C 227 -29.61 16.23 -18.76
C VAL C 227 -29.38 14.75 -19.05
N PHE C 228 -30.38 14.10 -19.64
CA PHE C 228 -30.25 12.68 -19.97
C PHE C 228 -28.99 12.43 -20.80
N VAL C 229 -28.89 13.09 -21.95
CA VAL C 229 -27.79 12.82 -22.88
C VAL C 229 -26.45 13.07 -22.22
N VAL C 230 -26.27 14.26 -21.64
CA VAL C 230 -24.97 14.64 -21.08
C VAL C 230 -24.57 13.66 -19.99
N THR C 231 -25.48 13.39 -19.04
CA THR C 231 -25.14 12.51 -17.94
C THR C 231 -24.80 11.11 -18.43
N THR C 232 -25.49 10.63 -19.46
CA THR C 232 -25.17 9.29 -19.98
C THR C 232 -23.80 9.27 -20.65
N VAL C 233 -23.44 10.33 -21.37
CA VAL C 233 -22.13 10.36 -22.02
C VAL C 233 -21.03 10.39 -20.97
N LEU C 234 -21.13 11.28 -19.99
CA LEU C 234 -20.12 11.35 -18.94
C LEU C 234 -20.05 10.03 -18.18
N THR C 235 -21.20 9.41 -17.90
CA THR C 235 -21.20 8.10 -17.23
C THR C 235 -20.43 7.08 -18.06
N MET C 236 -20.63 7.08 -19.38
CA MET C 236 -19.85 6.18 -20.24
C MET C 236 -18.36 6.43 -20.09
N THR C 237 -17.94 7.70 -20.17
CA THR C 237 -16.51 7.99 -20.05
C THR C 237 -15.95 7.50 -18.72
N THR C 238 -16.65 7.79 -17.62
CA THR C 238 -16.19 7.37 -16.30
C THR C 238 -16.10 5.85 -16.20
N LEU C 239 -17.12 5.13 -16.70
CA LEU C 239 -17.06 3.68 -16.66
C LEU C 239 -15.90 3.14 -17.48
N SER C 240 -15.60 3.78 -18.61
CA SER C 240 -14.46 3.37 -19.43
C SER C 240 -13.17 3.50 -18.64
N ILE C 241 -12.87 4.71 -18.16
CA ILE C 241 -11.63 4.92 -17.42
C ILE C 241 -11.54 3.99 -16.22
N SER C 242 -12.59 3.97 -15.40
CA SER C 242 -12.62 3.09 -14.23
C SER C 242 -12.33 1.65 -14.60
N ALA C 243 -12.90 1.18 -15.71
CA ALA C 243 -12.70 -0.21 -16.12
C ALA C 243 -11.25 -0.45 -16.52
N ARG C 244 -10.68 0.44 -17.33
CA ARG C 244 -9.29 0.27 -17.74
C ARG C 244 -8.30 0.45 -16.58
N ASN C 245 -8.73 1.01 -15.45
CA ASN C 245 -7.83 1.18 -14.32
C ASN C 245 -7.51 -0.14 -13.61
N SER C 246 -8.19 -1.23 -13.94
CA SER C 246 -7.95 -2.51 -13.30
C SER C 246 -6.84 -3.32 -13.95
N LEU C 247 -6.41 -2.95 -15.15
CA LEU C 247 -5.44 -3.71 -15.93
C LEU C 247 -4.08 -3.01 -15.95
N PRO C 248 -3.03 -3.73 -16.32
CA PRO C 248 -1.74 -3.09 -16.54
C PRO C 248 -1.78 -2.25 -17.81
N LYS C 249 -0.78 -1.37 -17.94
CA LYS C 249 -0.74 -0.47 -19.09
C LYS C 249 -0.46 -1.24 -20.37
N VAL C 250 -1.37 -2.15 -20.73
CA VAL C 250 -1.24 -2.89 -21.97
C VAL C 250 -1.56 -1.98 -23.15
N ALA C 251 -0.92 -2.25 -24.28
CA ALA C 251 -1.12 -1.40 -25.46
C ALA C 251 -2.38 -1.75 -26.23
N TYR C 252 -2.82 -3.00 -26.15
CA TYR C 252 -3.95 -3.47 -26.94
C TYR C 252 -5.28 -3.15 -26.23
N ALA C 253 -6.37 -3.68 -26.75
CA ALA C 253 -7.71 -3.47 -26.19
C ALA C 253 -8.35 -4.80 -25.86
N THR C 254 -9.06 -4.85 -24.75
CA THR C 254 -9.71 -6.07 -24.30
C THR C 254 -11.12 -6.17 -24.87
N ALA C 255 -11.76 -7.33 -24.63
CA ALA C 255 -13.16 -7.48 -25.03
C ALA C 255 -14.04 -6.49 -24.29
N MET C 256 -13.80 -6.30 -23.00
CA MET C 256 -14.50 -5.26 -22.24
C MET C 256 -14.29 -3.90 -22.88
N ASP C 257 -13.08 -3.64 -23.38
CA ASP C 257 -12.83 -2.39 -24.09
C ASP C 257 -13.76 -2.25 -25.28
N TRP C 258 -13.99 -3.34 -26.02
CA TRP C 258 -14.89 -3.29 -27.16
C TRP C 258 -16.32 -3.05 -26.74
N PHE C 259 -16.78 -3.75 -25.70
CA PHE C 259 -18.16 -3.55 -25.23
C PHE C 259 -18.37 -2.11 -24.80
N ILE C 260 -17.48 -1.58 -23.97
CA ILE C 260 -17.60 -0.19 -23.53
C ILE C 260 -17.54 0.75 -24.72
N ALA C 261 -16.72 0.43 -25.73
CA ALA C 261 -16.61 1.29 -26.89
C ALA C 261 -17.92 1.35 -27.66
N VAL C 262 -18.55 0.19 -27.89
CA VAL C 262 -19.83 0.17 -28.59
C VAL C 262 -20.90 0.89 -27.79
N CYS C 263 -20.93 0.67 -26.46
CA CYS C 263 -21.87 1.39 -25.63
C CYS C 263 -21.69 2.90 -25.77
N TYR C 264 -20.44 3.37 -25.74
CA TYR C 264 -20.17 4.79 -25.94
C TYR C 264 -20.65 5.23 -27.32
N ALA C 265 -20.54 4.36 -28.32
CA ALA C 265 -21.05 4.69 -29.65
C ALA C 265 -22.56 4.89 -29.62
N PHE C 266 -23.29 4.02 -28.92
CA PHE C 266 -24.74 4.19 -28.82
C PHE C 266 -25.10 5.48 -28.08
N VAL C 267 -24.41 5.76 -26.97
CA VAL C 267 -24.76 6.95 -26.18
C VAL C 267 -24.46 8.22 -26.97
N PHE C 268 -23.26 8.31 -27.54
CA PHE C 268 -22.93 9.48 -28.34
C PHE C 268 -23.82 9.60 -29.56
N SER C 269 -24.25 8.47 -30.12
CA SER C 269 -25.23 8.50 -31.19
C SER C 269 -26.54 9.12 -30.73
N ALA C 270 -26.97 8.78 -29.50
CA ALA C 270 -28.15 9.41 -28.94
C ALA C 270 -27.93 10.92 -28.75
N LEU C 271 -26.72 11.32 -28.40
CA LEU C 271 -26.42 12.75 -28.29
C LEU C 271 -26.56 13.44 -29.65
N ILE C 272 -25.92 12.89 -30.68
CA ILE C 272 -26.03 13.47 -32.02
C ILE C 272 -27.49 13.52 -32.45
N GLU C 273 -28.26 12.50 -32.06
CA GLU C 273 -29.68 12.47 -32.40
C GLU C 273 -30.42 13.62 -31.72
N PHE C 274 -30.18 13.82 -30.43
CA PHE C 274 -30.80 14.93 -29.72
C PHE C 274 -30.45 16.27 -30.36
N ALA C 275 -29.17 16.44 -30.74
CA ALA C 275 -28.78 17.69 -31.39
C ALA C 275 -29.51 17.87 -32.71
N THR C 276 -29.60 16.80 -33.51
CA THR C 276 -30.30 16.89 -34.79
C THR C 276 -31.76 17.27 -34.61
N VAL C 277 -32.47 16.51 -33.77
CA VAL C 277 -33.89 16.77 -33.54
C VAL C 277 -34.10 18.20 -33.02
N ASN C 278 -33.30 18.60 -32.04
CA ASN C 278 -33.39 19.97 -31.54
C ASN C 278 -33.14 20.98 -32.64
N TYR C 279 -32.32 20.62 -33.64
CA TYR C 279 -32.07 21.53 -34.75
C TYR C 279 -33.25 21.60 -35.72
N PHE C 280 -34.06 20.54 -35.80
CA PHE C 280 -35.19 20.47 -36.72
C PHE C 280 -36.54 20.61 -36.00
N THR C 281 -36.55 21.12 -34.76
CA THR C 281 -37.80 21.16 -34.00
C THR C 281 -38.70 22.29 -34.47
N LYS C 282 -38.17 23.51 -34.58
CA LYS C 282 -39.00 24.64 -35.00
C LYS C 282 -39.38 24.53 -36.48
N SER C 283 -38.37 24.43 -37.34
CA SER C 283 -38.61 24.26 -38.77
C SER C 283 -38.58 22.78 -39.13
N GLN C 284 -39.62 22.31 -39.80
CA GLN C 284 -39.75 20.93 -40.21
C GLN C 284 -40.01 20.02 -39.01
N PRO C 285 -41.02 20.31 -38.19
CA PRO C 285 -41.29 19.41 -37.04
C PRO C 285 -41.61 17.99 -37.46
N ALA C 286 -42.14 17.79 -38.67
CA ALA C 286 -42.41 16.44 -39.14
C ALA C 286 -41.12 15.63 -39.25
N ARG C 287 -40.03 16.26 -39.70
CA ARG C 287 -38.75 15.56 -39.79
C ARG C 287 -38.29 15.12 -38.41
N ALA C 288 -38.29 16.03 -37.44
CA ALA C 288 -37.88 15.68 -36.09
C ALA C 288 -38.73 14.54 -35.53
N ALA C 289 -40.05 14.63 -35.72
CA ALA C 289 -40.94 13.56 -35.26
C ALA C 289 -40.55 12.24 -35.89
N LYS C 290 -40.21 12.24 -37.19
CA LYS C 290 -39.78 11.01 -37.83
C LYS C 290 -38.49 10.51 -37.21
N ILE C 291 -37.56 11.42 -36.89
CA ILE C 291 -36.28 11.04 -36.30
C ILE C 291 -36.50 10.30 -34.98
N ASP C 292 -37.28 10.91 -34.08
CA ASP C 292 -37.55 10.26 -32.80
C ASP C 292 -38.28 8.93 -33.00
N ARG C 293 -39.32 8.95 -33.84
CA ARG C 293 -40.11 7.74 -34.07
C ARG C 293 -39.23 6.58 -34.52
N LEU C 294 -38.29 6.84 -35.44
CA LEU C 294 -37.42 5.77 -35.91
C LEU C 294 -36.42 5.37 -34.84
N SER C 295 -35.82 6.34 -34.14
CA SER C 295 -34.81 6.03 -33.14
C SER C 295 -35.36 5.11 -32.06
N ARG C 296 -36.59 5.38 -31.58
CA ARG C 296 -37.17 4.58 -30.52
C ARG C 296 -37.22 3.09 -30.85
N ILE C 297 -37.16 2.73 -32.12
CA ILE C 297 -37.18 1.33 -32.53
C ILE C 297 -35.81 0.84 -32.98
N ALA C 298 -35.00 1.69 -33.62
CA ALA C 298 -33.71 1.24 -34.12
C ALA C 298 -32.70 1.09 -32.99
N PHE C 299 -32.62 2.08 -32.10
CA PHE C 299 -31.60 2.03 -31.05
C PHE C 299 -31.67 0.77 -30.22
N PRO C 300 -32.77 0.49 -29.50
CA PRO C 300 -32.80 -0.74 -28.69
C PRO C 300 -32.68 -2.01 -29.52
N LEU C 301 -33.07 -1.96 -30.80
CA LEU C 301 -32.96 -3.15 -31.64
C LEU C 301 -31.51 -3.43 -32.02
N LEU C 302 -30.81 -2.42 -32.54
CA LEU C 302 -29.40 -2.58 -32.83
C LEU C 302 -28.60 -2.93 -31.58
N PHE C 303 -28.98 -2.36 -30.43
CA PHE C 303 -28.30 -2.68 -29.19
C PHE C 303 -28.54 -4.13 -28.79
N GLY C 304 -29.78 -4.60 -28.88
CA GLY C 304 -30.06 -6.00 -28.58
C GLY C 304 -29.31 -6.95 -29.50
N ILE C 305 -29.30 -6.65 -30.81
CA ILE C 305 -28.56 -7.47 -31.75
C ILE C 305 -27.08 -7.49 -31.38
N PHE C 306 -26.52 -6.32 -31.06
CA PHE C 306 -25.11 -6.25 -30.67
C PHE C 306 -24.84 -7.13 -29.46
N ASN C 307 -25.62 -6.97 -28.39
CA ASN C 307 -25.45 -7.83 -27.23
C ASN C 307 -25.53 -9.30 -27.61
N LEU C 308 -26.43 -9.63 -28.53
CA LEU C 308 -26.55 -11.02 -28.97
C LEU C 308 -25.24 -11.52 -29.57
N VAL C 309 -24.67 -10.76 -30.51
CA VAL C 309 -23.43 -11.19 -31.16
C VAL C 309 -22.28 -11.22 -30.16
N TYR C 310 -22.20 -10.22 -29.28
CA TYR C 310 -21.09 -10.13 -28.34
C TYR C 310 -21.12 -11.29 -27.35
N TRP C 311 -22.20 -11.39 -26.57
CA TRP C 311 -22.29 -12.45 -25.58
C TRP C 311 -22.28 -13.83 -26.23
N ALA C 312 -22.81 -13.95 -27.45
CA ALA C 312 -22.70 -15.22 -28.16
C ALA C 312 -21.25 -15.55 -28.48
N THR C 313 -20.46 -14.53 -28.81
CA THR C 313 -19.08 -14.75 -29.21
C THR C 313 -18.19 -15.10 -28.02
N TYR C 314 -18.24 -14.29 -26.95
CA TYR C 314 -17.31 -14.44 -25.85
C TYR C 314 -17.74 -15.46 -24.80
N LEU C 315 -18.79 -16.23 -25.08
CA LEU C 315 -19.19 -17.31 -24.17
C LEU C 315 -19.32 -18.63 -24.91
N VAL D 4 20.18 -35.06 14.95
CA VAL D 4 19.45 -35.96 15.81
C VAL D 4 18.35 -36.65 15.00
N SER D 5 17.72 -37.67 15.58
CA SER D 5 16.73 -38.45 14.85
C SER D 5 15.55 -38.78 15.76
N PRO D 6 14.43 -39.26 15.20
CA PRO D 6 13.22 -39.39 16.01
C PRO D 6 13.37 -40.51 17.02
N PRO D 7 12.64 -40.44 18.14
CA PRO D 7 12.77 -41.47 19.15
C PRO D 7 12.32 -42.82 18.61
N PRO D 8 12.92 -43.90 19.09
CA PRO D 8 12.57 -45.22 18.57
C PRO D 8 11.20 -45.65 19.08
N PRO D 9 10.43 -46.39 18.28
CA PRO D 9 9.15 -46.89 18.76
C PRO D 9 9.35 -48.03 19.76
N ILE D 10 8.60 -47.97 20.86
CA ILE D 10 8.68 -49.01 21.87
C ILE D 10 8.21 -50.36 21.36
N ALA D 11 7.69 -50.41 20.14
CA ALA D 11 7.28 -51.66 19.50
C ALA D 11 7.15 -51.44 18.00
N ASP D 12 5.93 -51.15 17.55
CA ASP D 12 5.69 -50.72 16.17
C ASP D 12 4.53 -49.74 16.18
N GLU D 13 4.62 -48.73 17.04
CA GLU D 13 3.50 -47.85 17.29
C GLU D 13 3.80 -46.43 16.83
N PRO D 14 2.81 -45.70 16.35
CA PRO D 14 3.06 -44.33 15.89
C PRO D 14 3.32 -43.37 17.05
N LEU D 15 4.14 -42.37 16.76
CA LEU D 15 4.44 -41.31 17.72
C LEU D 15 3.45 -40.17 17.58
N THR D 16 2.66 -39.93 18.63
CA THR D 16 1.68 -38.86 18.64
C THR D 16 2.22 -37.63 19.33
N VAL D 17 1.99 -36.47 18.74
CA VAL D 17 2.41 -35.18 19.26
C VAL D 17 1.16 -34.43 19.67
N ASN D 18 1.00 -34.20 20.98
CA ASN D 18 -0.14 -33.48 21.50
C ASN D 18 0.05 -31.98 21.27
N THR D 19 -0.81 -31.39 20.45
CA THR D 19 -0.68 -30.00 20.05
C THR D 19 -1.75 -29.14 20.69
N GLY D 20 -1.47 -27.84 20.76
CA GLY D 20 -2.42 -26.88 21.27
C GLY D 20 -2.04 -25.45 20.90
N ILE D 21 -3.04 -24.64 20.54
CA ILE D 21 -2.82 -23.26 20.13
C ILE D 21 -3.62 -22.36 21.05
N TYR D 22 -2.98 -21.30 21.56
CA TYR D 22 -3.63 -20.34 22.45
C TYR D 22 -3.54 -18.96 21.81
N LEU D 23 -4.64 -18.49 21.26
CA LEU D 23 -4.65 -17.19 20.59
C LEU D 23 -4.33 -16.08 21.58
N ILE D 24 -3.26 -15.34 21.32
CA ILE D 24 -2.87 -14.19 22.10
C ILE D 24 -3.35 -12.90 21.44
N GLU D 25 -3.13 -12.79 20.13
CA GLU D 25 -3.49 -11.61 19.37
C GLU D 25 -4.09 -12.05 18.05
N CYS D 26 -5.15 -11.35 17.61
CA CYS D 26 -5.82 -11.67 16.37
C CYS D 26 -6.19 -10.36 15.69
N TYR D 27 -5.67 -10.13 14.49
CA TYR D 27 -5.78 -8.82 13.86
C TYR D 27 -5.66 -8.96 12.35
N SER D 28 -5.96 -7.86 11.66
CA SER D 28 -5.80 -7.73 10.22
C SER D 28 -6.57 -8.83 9.47
N LEU D 29 -7.88 -8.86 9.72
CA LEU D 29 -8.77 -9.72 8.94
C LEU D 29 -9.12 -8.99 7.65
N ASP D 30 -8.54 -9.45 6.54
CA ASP D 30 -8.69 -8.81 5.23
C ASP D 30 -9.76 -9.54 4.45
N ASP D 31 -10.90 -8.88 4.21
CA ASP D 31 -11.96 -9.49 3.43
C ASP D 31 -11.54 -9.68 1.98
N LYS D 32 -10.81 -8.71 1.42
CA LYS D 32 -10.41 -8.79 0.02
C LYS D 32 -9.32 -9.84 -0.20
N ALA D 33 -8.35 -9.90 0.71
CA ALA D 33 -7.28 -10.88 0.61
C ALA D 33 -7.67 -12.23 1.20
N GLU D 34 -8.78 -12.31 1.93
CA GLU D 34 -9.21 -13.55 2.57
C GLU D 34 -8.07 -14.13 3.41
N THR D 35 -7.46 -13.26 4.20
CA THR D 35 -6.35 -13.61 5.08
C THR D 35 -6.52 -12.89 6.40
N PHE D 36 -5.92 -13.44 7.45
CA PHE D 36 -5.90 -12.78 8.75
C PHE D 36 -4.62 -13.14 9.48
N LYS D 37 -4.16 -12.22 10.33
CA LYS D 37 -2.91 -12.39 11.06
C LYS D 37 -3.18 -12.86 12.48
N VAL D 38 -2.40 -13.85 12.93
CA VAL D 38 -2.57 -14.46 14.23
C VAL D 38 -1.24 -14.48 14.98
N ASN D 39 -1.32 -14.36 16.30
CA ASN D 39 -0.15 -14.43 17.18
C ASN D 39 -0.57 -15.21 18.42
N ALA D 40 -0.05 -16.43 18.58
CA ALA D 40 -0.55 -17.32 19.61
C ALA D 40 0.56 -18.23 20.10
N PHE D 41 0.22 -19.02 21.12
CA PHE D 41 1.10 -20.05 21.65
C PHE D 41 0.90 -21.35 20.89
N LEU D 42 2.00 -22.01 20.55
CA LEU D 42 2.00 -23.36 20.02
C LEU D 42 2.68 -24.27 21.03
N SER D 43 1.96 -25.31 21.48
CA SER D 43 2.46 -26.24 22.47
C SER D 43 2.43 -27.65 21.89
N LEU D 44 3.56 -28.33 21.97
CA LEU D 44 3.71 -29.70 21.53
C LEU D 44 4.13 -30.57 22.70
N SER D 45 3.86 -31.86 22.61
CA SER D 45 4.19 -32.78 23.70
C SER D 45 4.30 -34.18 23.13
N TRP D 46 5.46 -34.81 23.31
CA TRP D 46 5.64 -36.18 22.81
C TRP D 46 6.45 -36.97 23.82
N LYS D 47 6.79 -38.20 23.45
CA LYS D 47 7.55 -39.09 24.35
C LYS D 47 8.81 -39.54 23.64
N ASP D 48 9.95 -39.13 24.17
CA ASP D 48 11.28 -39.55 23.70
C ASP D 48 11.95 -40.22 24.89
N ARG D 49 11.78 -41.55 24.99
CA ARG D 49 12.28 -42.28 26.14
C ARG D 49 13.78 -42.12 26.33
N ARG D 50 14.51 -41.79 25.27
CA ARG D 50 15.94 -41.53 25.40
C ARG D 50 16.25 -40.43 26.41
N LEU D 51 15.27 -39.57 26.70
CA LEU D 51 15.47 -38.44 27.60
C LEU D 51 15.02 -38.74 29.04
N ALA D 52 14.49 -39.93 29.29
CA ALA D 52 14.07 -40.30 30.64
C ALA D 52 15.24 -40.22 31.62
N PHE D 53 14.91 -40.12 32.90
CA PHE D 53 15.91 -40.03 33.95
C PHE D 53 15.27 -40.41 35.29
N ASP D 54 16.13 -40.73 36.25
CA ASP D 54 15.66 -41.12 37.58
C ASP D 54 15.28 -39.90 38.39
N PRO D 55 14.03 -39.79 38.86
CA PRO D 55 13.64 -38.61 39.64
C PRO D 55 14.26 -38.55 41.03
N VAL D 56 14.78 -39.65 41.55
CA VAL D 56 15.38 -39.66 42.89
C VAL D 56 16.88 -39.42 42.82
N ARG D 57 17.59 -40.22 42.02
CA ARG D 57 19.02 -40.01 41.84
C ARG D 57 19.30 -38.62 41.30
N SER D 58 18.56 -38.20 40.29
CA SER D 58 18.64 -36.83 39.79
C SER D 58 17.78 -35.94 40.68
N GLY D 59 18.43 -35.02 41.38
CA GLY D 59 17.74 -34.17 42.34
C GLY D 59 16.83 -33.15 41.71
N VAL D 60 16.69 -33.19 40.39
CA VAL D 60 15.87 -32.23 39.66
C VAL D 60 14.56 -32.90 39.26
N ARG D 61 13.50 -32.09 39.20
CA ARG D 61 12.18 -32.61 38.88
C ARG D 61 11.79 -32.46 37.41
N VAL D 62 12.50 -31.65 36.62
CA VAL D 62 12.09 -31.41 35.25
C VAL D 62 13.25 -31.53 34.27
N LYS D 63 14.21 -30.60 34.36
CA LYS D 63 15.34 -30.56 33.44
C LYS D 63 14.90 -30.01 32.08
N THR D 64 15.50 -28.91 31.65
CA THR D 64 15.13 -28.22 30.44
C THR D 64 16.26 -28.34 29.41
N TYR D 65 15.87 -28.47 28.14
CA TYR D 65 16.82 -28.58 27.04
C TYR D 65 16.70 -27.38 26.09
N GLU D 66 17.66 -27.28 25.19
CA GLU D 66 17.73 -26.34 24.09
C GLU D 66 17.29 -27.01 22.80
N PRO D 67 16.67 -26.27 21.88
CA PRO D 67 16.18 -26.90 20.64
C PRO D 67 17.22 -27.71 19.91
N GLU D 68 18.49 -27.27 19.93
CA GLU D 68 19.54 -28.00 19.24
C GLU D 68 19.93 -29.29 19.95
N ALA D 69 19.52 -29.47 21.21
CA ALA D 69 19.99 -30.61 21.99
C ALA D 69 19.20 -31.87 21.70
N ILE D 70 17.88 -31.76 21.57
CA ILE D 70 17.01 -32.93 21.43
C ILE D 70 16.28 -32.85 20.10
N TRP D 71 15.78 -34.01 19.66
CA TRP D 71 14.98 -34.07 18.45
C TRP D 71 13.63 -33.41 18.68
N ILE D 72 13.21 -32.56 17.75
CA ILE D 72 11.92 -31.89 17.82
C ILE D 72 11.18 -32.12 16.51
N PRO D 73 9.89 -32.43 16.54
CA PRO D 73 9.17 -32.70 15.30
C PRO D 73 9.00 -31.44 14.46
N GLU D 74 9.14 -31.60 13.14
CA GLU D 74 8.94 -30.50 12.20
C GLU D 74 7.44 -30.32 11.96
N ILE D 75 6.84 -29.40 12.70
CA ILE D 75 5.41 -29.09 12.57
C ILE D 75 5.25 -27.86 11.70
N ARG D 76 4.40 -27.94 10.68
CA ARG D 76 4.22 -26.84 9.74
C ARG D 76 2.74 -26.49 9.62
N PHE D 77 2.46 -25.22 9.36
CA PHE D 77 1.12 -24.78 8.99
C PHE D 77 0.93 -24.91 7.49
N VAL D 78 -0.29 -25.22 7.08
CA VAL D 78 -0.60 -25.41 5.67
C VAL D 78 -1.09 -24.10 5.07
N ASN D 79 -2.27 -23.66 5.49
CA ASN D 79 -2.91 -22.47 4.92
C ASN D 79 -2.30 -21.19 5.49
N VAL D 80 -0.98 -21.06 5.28
CA VAL D 80 -0.23 -19.88 5.69
C VAL D 80 0.57 -19.41 4.49
N GLU D 81 0.85 -18.11 4.44
CA GLU D 81 1.55 -17.55 3.27
C GLU D 81 3.05 -17.79 3.34
N ASN D 82 3.68 -17.37 4.43
CA ASN D 82 5.09 -17.65 4.68
C ASN D 82 5.24 -18.46 5.96
N ALA D 83 6.40 -19.10 6.09
CA ALA D 83 6.70 -19.83 7.31
C ALA D 83 6.54 -18.91 8.52
N ARG D 84 5.92 -19.45 9.56
CA ARG D 84 5.66 -18.64 10.75
C ARG D 84 6.97 -18.13 11.36
N ASP D 85 6.86 -17.00 12.06
CA ASP D 85 7.96 -16.46 12.84
C ASP D 85 7.74 -16.88 14.28
N ALA D 86 8.59 -17.78 14.78
CA ALA D 86 8.41 -18.40 16.09
C ALA D 86 9.60 -18.14 16.98
N ASP D 87 9.32 -17.93 18.27
CA ASP D 87 10.34 -17.83 19.31
C ASP D 87 10.05 -18.91 20.34
N VAL D 88 10.99 -19.82 20.53
CA VAL D 88 10.79 -20.92 21.47
C VAL D 88 10.71 -20.35 22.89
N VAL D 89 9.66 -20.72 23.62
CA VAL D 89 9.45 -20.19 24.96
C VAL D 89 10.05 -21.11 26.02
N ASP D 90 9.80 -22.42 25.91
CA ASP D 90 10.29 -23.33 26.94
C ASP D 90 10.28 -24.75 26.41
N ILE D 91 11.21 -25.57 26.90
CA ILE D 91 11.26 -26.99 26.61
C ILE D 91 11.58 -27.72 27.90
N SER D 92 10.65 -28.55 28.38
CA SER D 92 10.81 -29.24 29.65
C SER D 92 10.50 -30.71 29.46
N VAL D 93 11.46 -31.57 29.83
CA VAL D 93 11.29 -33.02 29.74
C VAL D 93 10.89 -33.56 31.10
N SER D 94 10.08 -34.61 31.11
CA SER D 94 9.65 -35.26 32.32
C SER D 94 10.51 -36.46 32.64
N PRO D 95 10.52 -36.92 33.89
CA PRO D 95 11.33 -38.10 34.24
C PRO D 95 11.05 -39.32 33.37
N ASP D 96 9.83 -39.45 32.85
CA ASP D 96 9.51 -40.57 31.97
C ASP D 96 9.90 -40.31 30.52
N GLY D 97 10.32 -39.10 30.19
CA GLY D 97 10.67 -38.77 28.82
C GLY D 97 9.62 -37.98 28.06
N THR D 98 8.69 -37.34 28.75
CA THR D 98 7.62 -36.57 28.11
C THR D 98 8.11 -35.15 27.85
N VAL D 99 8.39 -34.85 26.58
CA VAL D 99 8.84 -33.52 26.18
C VAL D 99 7.63 -32.60 26.04
N GLN D 100 7.68 -31.45 26.69
CA GLN D 100 6.69 -30.38 26.57
C GLN D 100 7.40 -29.16 25.98
N TYR D 101 6.98 -28.80 24.77
CA TYR D 101 7.56 -27.73 23.99
C TYR D 101 6.57 -26.59 23.88
N LEU D 102 7.06 -25.35 23.99
CA LEU D 102 6.20 -24.18 23.96
C LEU D 102 6.90 -23.05 23.22
N GLU D 103 6.26 -22.56 22.16
CA GLU D 103 6.72 -21.40 21.41
C GLU D 103 5.58 -20.40 21.27
N ARG D 104 5.94 -19.18 20.90
CA ARG D 104 4.98 -18.15 20.54
C ARG D 104 5.25 -17.71 19.11
N PHE D 105 4.24 -17.82 18.25
CA PHE D 105 4.40 -17.57 16.83
C PHE D 105 3.41 -16.53 16.35
N SER D 106 3.74 -15.93 15.21
CA SER D 106 2.82 -15.07 14.46
C SER D 106 2.85 -15.51 13.01
N ALA D 107 1.68 -15.55 12.38
CA ALA D 107 1.59 -16.01 11.01
C ALA D 107 0.44 -15.30 10.30
N ARG D 108 0.54 -15.24 8.98
CA ARG D 108 -0.52 -14.70 8.13
C ARG D 108 -1.24 -15.89 7.52
N VAL D 109 -2.41 -16.21 8.07
CA VAL D 109 -3.21 -17.36 7.67
C VAL D 109 -4.08 -16.97 6.47
N LEU D 110 -4.18 -17.88 5.51
CA LEU D 110 -4.98 -17.70 4.30
C LEU D 110 -6.16 -18.66 4.37
N SER D 111 -7.35 -18.13 4.62
CA SER D 111 -8.56 -18.94 4.75
C SER D 111 -9.67 -18.29 3.93
N PRO D 112 -10.30 -19.05 3.02
CA PRO D 112 -11.36 -18.47 2.19
C PRO D 112 -12.60 -18.14 3.00
N LEU D 113 -13.34 -17.14 2.52
CA LEU D 113 -14.56 -16.68 3.16
C LEU D 113 -15.75 -16.84 2.21
N ASP D 114 -16.94 -16.97 2.80
CA ASP D 114 -18.19 -17.12 2.06
C ASP D 114 -19.03 -15.86 2.26
N PHE D 115 -19.06 -15.00 1.24
CA PHE D 115 -19.72 -13.71 1.32
C PHE D 115 -21.18 -13.77 0.85
N ARG D 116 -21.76 -14.96 0.72
CA ARG D 116 -23.12 -15.05 0.19
C ARG D 116 -24.11 -14.32 1.08
N ARG D 117 -23.98 -14.45 2.40
CA ARG D 117 -24.85 -13.76 3.33
C ARG D 117 -24.28 -12.43 3.80
N TYR D 118 -23.23 -11.95 3.15
CA TYR D 118 -22.59 -10.69 3.52
C TYR D 118 -23.60 -9.54 3.38
N PRO D 119 -23.61 -8.57 4.30
CA PRO D 119 -22.71 -8.48 5.46
C PRO D 119 -23.25 -9.14 6.72
N PHE D 120 -24.29 -9.97 6.58
CA PHE D 120 -24.81 -10.75 7.69
C PHE D 120 -24.18 -12.13 7.77
N ASP D 121 -22.92 -12.25 7.39
CA ASP D 121 -22.25 -13.53 7.24
C ASP D 121 -21.52 -13.92 8.53
N SER D 122 -21.39 -15.23 8.73
CA SER D 122 -20.52 -15.80 9.74
C SER D 122 -19.45 -16.64 9.04
N GLN D 123 -18.23 -16.63 9.60
CA GLN D 123 -17.11 -17.32 8.99
C GLN D 123 -16.49 -18.32 9.95
N THR D 124 -15.80 -19.29 9.37
CA THR D 124 -15.00 -20.28 10.10
C THR D 124 -13.58 -20.20 9.54
N LEU D 125 -12.74 -19.41 10.20
CA LEU D 125 -11.33 -19.35 9.83
C LEU D 125 -10.64 -20.64 10.21
N HIS D 126 -9.78 -21.14 9.33
CA HIS D 126 -9.09 -22.40 9.53
C HIS D 126 -7.60 -22.18 9.70
N ILE D 127 -7.02 -22.88 10.66
CA ILE D 127 -5.57 -22.98 10.85
C ILE D 127 -5.24 -24.46 10.81
N TYR D 128 -4.52 -24.88 9.77
CA TYR D 128 -4.24 -26.29 9.54
C TYR D 128 -2.81 -26.59 9.98
N LEU D 129 -2.67 -27.41 11.02
CA LEU D 129 -1.37 -27.95 11.38
C LEU D 129 -1.13 -29.24 10.61
N ILE D 130 0.14 -29.58 10.41
CA ILE D 130 0.49 -30.78 9.68
C ILE D 130 1.90 -31.21 10.05
N VAL D 131 2.12 -32.51 10.08
CA VAL D 131 3.44 -33.09 10.33
C VAL D 131 3.64 -34.25 9.36
N ARG D 132 4.87 -34.36 8.84
CA ARG D 132 5.25 -35.38 7.87
C ARG D 132 6.08 -36.46 8.56
N SER D 133 5.69 -37.71 8.36
CA SER D 133 6.38 -38.82 9.03
C SER D 133 7.79 -39.00 8.47
N VAL D 134 8.71 -39.38 9.36
CA VAL D 134 10.08 -39.68 8.95
C VAL D 134 10.16 -41.15 8.57
N ASP D 135 11.31 -41.56 8.01
CA ASP D 135 11.46 -42.96 7.62
C ASP D 135 11.66 -43.87 8.81
N THR D 136 12.08 -43.33 9.95
CA THR D 136 12.30 -44.15 11.13
C THR D 136 11.01 -44.46 11.88
N ARG D 137 10.02 -43.57 11.80
CA ARG D 137 8.79 -43.72 12.56
C ARG D 137 7.72 -42.80 11.98
N ASN D 138 6.47 -43.26 12.08
CA ASN D 138 5.33 -42.44 11.66
C ASN D 138 4.91 -41.50 12.79
N ILE D 139 4.61 -40.26 12.43
CA ILE D 139 4.21 -39.23 13.38
C ILE D 139 2.77 -38.84 13.12
N VAL D 140 1.99 -38.73 14.19
CA VAL D 140 0.57 -38.43 14.15
C VAL D 140 0.31 -37.27 15.12
N LEU D 141 -0.63 -36.41 14.75
CA LEU D 141 -0.97 -35.25 15.57
C LEU D 141 -2.20 -35.53 16.43
N ALA D 142 -2.20 -34.92 17.62
CA ALA D 142 -3.33 -35.02 18.54
C ALA D 142 -3.61 -33.62 19.08
N VAL D 143 -4.71 -33.50 19.83
CA VAL D 143 -5.17 -32.23 20.35
C VAL D 143 -5.26 -32.32 21.87
N ASP D 144 -4.57 -31.42 22.56
CA ASP D 144 -4.62 -31.32 24.01
C ASP D 144 -5.55 -30.15 24.35
N LEU D 145 -6.80 -30.49 24.70
CA LEU D 145 -7.80 -29.47 24.94
C LEU D 145 -7.38 -28.51 26.06
N GLU D 146 -6.54 -28.98 26.98
CA GLU D 146 -6.04 -28.10 28.03
C GLU D 146 -5.17 -26.98 27.47
N LYS D 147 -4.58 -27.16 26.30
CA LYS D 147 -3.65 -26.20 25.71
C LYS D 147 -4.26 -25.43 24.55
N VAL D 148 -5.59 -25.47 24.42
CA VAL D 148 -6.28 -24.75 23.35
C VAL D 148 -7.15 -23.67 24.00
N GLY D 149 -7.20 -22.51 23.36
CA GLY D 149 -7.96 -21.40 23.88
C GLY D 149 -7.52 -20.09 23.24
N LYS D 150 -7.99 -19.00 23.83
CA LYS D 150 -7.68 -17.68 23.34
C LYS D 150 -7.81 -16.68 24.48
N ASN D 151 -6.99 -15.64 24.44
CA ASN D 151 -7.03 -14.61 25.47
C ASN D 151 -8.37 -13.89 25.45
N ASP D 152 -8.75 -13.33 26.60
CA ASP D 152 -10.01 -12.62 26.70
C ASP D 152 -9.99 -11.30 25.93
N ASP D 153 -8.85 -10.65 25.85
CA ASP D 153 -8.73 -9.36 25.16
C ASP D 153 -8.44 -9.50 23.68
N VAL D 154 -8.82 -10.64 23.08
CA VAL D 154 -8.68 -10.83 21.65
C VAL D 154 -9.87 -10.19 20.94
N PHE D 155 -9.59 -9.33 19.97
CA PHE D 155 -10.63 -8.58 19.29
C PHE D 155 -10.32 -8.51 17.80
N LEU D 156 -11.35 -8.70 16.98
CA LEU D 156 -11.28 -8.46 15.54
C LEU D 156 -12.24 -7.32 15.24
N THR D 157 -11.69 -6.10 15.09
CA THR D 157 -12.54 -4.93 14.93
C THR D 157 -13.57 -5.19 13.84
N GLY D 158 -14.85 -5.01 14.19
CA GLY D 158 -15.94 -5.26 13.27
C GLY D 158 -16.49 -6.67 13.30
N TRP D 159 -16.01 -7.52 14.20
CA TRP D 159 -16.45 -8.90 14.29
C TRP D 159 -16.71 -9.25 15.75
N ASP D 160 -17.55 -10.26 15.94
CA ASP D 160 -17.72 -10.93 17.23
C ASP D 160 -17.08 -12.30 17.14
N ILE D 161 -16.16 -12.58 18.06
CA ILE D 161 -15.43 -13.84 18.09
C ILE D 161 -16.24 -14.84 18.90
N GLU D 162 -16.66 -15.93 18.25
CA GLU D 162 -17.54 -16.91 18.86
C GLU D 162 -16.77 -17.95 19.67
N SER D 163 -15.78 -18.61 19.06
CA SER D 163 -15.08 -19.68 19.73
C SER D 163 -13.80 -20.00 18.96
N PHE D 164 -12.89 -20.69 19.65
CA PHE D 164 -11.67 -21.22 19.04
C PHE D 164 -11.53 -22.64 19.54
N THR D 165 -11.79 -23.60 18.67
CA THR D 165 -11.78 -25.02 18.98
C THR D 165 -10.95 -25.77 17.95
N ALA D 166 -10.85 -27.07 18.11
CA ALA D 166 -10.11 -27.92 17.19
C ALA D 166 -10.83 -29.25 16.99
N VAL D 167 -10.77 -29.76 15.76
CA VAL D 167 -11.34 -31.07 15.43
C VAL D 167 -10.37 -32.13 15.93
N VAL D 168 -10.82 -32.97 16.86
CA VAL D 168 -9.90 -33.88 17.55
C VAL D 168 -9.32 -34.90 16.58
N LYS D 169 -10.15 -35.52 15.78
CA LYS D 169 -9.68 -36.56 14.87
C LYS D 169 -8.90 -35.95 13.72
N PRO D 170 -7.60 -36.20 13.59
CA PRO D 170 -6.83 -35.61 12.50
C PRO D 170 -7.02 -36.38 11.19
N ALA D 171 -6.69 -35.70 10.10
CA ALA D 171 -6.79 -36.25 8.75
C ALA D 171 -5.39 -36.69 8.33
N ASN D 172 -5.17 -38.00 8.33
CA ASN D 172 -3.91 -38.60 7.90
C ASN D 172 -4.07 -39.15 6.49
N PHE D 173 -3.05 -38.92 5.66
CA PHE D 173 -3.14 -39.27 4.25
C PHE D 173 -1.74 -39.41 3.68
N ALA D 174 -1.65 -40.04 2.52
CA ALA D 174 -0.38 -40.24 1.84
C ALA D 174 -0.07 -39.05 0.95
N LEU D 175 1.18 -38.59 1.00
CA LEU D 175 1.62 -37.46 0.18
C LEU D 175 3.08 -37.71 -0.20
N GLU D 176 3.33 -37.81 -1.50
CA GLU D 176 4.67 -38.02 -2.05
C GLU D 176 5.40 -39.13 -1.30
N ASP D 177 4.69 -40.25 -1.11
CA ASP D 177 5.23 -41.47 -0.55
C ASP D 177 5.57 -41.35 0.93
N ARG D 178 4.97 -40.41 1.65
CA ARG D 178 5.17 -40.31 3.09
C ARG D 178 3.83 -39.97 3.75
N LEU D 179 3.69 -40.38 5.01
CA LEU D 179 2.45 -40.14 5.74
C LEU D 179 2.43 -38.71 6.28
N GLU D 180 1.27 -38.06 6.13
CA GLU D 180 1.05 -36.71 6.62
C GLU D 180 -0.16 -36.70 7.55
N SER D 181 -0.04 -35.95 8.65
CA SER D 181 -1.10 -35.81 9.63
C SER D 181 -1.50 -34.35 9.74
N LYS D 182 -2.78 -34.07 9.57
CA LYS D 182 -3.29 -32.70 9.52
C LYS D 182 -4.35 -32.48 10.61
N LEU D 183 -4.22 -31.38 11.33
CA LEU D 183 -5.20 -30.95 12.31
C LEU D 183 -5.87 -29.65 11.86
N ASP D 184 -7.13 -29.49 12.26
CA ASP D 184 -7.98 -28.38 11.83
C ASP D 184 -8.40 -27.58 13.06
N TYR D 185 -7.75 -26.43 13.27
CA TYR D 185 -8.20 -25.47 14.27
C TYR D 185 -9.17 -24.49 13.62
N GLN D 186 -10.27 -24.20 14.31
CA GLN D 186 -11.36 -23.43 13.75
C GLN D 186 -11.68 -22.25 14.64
N LEU D 187 -11.61 -21.04 14.07
CA LEU D 187 -12.00 -19.81 14.75
C LEU D 187 -13.26 -19.28 14.07
N ARG D 188 -14.39 -19.43 14.74
CA ARG D 188 -15.66 -18.99 14.20
C ARG D 188 -15.98 -17.57 14.65
N ILE D 189 -16.46 -16.75 13.71
CA ILE D 189 -16.75 -15.35 13.98
C ILE D 189 -18.03 -14.96 13.23
N SER D 190 -18.63 -13.86 13.69
CA SER D 190 -19.82 -13.31 13.04
C SER D 190 -19.65 -11.80 12.88
N ARG D 191 -19.89 -11.32 11.66
CA ARG D 191 -19.63 -9.91 11.35
C ARG D 191 -20.65 -8.99 12.02
N GLN D 192 -20.18 -7.82 12.40
CA GLN D 192 -21.03 -6.76 12.95
C GLN D 192 -21.49 -5.86 11.81
N TYR D 193 -22.77 -5.93 11.45
CA TYR D 193 -23.28 -5.29 10.24
C TYR D 193 -23.58 -3.81 10.43
N GLY D 194 -23.61 -3.29 11.66
CA GLY D 194 -24.00 -1.91 11.87
C GLY D 194 -23.25 -0.93 11.00
N TYR D 195 -21.93 -1.10 10.88
CA TYR D 195 -21.12 -0.19 10.09
C TYR D 195 -21.68 -0.01 8.69
N PHE D 196 -22.19 -1.09 8.09
CA PHE D 196 -22.70 -1.00 6.73
C PHE D 196 -24.08 -0.36 6.67
N VAL D 197 -24.88 -0.50 7.73
CA VAL D 197 -26.22 0.09 7.72
C VAL D 197 -26.13 1.59 7.45
N ILE D 198 -25.16 2.26 8.06
CA ILE D 198 -24.94 3.68 7.81
C ILE D 198 -23.91 3.93 6.72
N GLN D 199 -23.23 2.88 6.25
CA GLN D 199 -22.26 3.02 5.17
C GLN D 199 -22.88 2.81 3.80
N THR D 200 -23.92 1.98 3.71
CA THR D 200 -24.50 1.62 2.42
C THR D 200 -26.02 1.59 2.44
N TYR D 201 -26.61 0.94 3.45
CA TYR D 201 -28.06 0.75 3.46
C TYR D 201 -28.80 2.08 3.55
N LEU D 202 -28.33 2.99 4.41
CA LEU D 202 -28.99 4.29 4.51
C LEU D 202 -28.91 5.08 3.21
N PRO D 203 -27.73 5.23 2.57
CA PRO D 203 -27.71 5.94 1.29
C PRO D 203 -28.68 5.37 0.27
N CYS D 204 -28.84 4.05 0.22
CA CYS D 204 -29.76 3.44 -0.74
C CYS D 204 -31.21 3.75 -0.39
N ILE D 205 -31.59 3.55 0.87
CA ILE D 205 -32.96 3.81 1.28
C ILE D 205 -33.32 5.27 1.03
N MET D 206 -32.45 6.18 1.46
CA MET D 206 -32.68 7.60 1.26
C MET D 206 -32.71 7.96 -0.22
N THR D 207 -31.98 7.22 -1.06
CA THR D 207 -32.03 7.48 -2.50
C THR D 207 -33.36 7.04 -3.09
N VAL D 208 -33.92 5.93 -2.61
CA VAL D 208 -35.24 5.53 -3.05
C VAL D 208 -36.29 6.54 -2.62
N ILE D 209 -36.23 6.99 -1.37
CA ILE D 209 -37.16 8.01 -0.90
C ILE D 209 -37.05 9.26 -1.76
N LEU D 210 -35.82 9.74 -1.97
CA LEU D 210 -35.60 10.91 -2.81
C LEU D 210 -36.17 10.72 -4.20
N SER D 211 -36.06 9.51 -4.76
CA SER D 211 -36.63 9.25 -6.07
C SER D 211 -38.15 9.34 -6.03
N GLN D 212 -38.76 8.89 -4.92
CA GLN D 212 -40.21 8.94 -4.84
C GLN D 212 -40.72 10.36 -4.65
N VAL D 213 -39.90 11.25 -4.08
CA VAL D 213 -40.32 12.64 -3.92
C VAL D 213 -40.71 13.29 -5.24
N SER D 214 -40.19 12.78 -6.37
CA SER D 214 -40.49 13.40 -7.65
C SER D 214 -41.97 13.25 -8.02
N PHE D 215 -42.62 12.20 -7.53
CA PHE D 215 -44.02 11.97 -7.87
C PHE D 215 -44.92 13.08 -7.35
N TRP D 216 -44.48 13.83 -6.35
CA TRP D 216 -45.26 14.91 -5.78
C TRP D 216 -44.98 16.25 -6.41
N LEU D 217 -44.02 16.32 -7.34
CA LEU D 217 -43.78 17.55 -8.08
C LEU D 217 -44.77 17.68 -9.23
N ASN D 218 -45.08 18.93 -9.58
CA ASN D 218 -46.00 19.18 -10.68
C ASN D 218 -45.53 18.48 -11.94
N ARG D 219 -46.46 17.87 -12.66
CA ARG D 219 -46.12 17.16 -13.88
C ARG D 219 -45.63 18.10 -14.98
N GLU D 220 -45.92 19.39 -14.87
CA GLU D 220 -45.49 20.34 -15.89
C GLU D 220 -44.02 20.72 -15.75
N SER D 221 -43.49 20.70 -14.53
CA SER D 221 -42.08 21.02 -14.30
C SER D 221 -41.24 19.79 -14.61
N VAL D 222 -41.01 19.57 -15.89
CA VAL D 222 -40.30 18.39 -16.38
C VAL D 222 -38.86 18.40 -15.91
N PRO D 223 -38.09 19.47 -16.15
CA PRO D 223 -36.66 19.46 -15.77
C PRO D 223 -36.42 19.06 -14.31
N ALA D 224 -37.26 19.53 -13.38
CA ALA D 224 -37.09 19.16 -11.98
C ALA D 224 -37.15 17.65 -11.79
N ARG D 225 -38.25 17.05 -12.23
CA ARG D 225 -38.42 15.60 -12.08
C ARG D 225 -37.30 14.86 -12.81
N THR D 226 -36.85 15.38 -13.95
CA THR D 226 -35.72 14.80 -14.65
C THR D 226 -34.48 14.77 -13.76
N VAL D 227 -34.16 15.91 -13.13
CA VAL D 227 -33.02 15.96 -12.23
C VAL D 227 -33.17 14.91 -11.13
N PHE D 228 -34.34 14.84 -10.50
CA PHE D 228 -34.56 13.86 -9.45
C PHE D 228 -34.25 12.45 -9.95
N VAL D 229 -34.95 12.02 -11.01
CA VAL D 229 -34.82 10.64 -11.49
C VAL D 229 -33.37 10.34 -11.87
N VAL D 230 -32.78 11.18 -12.71
CA VAL D 230 -31.44 10.92 -13.22
C VAL D 230 -30.44 10.82 -12.08
N THR D 231 -30.45 11.82 -11.19
CA THR D 231 -29.49 11.82 -10.10
C THR D 231 -29.67 10.60 -9.20
N THR D 232 -30.91 10.17 -8.97
CA THR D 232 -31.11 9.00 -8.12
C THR D 232 -30.61 7.72 -8.80
N VAL D 233 -30.78 7.61 -10.12
CA VAL D 233 -30.29 6.43 -10.82
C VAL D 233 -28.77 6.38 -10.78
N LEU D 234 -28.11 7.49 -11.12
CA LEU D 234 -26.65 7.51 -11.07
C LEU D 234 -26.15 7.23 -9.67
N THR D 235 -26.81 7.81 -8.66
CA THR D 235 -26.45 7.50 -7.28
C THR D 235 -26.55 6.01 -7.00
N MET D 236 -27.61 5.37 -7.51
CA MET D 236 -27.74 3.92 -7.33
C MET D 236 -26.54 3.19 -7.93
N THR D 237 -26.17 3.52 -9.17
CA THR D 237 -25.03 2.84 -9.78
C THR D 237 -23.75 3.05 -8.98
N THR D 238 -23.50 4.30 -8.57
CA THR D 238 -22.27 4.60 -7.81
C THR D 238 -22.23 3.83 -6.50
N LEU D 239 -23.36 3.80 -5.76
CA LEU D 239 -23.38 3.05 -4.51
C LEU D 239 -23.18 1.55 -4.75
N SER D 240 -23.73 1.04 -5.86
CA SER D 240 -23.54 -0.37 -6.18
C SER D 240 -22.08 -0.71 -6.39
N ILE D 241 -21.44 -0.03 -7.36
CA ILE D 241 -20.03 -0.31 -7.63
C ILE D 241 -19.18 -0.10 -6.39
N SER D 242 -19.34 1.07 -5.75
CA SER D 242 -18.59 1.38 -4.53
C SER D 242 -18.74 0.27 -3.51
N ALA D 243 -19.95 -0.25 -3.34
CA ALA D 243 -20.18 -1.30 -2.35
C ALA D 243 -19.47 -2.59 -2.74
N ARG D 244 -19.57 -3.00 -4.00
CA ARG D 244 -18.88 -4.22 -4.42
C ARG D 244 -17.37 -4.08 -4.42
N ASN D 245 -16.84 -2.86 -4.33
CA ASN D 245 -15.39 -2.70 -4.31
C ASN D 245 -14.75 -3.18 -3.00
N SER D 246 -15.54 -3.51 -1.99
CA SER D 246 -15.01 -3.97 -0.71
C SER D 246 -14.74 -5.47 -0.66
N LEU D 247 -15.26 -6.22 -1.63
CA LEU D 247 -15.18 -7.68 -1.62
C LEU D 247 -14.18 -8.19 -2.64
N PRO D 248 -13.73 -9.43 -2.50
CA PRO D 248 -12.92 -10.07 -3.55
C PRO D 248 -13.79 -10.41 -4.75
N LYS D 249 -13.11 -10.70 -5.87
CA LYS D 249 -13.81 -10.98 -7.12
C LYS D 249 -14.58 -12.29 -7.05
N VAL D 250 -15.55 -12.37 -6.13
CA VAL D 250 -16.39 -13.56 -6.03
C VAL D 250 -17.39 -13.56 -7.19
N ALA D 251 -17.76 -14.76 -7.63
CA ALA D 251 -18.66 -14.89 -8.76
C ALA D 251 -20.13 -14.71 -8.38
N TYR D 252 -20.49 -15.03 -7.14
CA TYR D 252 -21.88 -15.02 -6.71
C TYR D 252 -22.29 -13.61 -6.27
N ALA D 253 -23.48 -13.50 -5.69
CA ALA D 253 -24.02 -12.23 -5.22
C ALA D 253 -24.32 -12.31 -3.72
N THR D 254 -24.04 -11.22 -3.03
CA THR D 254 -24.26 -11.14 -1.58
C THR D 254 -25.66 -10.64 -1.28
N ALA D 255 -26.01 -10.65 0.01
CA ALA D 255 -27.29 -10.09 0.44
C ALA D 255 -27.36 -8.60 0.15
N MET D 256 -26.27 -7.87 0.44
CA MET D 256 -26.21 -6.45 0.08
C MET D 256 -26.41 -6.26 -1.41
N ASP D 257 -25.88 -7.18 -2.23
CA ASP D 257 -26.12 -7.11 -3.66
C ASP D 257 -27.62 -7.17 -3.96
N TRP D 258 -28.35 -8.03 -3.26
CA TRP D 258 -29.78 -8.13 -3.49
C TRP D 258 -30.51 -6.86 -3.07
N PHE D 259 -30.19 -6.33 -1.88
CA PHE D 259 -30.82 -5.10 -1.42
C PHE D 259 -30.56 -3.96 -2.40
N ILE D 260 -29.29 -3.77 -2.79
CA ILE D 260 -28.95 -2.72 -3.74
C ILE D 260 -29.68 -2.94 -5.06
N ALA D 261 -29.84 -4.20 -5.46
CA ALA D 261 -30.52 -4.51 -6.71
C ALA D 261 -31.98 -4.10 -6.66
N VAL D 262 -32.67 -4.43 -5.56
CA VAL D 262 -34.07 -4.02 -5.43
C VAL D 262 -34.19 -2.51 -5.40
N CYS D 263 -33.29 -1.83 -4.67
CA CYS D 263 -33.28 -0.38 -4.68
C CYS D 263 -33.16 0.16 -6.09
N TYR D 264 -32.22 -0.38 -6.88
CA TYR D 264 -32.06 0.06 -8.27
C TYR D 264 -33.32 -0.20 -9.07
N ALA D 265 -34.01 -1.32 -8.79
CA ALA D 265 -35.27 -1.60 -9.48
C ALA D 265 -36.31 -0.54 -9.16
N PHE D 266 -36.42 -0.15 -7.89
CA PHE D 266 -37.37 0.89 -7.52
C PHE D 266 -37.04 2.21 -8.19
N VAL D 267 -35.76 2.60 -8.20
CA VAL D 267 -35.37 3.87 -8.78
C VAL D 267 -35.62 3.89 -10.29
N PHE D 268 -35.16 2.85 -10.98
CA PHE D 268 -35.38 2.78 -12.42
C PHE D 268 -36.86 2.70 -12.75
N SER D 269 -37.65 2.05 -11.89
CA SER D 269 -39.10 2.07 -12.06
C SER D 269 -39.64 3.49 -11.93
N ALA D 270 -39.11 4.27 -10.99
CA ALA D 270 -39.49 5.68 -10.91
C ALA D 270 -39.11 6.42 -12.18
N LEU D 271 -37.99 6.06 -12.80
CA LEU D 271 -37.61 6.66 -14.07
C LEU D 271 -38.64 6.33 -15.15
N ILE D 272 -38.97 5.04 -15.30
CA ILE D 272 -39.97 4.64 -16.28
C ILE D 272 -41.29 5.33 -16.03
N GLU D 273 -41.64 5.53 -14.75
CA GLU D 273 -42.86 6.24 -14.41
C GLU D 273 -42.81 7.70 -14.87
N PHE D 274 -41.69 8.38 -14.58
CA PHE D 274 -41.55 9.76 -15.03
C PHE D 274 -41.66 9.86 -16.54
N ALA D 275 -41.03 8.94 -17.26
CA ALA D 275 -41.12 8.95 -18.71
C ALA D 275 -42.55 8.73 -19.18
N THR D 276 -43.26 7.78 -18.55
CA THR D 276 -44.64 7.51 -18.92
C THR D 276 -45.52 8.74 -18.70
N VAL D 277 -45.47 9.31 -17.50
CA VAL D 277 -46.29 10.48 -17.18
C VAL D 277 -45.97 11.63 -18.13
N ASN D 278 -44.67 11.90 -18.31
CA ASN D 278 -44.27 12.94 -19.24
C ASN D 278 -44.78 12.66 -20.65
N TYR D 279 -44.93 11.38 -21.00
CA TYR D 279 -45.42 11.00 -22.32
C TYR D 279 -46.93 11.18 -22.45
N PHE D 280 -47.67 11.09 -21.34
CA PHE D 280 -49.12 11.22 -21.33
C PHE D 280 -49.60 12.54 -20.72
N THR D 281 -48.71 13.54 -20.61
CA THR D 281 -49.07 14.78 -19.94
C THR D 281 -49.95 15.66 -20.83
N LYS D 282 -49.53 15.87 -22.08
CA LYS D 282 -50.30 16.72 -22.98
C LYS D 282 -51.62 16.05 -23.38
N SER D 283 -51.53 14.85 -23.95
CA SER D 283 -52.71 14.10 -24.32
C SER D 283 -53.07 13.13 -23.19
N GLN D 284 -54.32 13.19 -22.75
CA GLN D 284 -54.81 12.32 -21.68
C GLN D 284 -54.21 12.72 -20.34
N PRO D 285 -54.31 13.98 -19.93
CA PRO D 285 -53.75 14.36 -18.62
C PRO D 285 -54.33 13.60 -17.46
N ALA D 286 -55.57 13.11 -17.59
CA ALA D 286 -56.18 12.32 -16.53
C ALA D 286 -55.38 11.05 -16.28
N ARG D 287 -54.87 10.42 -17.34
CA ARG D 287 -54.07 9.21 -17.16
C ARG D 287 -52.80 9.50 -16.36
N ALA D 288 -52.05 10.52 -16.76
CA ALA D 288 -50.84 10.88 -16.03
C ALA D 288 -51.15 11.19 -14.57
N ALA D 289 -52.21 11.99 -14.33
CA ALA D 289 -52.59 12.30 -12.96
C ALA D 289 -52.87 11.02 -12.17
N LYS D 290 -53.55 10.05 -12.80
CA LYS D 290 -53.81 8.78 -12.13
C LYS D 290 -52.51 8.05 -11.82
N ILE D 291 -51.55 8.10 -12.76
CA ILE D 291 -50.27 7.42 -12.55
C ILE D 291 -49.56 7.98 -11.34
N ASP D 292 -49.44 9.31 -11.26
CA ASP D 292 -48.79 9.92 -10.10
C ASP D 292 -49.55 9.60 -8.82
N ARG D 293 -50.88 9.78 -8.85
CA ARG D 293 -51.68 9.54 -7.66
C ARG D 293 -51.49 8.12 -7.13
N LEU D 294 -51.46 7.13 -8.02
CA LEU D 294 -51.31 5.75 -7.58
C LEU D 294 -49.88 5.48 -7.12
N SER D 295 -48.88 5.98 -7.86
CA SER D 295 -47.49 5.74 -7.49
C SER D 295 -47.18 6.27 -6.09
N ARG D 296 -47.67 7.48 -5.78
CA ARG D 296 -47.39 8.08 -4.48
C ARG D 296 -47.76 7.18 -3.31
N ILE D 297 -48.64 6.20 -3.55
CA ILE D 297 -49.06 5.27 -2.50
C ILE D 297 -48.46 3.88 -2.70
N ALA D 298 -48.30 3.46 -3.96
CA ALA D 298 -47.82 2.12 -4.24
C ALA D 298 -46.32 1.99 -4.00
N PHE D 299 -45.53 2.94 -4.51
CA PHE D 299 -44.08 2.83 -4.39
C PHE D 299 -43.64 2.68 -2.94
N PRO D 300 -43.90 3.64 -2.06
CA PRO D 300 -43.45 3.50 -0.66
C PRO D 300 -44.06 2.31 0.05
N LEU D 301 -45.23 1.84 -0.39
CA LEU D 301 -45.84 0.67 0.25
C LEU D 301 -45.10 -0.61 -0.11
N LEU D 302 -44.88 -0.84 -1.40
CA LEU D 302 -44.09 -2.00 -1.82
C LEU D 302 -42.68 -1.93 -1.24
N PHE D 303 -42.10 -0.73 -1.16
CA PHE D 303 -40.77 -0.59 -0.59
C PHE D 303 -40.76 -0.93 0.90
N GLY D 304 -41.75 -0.43 1.64
CA GLY D 304 -41.84 -0.77 3.05
C GLY D 304 -42.01 -2.26 3.28
N ILE D 305 -42.89 -2.90 2.49
CA ILE D 305 -43.05 -4.35 2.59
C ILE D 305 -41.72 -5.05 2.30
N PHE D 306 -41.02 -4.60 1.26
CA PHE D 306 -39.73 -5.20 0.93
C PHE D 306 -38.76 -5.11 2.11
N ASN D 307 -38.58 -3.91 2.66
CA ASN D 307 -37.71 -3.78 3.82
C ASN D 307 -38.16 -4.69 4.97
N LEU D 308 -39.47 -4.83 5.14
CA LEU D 308 -40.00 -5.71 6.19
C LEU D 308 -39.52 -7.14 5.98
N VAL D 309 -39.71 -7.67 4.77
CA VAL D 309 -39.33 -9.05 4.49
C VAL D 309 -37.81 -9.21 4.56
N TYR D 310 -37.07 -8.22 4.06
CA TYR D 310 -35.61 -8.32 4.03
C TYR D 310 -35.02 -8.31 5.44
N TRP D 311 -35.26 -7.24 6.20
CA TRP D 311 -34.70 -7.18 7.55
C TRP D 311 -35.25 -8.28 8.43
N ALA D 312 -36.50 -8.68 8.20
CA ALA D 312 -37.05 -9.81 8.95
C ALA D 312 -36.31 -11.10 8.61
N THR D 313 -35.91 -11.26 7.36
CA THR D 313 -35.24 -12.49 6.93
C THR D 313 -33.80 -12.54 7.44
N TYR D 314 -33.02 -11.50 7.17
CA TYR D 314 -31.60 -11.49 7.48
C TYR D 314 -31.29 -11.05 8.90
N LEU D 315 -32.29 -10.91 9.76
CA LEU D 315 -32.05 -10.56 11.15
C LEU D 315 -32.72 -11.56 12.08
N VAL E 4 22.15 -21.86 30.38
CA VAL E 4 22.13 -21.35 31.74
C VAL E 4 20.71 -21.46 32.30
N SER E 5 20.55 -21.23 33.60
CA SER E 5 19.26 -21.41 34.25
C SER E 5 19.03 -20.29 35.26
N PRO E 6 17.81 -20.12 35.76
CA PRO E 6 17.52 -18.93 36.56
C PRO E 6 18.25 -18.97 37.89
N PRO E 7 18.51 -17.82 38.50
CA PRO E 7 19.24 -17.81 39.76
C PRO E 7 18.44 -18.52 40.84
N PRO E 8 19.13 -19.16 41.79
CA PRO E 8 18.41 -19.90 42.82
C PRO E 8 17.77 -18.95 43.82
N PRO E 9 16.60 -19.30 44.35
CA PRO E 9 16.00 -18.44 45.38
C PRO E 9 16.74 -18.57 46.70
N ILE E 10 16.98 -17.42 47.33
CA ILE E 10 17.66 -17.40 48.63
C ILE E 10 16.86 -18.10 49.71
N ALA E 11 15.62 -18.52 49.39
CA ALA E 11 14.78 -19.25 50.31
C ALA E 11 13.66 -19.93 49.54
N ASP E 12 12.50 -19.27 49.46
CA ASP E 12 11.42 -19.70 48.59
C ASP E 12 10.66 -18.46 48.12
N GLU E 13 11.39 -17.50 47.58
CA GLU E 13 10.79 -16.21 47.29
C GLU E 13 10.75 -15.96 45.78
N PRO E 14 9.73 -15.26 45.30
CA PRO E 14 9.65 -14.99 43.86
C PRO E 14 10.70 -13.99 43.43
N LEU E 15 11.17 -14.14 42.20
CA LEU E 15 12.14 -13.22 41.62
C LEU E 15 11.42 -12.11 40.88
N THR E 16 11.57 -10.88 41.37
CA THR E 16 10.96 -9.71 40.74
C THR E 16 11.99 -9.01 39.85
N VAL E 17 11.55 -8.64 38.66
CA VAL E 17 12.39 -7.95 37.68
C VAL E 17 11.87 -6.54 37.53
N ASN E 18 12.67 -5.57 37.95
CA ASN E 18 12.30 -4.16 37.87
C ASN E 18 12.44 -3.67 36.43
N THR E 19 11.32 -3.26 35.85
CA THR E 19 11.25 -2.85 34.45
C THR E 19 11.02 -1.35 34.33
N GLY E 20 11.37 -0.81 33.17
CA GLY E 20 11.14 0.58 32.87
C GLY E 20 11.26 0.85 31.38
N ILE E 21 10.41 1.72 30.84
CA ILE E 21 10.41 2.04 29.42
C ILE E 21 10.59 3.55 29.26
N TYR E 22 11.50 3.94 28.36
CA TYR E 22 11.77 5.35 28.09
C TYR E 22 11.51 5.60 26.61
N LEU E 23 10.38 6.23 26.30
CA LEU E 23 9.99 6.48 24.91
C LEU E 23 11.01 7.37 24.21
N ILE E 24 11.59 6.87 23.13
CA ILE E 24 12.49 7.64 22.29
C ILE E 24 11.78 8.20 21.07
N GLU E 25 11.00 7.36 20.40
CA GLU E 25 10.30 7.75 19.18
C GLU E 25 8.89 7.16 19.22
N CYS E 26 7.92 7.95 18.78
CA CYS E 26 6.52 7.53 18.77
C CYS E 26 5.88 8.05 17.49
N TYR E 27 5.41 7.14 16.65
CA TYR E 27 4.98 7.53 15.31
C TYR E 27 3.99 6.50 14.78
N SER E 28 3.37 6.87 13.65
CA SER E 28 2.49 5.98 12.88
C SER E 28 1.35 5.43 13.74
N LEU E 29 0.59 6.34 14.32
CA LEU E 29 -0.66 5.98 14.99
C LEU E 29 -1.74 5.86 13.94
N ASP E 30 -2.14 4.61 13.64
CA ASP E 30 -3.10 4.33 12.58
C ASP E 30 -4.47 4.14 13.23
N ASP E 31 -5.38 5.08 12.97
CA ASP E 31 -6.73 4.99 13.52
C ASP E 31 -7.48 3.80 12.93
N LYS E 32 -7.29 3.53 11.63
CA LYS E 32 -8.01 2.44 10.99
C LYS E 32 -7.51 1.08 11.47
N ALA E 33 -6.19 0.93 11.57
CA ALA E 33 -5.61 -0.32 12.05
C ALA E 33 -5.55 -0.41 13.57
N GLU E 34 -5.80 0.68 14.29
CA GLU E 34 -5.72 0.72 15.75
C GLU E 34 -4.37 0.19 16.23
N THR E 35 -3.31 0.69 15.62
CA THR E 35 -1.96 0.32 15.97
C THR E 35 -1.08 1.57 15.93
N PHE E 36 0.04 1.51 16.65
CA PHE E 36 1.00 2.59 16.63
C PHE E 36 2.40 2.01 16.81
N LYS E 37 3.39 2.67 16.23
CA LYS E 37 4.77 2.21 16.29
C LYS E 37 5.53 2.96 17.37
N VAL E 38 6.29 2.23 18.18
CA VAL E 38 7.03 2.80 19.29
C VAL E 38 8.48 2.35 19.20
N ASN E 39 9.38 3.24 19.64
CA ASN E 39 10.82 2.95 19.69
C ASN E 39 11.36 3.56 20.97
N ALA E 40 11.76 2.72 21.92
CA ALA E 40 12.10 3.22 23.25
C ALA E 40 13.14 2.32 23.90
N PHE E 41 13.60 2.76 25.07
CA PHE E 41 14.50 1.98 25.91
C PHE E 41 13.70 1.05 26.81
N LEU E 42 14.18 -0.18 26.93
CA LEU E 42 13.68 -1.14 27.90
C LEU E 42 14.80 -1.44 28.88
N SER E 43 14.52 -1.21 30.17
CA SER E 43 15.49 -1.40 31.24
C SER E 43 14.95 -2.43 32.22
N LEU E 44 15.76 -3.44 32.51
CA LEU E 44 15.43 -4.49 33.45
C LEU E 44 16.48 -4.50 34.56
N SER E 45 16.10 -5.04 35.72
CA SER E 45 17.01 -5.06 36.85
C SER E 45 16.59 -6.17 37.80
N TRP E 46 17.48 -7.12 38.06
CA TRP E 46 17.14 -8.22 38.97
C TRP E 46 18.35 -8.57 39.81
N LYS E 47 18.23 -9.63 40.61
CA LYS E 47 19.31 -10.05 41.49
C LYS E 47 19.63 -11.51 41.20
N ASP E 48 20.85 -11.76 40.71
CA ASP E 48 21.37 -13.10 40.49
C ASP E 48 22.63 -13.22 41.35
N ARG E 49 22.45 -13.73 42.57
CA ARG E 49 23.53 -13.79 43.54
C ARG E 49 24.72 -14.60 43.03
N ARG E 50 24.50 -15.53 42.09
CA ARG E 50 25.60 -16.29 41.52
C ARG E 50 26.67 -15.40 40.89
N LEU E 51 26.32 -14.16 40.53
CA LEU E 51 27.24 -13.25 39.84
C LEU E 51 27.95 -12.28 40.79
N ALA E 52 27.65 -12.33 42.08
CA ALA E 52 28.31 -11.43 43.02
C ALA E 52 29.82 -11.63 42.98
N PHE E 53 30.55 -10.61 43.44
CA PHE E 53 32.00 -10.64 43.43
C PHE E 53 32.53 -9.63 44.43
N ASP E 54 33.81 -9.80 44.78
CA ASP E 54 34.46 -8.89 45.72
C ASP E 54 34.90 -7.63 44.99
N PRO E 55 34.42 -6.44 45.40
CA PRO E 55 34.85 -5.21 44.73
C PRO E 55 36.31 -4.83 45.01
N VAL E 56 36.93 -5.43 46.02
CA VAL E 56 38.32 -5.13 46.34
C VAL E 56 39.27 -6.07 45.61
N ARG E 57 39.05 -7.38 45.72
CA ARG E 57 39.86 -8.33 44.98
C ARG E 57 39.76 -8.08 43.47
N SER E 58 38.53 -7.89 42.97
CA SER E 58 38.32 -7.50 41.59
C SER E 58 38.51 -5.99 41.45
N GLY E 59 39.52 -5.59 40.67
CA GLY E 59 39.84 -4.18 40.53
C GLY E 59 38.82 -3.39 39.73
N VAL E 60 37.71 -4.02 39.38
CA VAL E 60 36.67 -3.37 38.58
C VAL E 60 35.50 -3.01 39.50
N ARG E 61 34.83 -1.92 39.15
CA ARG E 61 33.71 -1.41 39.94
C ARG E 61 32.35 -1.88 39.45
N VAL E 62 32.26 -2.42 38.23
CA VAL E 62 30.98 -2.83 37.66
C VAL E 62 31.08 -4.22 37.07
N LYS E 63 31.88 -4.37 36.00
CA LYS E 63 32.02 -5.64 35.30
C LYS E 63 30.79 -5.93 34.43
N THR E 64 31.00 -6.06 33.12
CA THR E 64 29.93 -6.24 32.15
C THR E 64 29.97 -7.63 31.54
N TYR E 65 28.79 -8.19 31.29
CA TYR E 65 28.64 -9.51 30.68
C TYR E 65 27.94 -9.39 29.33
N GLU E 66 27.94 -10.52 28.57
CA GLU E 66 27.22 -10.73 27.33
C GLU E 66 25.92 -11.50 27.57
N PRO E 67 24.88 -11.24 26.78
CA PRO E 67 23.59 -11.93 27.01
C PRO E 67 23.73 -13.45 27.09
N GLU E 68 24.64 -14.03 26.29
CA GLU E 68 24.86 -15.46 26.32
C GLU E 68 25.57 -15.93 27.58
N ALA E 69 26.17 -15.02 28.34
CA ALA E 69 26.99 -15.40 29.48
C ALA E 69 26.15 -15.70 30.72
N ILE E 70 25.14 -14.88 30.98
CA ILE E 70 24.34 -14.97 32.19
C ILE E 70 22.89 -15.25 31.83
N TRP E 71 22.14 -15.73 32.82
CA TRP E 71 20.71 -15.94 32.65
C TRP E 71 19.99 -14.61 32.54
N ILE E 72 19.10 -14.49 31.56
CA ILE E 72 18.32 -13.28 31.38
C ILE E 72 16.84 -13.64 31.28
N PRO E 73 15.95 -12.92 31.94
CA PRO E 73 14.53 -13.28 31.88
C PRO E 73 13.94 -13.01 30.52
N GLU E 74 13.06 -13.92 30.08
CA GLU E 74 12.36 -13.77 28.80
C GLU E 74 11.20 -12.79 28.98
N ILE E 75 11.42 -11.54 28.62
CA ILE E 75 10.39 -10.51 28.67
C ILE E 75 9.77 -10.36 27.29
N ARG E 76 8.45 -10.43 27.23
CA ARG E 76 7.73 -10.35 25.97
C ARG E 76 6.64 -9.28 26.05
N PHE E 77 6.36 -8.65 24.92
CA PHE E 77 5.18 -7.79 24.82
C PHE E 77 3.97 -8.63 24.39
N VAL E 78 2.81 -8.24 24.90
CA VAL E 78 1.58 -8.98 24.61
C VAL E 78 0.90 -8.37 23.39
N ASN E 79 0.42 -7.13 23.53
CA ASN E 79 -0.36 -6.47 22.49
C ASN E 79 0.56 -5.93 21.39
N VAL E 80 1.31 -6.85 20.77
CA VAL E 80 2.21 -6.51 19.69
C VAL E 80 1.94 -7.47 18.53
N GLU E 81 2.21 -6.98 17.32
CA GLU E 81 1.93 -7.80 16.13
C GLU E 81 3.03 -8.81 15.89
N ASN E 82 4.27 -8.36 15.79
CA ASN E 82 5.43 -9.23 15.70
C ASN E 82 6.37 -8.95 16.87
N ALA E 83 7.24 -9.91 17.16
CA ALA E 83 8.24 -9.72 18.18
C ALA E 83 9.06 -8.47 17.88
N ARG E 84 9.30 -7.69 18.93
CA ARG E 84 10.03 -6.44 18.78
C ARG E 84 11.44 -6.69 18.25
N ASP E 85 12.00 -5.67 17.61
CA ASP E 85 13.40 -5.67 17.19
C ASP E 85 14.20 -4.89 18.23
N ALA E 86 15.03 -5.60 18.98
CA ALA E 86 15.77 -5.01 20.09
C ALA E 86 17.27 -5.17 19.87
N ASP E 87 18.02 -4.16 20.27
CA ASP E 87 19.48 -4.19 20.27
C ASP E 87 19.94 -3.94 21.70
N VAL E 88 20.65 -4.91 22.28
CA VAL E 88 21.10 -4.76 23.66
C VAL E 88 22.10 -3.63 23.73
N VAL E 89 21.86 -2.68 24.63
CA VAL E 89 22.71 -1.51 24.77
C VAL E 89 23.77 -1.71 25.83
N ASP E 90 23.39 -2.23 26.99
CA ASP E 90 24.34 -2.34 28.08
C ASP E 90 23.87 -3.38 29.09
N ILE E 91 24.83 -4.04 29.71
CA ILE E 91 24.57 -4.97 30.81
C ILE E 91 25.64 -4.75 31.87
N SER E 92 25.24 -4.30 33.05
CA SER E 92 26.17 -3.99 34.13
C SER E 92 25.71 -4.67 35.41
N VAL E 93 26.57 -5.50 35.98
CA VAL E 93 26.26 -6.17 37.23
C VAL E 93 26.94 -5.42 38.38
N SER E 94 26.30 -5.43 39.53
CA SER E 94 26.82 -4.78 40.71
C SER E 94 27.57 -5.78 41.58
N PRO E 95 28.44 -5.30 42.47
CA PRO E 95 29.19 -6.24 43.33
C PRO E 95 28.30 -7.20 44.10
N ASP E 96 27.08 -6.79 44.43
CA ASP E 96 26.16 -7.66 45.16
C ASP E 96 25.38 -8.59 44.24
N GLY E 97 25.48 -8.44 42.93
CA GLY E 97 24.75 -9.27 42.00
C GLY E 97 23.50 -8.65 41.40
N THR E 98 23.37 -7.33 41.43
CA THR E 98 22.21 -6.65 40.86
C THR E 98 22.49 -6.38 39.39
N VAL E 99 21.85 -7.16 38.52
CA VAL E 99 22.01 -7.01 37.08
C VAL E 99 21.13 -5.87 36.59
N GLN E 100 21.73 -4.93 35.85
CA GLN E 100 21.04 -3.83 35.19
C GLN E 100 21.21 -4.00 33.68
N TYR E 101 20.09 -4.25 33.01
CA TYR E 101 20.02 -4.55 31.59
C TYR E 101 19.34 -3.39 30.87
N LEU E 102 19.87 -3.04 29.70
CA LEU E 102 19.34 -1.91 28.93
C LEU E 102 19.39 -2.26 27.44
N GLU E 103 18.23 -2.22 26.79
CA GLU E 103 18.12 -2.44 25.36
C GLU E 103 17.33 -1.29 24.75
N ARG E 104 17.42 -1.17 23.42
CA ARG E 104 16.61 -0.25 22.64
C ARG E 104 15.81 -1.06 21.65
N PHE E 105 14.49 -0.92 21.70
CA PHE E 105 13.60 -1.73 20.89
C PHE E 105 12.67 -0.85 20.06
N SER E 106 12.15 -1.43 18.99
CA SER E 106 11.06 -0.86 18.20
C SER E 106 10.02 -1.93 17.97
N ALA E 107 8.75 -1.56 18.10
CA ALA E 107 7.68 -2.54 17.97
C ALA E 107 6.42 -1.85 17.44
N ARG E 108 5.55 -2.65 16.82
CA ARG E 108 4.26 -2.20 16.34
C ARG E 108 3.21 -2.67 17.34
N VAL E 109 2.76 -1.76 18.19
CA VAL E 109 1.82 -2.03 19.26
C VAL E 109 0.40 -2.00 18.73
N LEU E 110 -0.43 -2.94 19.19
CA LEU E 110 -1.82 -3.06 18.79
C LEU E 110 -2.71 -2.76 20.00
N SER E 111 -3.36 -1.59 19.98
CA SER E 111 -4.21 -1.15 21.08
C SER E 111 -5.53 -0.63 20.52
N PRO E 112 -6.67 -1.12 20.99
CA PRO E 112 -7.95 -0.66 20.47
C PRO E 112 -8.23 0.78 20.87
N LEU E 113 -9.03 1.46 20.05
CA LEU E 113 -9.38 2.85 20.27
C LEU E 113 -10.89 2.98 20.44
N ASP E 114 -11.30 4.02 21.15
CA ASP E 114 -12.71 4.29 21.42
C ASP E 114 -13.11 5.56 20.65
N PHE E 115 -13.77 5.37 19.51
CA PHE E 115 -14.11 6.46 18.61
C PHE E 115 -15.47 7.08 18.89
N ARG E 116 -16.08 6.78 20.04
CA ARG E 116 -17.41 7.31 20.32
C ARG E 116 -17.41 8.83 20.37
N ARG E 117 -16.39 9.43 20.99
CA ARG E 117 -16.26 10.86 21.07
C ARG E 117 -15.40 11.44 19.94
N TYR E 118 -15.05 10.62 18.96
CA TYR E 118 -14.27 11.08 17.82
C TYR E 118 -15.02 12.18 17.08
N PRO E 119 -14.32 13.23 16.60
CA PRO E 119 -12.87 13.44 16.69
C PRO E 119 -12.43 14.22 17.93
N PHE E 120 -13.33 14.34 18.92
CA PHE E 120 -12.98 14.95 20.20
C PHE E 120 -12.55 13.91 21.23
N ASP E 121 -11.94 12.82 20.78
CA ASP E 121 -11.66 11.68 21.62
C ASP E 121 -10.27 11.76 22.26
N SER E 122 -10.15 11.16 23.44
CA SER E 122 -8.87 10.87 24.05
C SER E 122 -8.73 9.37 24.20
N GLN E 123 -7.51 8.87 24.02
CA GLN E 123 -7.22 7.44 24.03
C GLN E 123 -6.17 7.12 25.08
N THR E 124 -6.14 5.85 25.48
CA THR E 124 -5.10 5.32 26.38
C THR E 124 -4.48 4.12 25.67
N LEU E 125 -3.37 4.38 24.98
CA LEU E 125 -2.63 3.29 24.35
C LEU E 125 -1.95 2.44 25.42
N HIS E 126 -2.00 1.13 25.24
CA HIS E 126 -1.47 0.18 26.20
C HIS E 126 -0.27 -0.56 25.60
N ILE E 127 0.77 -0.72 26.42
CA ILE E 127 1.92 -1.56 26.11
C ILE E 127 2.03 -2.54 27.25
N TYR E 128 1.82 -3.83 26.96
CA TYR E 128 1.77 -4.86 27.98
C TYR E 128 3.08 -5.64 27.99
N LEU E 129 3.81 -5.55 29.09
CA LEU E 129 4.94 -6.44 29.33
C LEU E 129 4.42 -7.71 30.00
N ILE E 130 5.16 -8.79 29.82
CA ILE E 130 4.76 -10.07 30.40
C ILE E 130 5.98 -10.96 30.49
N VAL E 131 6.02 -11.77 31.54
CA VAL E 131 7.06 -12.76 31.74
C VAL E 131 6.41 -14.04 32.27
N ARG E 132 6.89 -15.18 31.78
CA ARG E 132 6.36 -16.49 32.14
C ARG E 132 7.30 -17.15 33.12
N SER E 133 6.78 -17.62 34.24
CA SER E 133 7.61 -18.22 35.27
C SER E 133 8.14 -19.57 34.79
N VAL E 134 9.37 -19.88 35.18
CA VAL E 134 9.98 -21.16 34.86
C VAL E 134 9.65 -22.15 35.96
N ASP E 135 9.99 -23.44 35.74
CA ASP E 135 9.70 -24.46 36.74
C ASP E 135 10.63 -24.35 37.94
N THR E 136 11.79 -23.70 37.78
CA THR E 136 12.73 -23.56 38.89
C THR E 136 12.34 -22.45 39.85
N ARG E 137 11.67 -21.41 39.34
CA ARG E 137 11.35 -20.25 40.16
C ARG E 137 10.28 -19.43 39.46
N ASN E 138 9.42 -18.81 40.27
CA ASN E 138 8.40 -17.89 39.77
C ASN E 138 8.99 -16.51 39.58
N ILE E 139 8.66 -15.86 38.46
CA ILE E 139 9.17 -14.54 38.13
C ILE E 139 8.01 -13.54 38.12
N VAL E 140 8.24 -12.38 38.72
CA VAL E 140 7.24 -11.33 38.84
C VAL E 140 7.86 -10.02 38.36
N LEU E 141 7.04 -9.19 37.70
CA LEU E 141 7.50 -7.93 37.15
C LEU E 141 7.22 -6.77 38.11
N ALA E 142 8.11 -5.78 38.09
CA ALA E 142 7.96 -4.58 38.89
C ALA E 142 8.30 -3.37 38.03
N VAL E 143 8.09 -2.19 38.58
CA VAL E 143 8.28 -0.93 37.86
C VAL E 143 9.31 -0.10 38.63
N ASP E 144 10.38 0.29 37.94
CA ASP E 144 11.40 1.18 38.49
C ASP E 144 11.12 2.58 37.94
N LEU E 145 10.47 3.40 38.77
CA LEU E 145 10.05 4.73 38.31
C LEU E 145 11.21 5.57 37.82
N GLU E 146 12.42 5.31 38.31
CA GLU E 146 13.59 6.03 37.83
C GLU E 146 13.85 5.77 36.35
N LYS E 147 13.38 4.64 35.83
CA LYS E 147 13.67 4.22 34.47
C LYS E 147 12.46 4.35 33.54
N VAL E 148 11.42 5.07 33.95
CA VAL E 148 10.23 5.26 33.13
C VAL E 148 10.14 6.74 32.76
N GLY E 149 9.74 7.00 31.53
CA GLY E 149 9.62 8.35 31.04
C GLY E 149 9.59 8.38 29.53
N LYS E 150 9.74 9.60 28.99
CA LYS E 150 9.71 9.79 27.55
C LYS E 150 10.45 11.07 27.20
N ASN E 151 11.08 11.07 26.03
CA ASN E 151 11.82 12.24 25.58
C ASN E 151 10.85 13.41 25.34
N ASP E 152 11.40 14.63 25.42
CA ASP E 152 10.56 15.81 25.22
C ASP E 152 10.13 15.96 23.77
N ASP E 153 10.97 15.54 22.81
CA ASP E 153 10.65 15.70 21.39
C ASP E 153 9.85 14.52 20.84
N VAL E 154 9.10 13.82 21.69
CA VAL E 154 8.21 12.77 21.22
C VAL E 154 6.90 13.41 20.77
N PHE E 155 6.48 13.09 19.56
CA PHE E 155 5.33 13.77 18.96
C PHE E 155 4.46 12.78 18.20
N LEU E 156 3.15 12.94 18.33
CA LEU E 156 2.15 12.23 17.53
C LEU E 156 1.48 13.28 16.67
N THR E 157 1.84 13.30 15.39
CA THR E 157 1.52 14.40 14.47
C THR E 157 0.09 14.91 14.58
N GLY E 158 -0.87 14.03 14.88
CA GLY E 158 -2.25 14.43 15.01
C GLY E 158 -2.80 14.45 16.42
N TRP E 159 -1.96 14.27 17.44
CA TRP E 159 -2.41 14.13 18.81
C TRP E 159 -1.59 15.00 19.75
N ASP E 160 -2.16 15.23 20.93
CA ASP E 160 -1.44 15.80 22.06
C ASP E 160 -1.15 14.68 23.06
N ILE E 161 0.11 14.52 23.42
CA ILE E 161 0.54 13.47 24.32
C ILE E 161 0.43 13.97 25.76
N GLU E 162 -0.40 13.29 26.55
CA GLU E 162 -0.70 13.73 27.91
C GLU E 162 0.36 13.24 28.90
N SER E 163 0.58 11.93 28.95
CA SER E 163 1.49 11.37 29.93
C SER E 163 1.83 9.94 29.53
N PHE E 164 2.92 9.42 30.10
CA PHE E 164 3.33 8.03 29.94
C PHE E 164 3.69 7.50 31.31
N THR E 165 2.84 6.62 31.85
CA THR E 165 3.01 6.07 33.19
C THR E 165 2.91 4.56 33.11
N ALA E 166 3.03 3.92 34.28
CA ALA E 166 2.93 2.46 34.37
C ALA E 166 2.18 2.09 35.63
N VAL E 167 1.37 1.04 35.53
CA VAL E 167 0.64 0.51 36.68
C VAL E 167 1.60 -0.30 37.53
N VAL E 168 1.82 0.14 38.77
CA VAL E 168 2.86 -0.47 39.59
C VAL E 168 2.50 -1.91 39.91
N LYS E 169 1.28 -2.16 40.36
CA LYS E 169 0.86 -3.50 40.73
C LYS E 169 0.67 -4.34 39.47
N PRO E 170 1.45 -5.39 39.25
CA PRO E 170 1.27 -6.20 38.05
C PRO E 170 0.11 -7.18 38.17
N ALA E 171 -0.35 -7.63 37.02
CA ALA E 171 -1.45 -8.60 36.91
C ALA E 171 -0.85 -9.98 36.70
N ASN E 172 -0.88 -10.80 37.75
CA ASN E 172 -0.38 -12.16 37.70
C ASN E 172 -1.53 -13.14 37.53
N PHE E 173 -1.32 -14.15 36.69
CA PHE E 173 -2.41 -15.07 36.36
C PHE E 173 -1.82 -16.39 35.89
N ALA E 174 -2.65 -17.42 35.89
CA ALA E 174 -2.24 -18.75 35.44
C ALA E 174 -2.48 -18.90 33.95
N LEU E 175 -1.49 -19.47 33.26
CA LEU E 175 -1.61 -19.72 31.83
C LEU E 175 -0.86 -21.02 31.52
N GLU E 176 -1.60 -22.01 31.02
CA GLU E 176 -1.03 -23.29 30.63
C GLU E 176 -0.12 -23.85 31.73
N ASP E 177 -0.63 -23.83 32.96
CA ASP E 177 0.02 -24.41 34.12
C ASP E 177 1.29 -23.67 34.55
N ARG E 178 1.43 -22.40 34.18
CA ARG E 178 2.58 -21.62 34.63
C ARG E 178 2.13 -20.21 35.00
N LEU E 179 2.88 -19.59 35.89
CA LEU E 179 2.56 -18.24 36.34
C LEU E 179 3.05 -17.22 35.32
N GLU E 180 2.20 -16.23 35.04
CA GLU E 180 2.51 -15.15 34.13
C GLU E 180 2.33 -13.83 34.86
N SER E 181 3.26 -12.90 34.64
CA SER E 181 3.21 -11.58 35.26
C SER E 181 3.16 -10.53 34.16
N LYS E 182 2.14 -9.67 34.21
CA LYS E 182 1.88 -8.69 33.15
C LYS E 182 1.89 -7.29 33.71
N LEU E 183 2.58 -6.38 33.05
CA LEU E 183 2.59 -4.97 33.38
C LEU E 183 1.92 -4.15 32.28
N ASP E 184 1.30 -3.04 32.70
CA ASP E 184 0.50 -2.19 31.82
C ASP E 184 1.13 -0.80 31.80
N TYR E 185 1.86 -0.50 30.72
CA TYR E 185 2.31 0.87 30.48
C TYR E 185 1.25 1.59 29.66
N GLN E 186 0.96 2.83 30.05
CA GLN E 186 -0.16 3.56 29.49
C GLN E 186 0.32 4.90 28.94
N LEU E 187 0.07 5.13 27.65
CA LEU E 187 0.35 6.41 27.01
C LEU E 187 -1.01 7.04 26.67
N ARG E 188 -1.38 8.07 27.42
CA ARG E 188 -2.65 8.74 27.21
C ARG E 188 -2.45 9.91 26.25
N ILE E 189 -3.39 10.07 25.33
CA ILE E 189 -3.32 11.11 24.31
C ILE E 189 -4.72 11.67 24.09
N SER E 190 -4.77 12.86 23.49
CA SER E 190 -6.04 13.50 23.12
C SER E 190 -5.92 14.00 21.70
N ARG E 191 -6.91 13.68 20.87
CA ARG E 191 -6.83 13.98 19.45
C ARG E 191 -6.94 15.48 19.20
N GLN E 192 -6.23 15.94 18.17
CA GLN E 192 -6.32 17.33 17.71
C GLN E 192 -7.40 17.38 16.63
N TYR E 193 -8.56 17.95 16.98
CA TYR E 193 -9.72 17.90 16.11
C TYR E 193 -9.74 18.98 15.04
N GLY E 194 -8.88 19.99 15.14
CA GLY E 194 -8.93 21.09 14.19
C GLY E 194 -8.93 20.63 12.74
N TYR E 195 -8.07 19.65 12.43
CA TYR E 195 -7.97 19.15 11.06
C TYR E 195 -9.33 18.78 10.50
N PHE E 196 -10.20 18.19 11.33
CA PHE E 196 -11.49 17.75 10.86
C PHE E 196 -12.48 18.88 10.71
N VAL E 197 -12.35 19.95 11.50
CA VAL E 197 -13.28 21.08 11.40
C VAL E 197 -13.31 21.62 9.98
N ILE E 198 -12.14 21.73 9.34
CA ILE E 198 -12.07 22.18 7.96
C ILE E 198 -12.06 21.02 6.98
N GLN E 199 -11.98 19.78 7.45
CA GLN E 199 -12.02 18.62 6.57
C GLN E 199 -13.44 18.12 6.34
N THR E 200 -14.32 18.29 7.32
CA THR E 200 -15.66 17.73 7.26
C THR E 200 -16.71 18.70 7.78
N TYR E 201 -16.43 19.31 8.94
CA TYR E 201 -17.44 20.15 9.59
C TYR E 201 -17.79 21.37 8.74
N LEU E 202 -16.77 22.03 8.17
CA LEU E 202 -17.06 23.17 7.30
C LEU E 202 -17.83 22.77 6.05
N PRO E 203 -17.44 21.75 5.30
CA PRO E 203 -18.26 21.33 4.14
C PRO E 203 -19.71 21.06 4.52
N CYS E 204 -19.94 20.46 5.69
CA CYS E 204 -21.30 20.16 6.12
C CYS E 204 -22.07 21.43 6.44
N ILE E 205 -21.48 22.32 7.23
CA ILE E 205 -22.17 23.56 7.60
C ILE E 205 -22.48 24.38 6.35
N MET E 206 -21.48 24.57 5.49
CA MET E 206 -21.69 25.35 4.27
C MET E 206 -22.69 24.67 3.35
N THR E 207 -22.79 23.34 3.38
CA THR E 207 -23.80 22.68 2.57
C THR E 207 -25.20 22.89 3.14
N VAL E 208 -25.34 22.93 4.46
CA VAL E 208 -26.63 23.25 5.06
C VAL E 208 -27.05 24.67 4.71
N ILE E 209 -26.11 25.61 4.84
CA ILE E 209 -26.39 26.99 4.46
C ILE E 209 -26.79 27.06 2.99
N LEU E 210 -26.01 26.41 2.13
CA LEU E 210 -26.31 26.37 0.71
C LEU E 210 -27.72 25.82 0.46
N SER E 211 -28.13 24.81 1.23
CA SER E 211 -29.47 24.27 1.08
C SER E 211 -30.52 25.30 1.51
N GLN E 212 -30.21 26.09 2.54
CA GLN E 212 -31.19 27.09 2.99
C GLN E 212 -31.30 28.25 2.01
N VAL E 213 -30.24 28.51 1.22
CA VAL E 213 -30.31 29.59 0.23
C VAL E 213 -31.49 29.43 -0.71
N SER E 214 -31.98 28.20 -0.90
CA SER E 214 -33.09 27.99 -1.83
C SER E 214 -34.38 28.65 -1.37
N PHE E 215 -34.57 28.81 -0.06
CA PHE E 215 -35.80 29.39 0.45
C PHE E 215 -35.99 30.83 0.00
N TRP E 216 -34.91 31.51 -0.38
CA TRP E 216 -34.97 32.89 -0.83
C TRP E 216 -35.13 33.03 -2.34
N LEU E 217 -35.10 31.92 -3.08
CA LEU E 217 -35.38 31.95 -4.50
C LEU E 217 -36.88 31.96 -4.77
N ASN E 218 -37.26 32.57 -5.87
CA ASN E 218 -38.67 32.64 -6.24
C ASN E 218 -39.28 31.24 -6.31
N ARG E 219 -40.51 31.13 -5.81
CA ARG E 219 -41.20 29.84 -5.81
C ARG E 219 -41.54 29.35 -7.22
N GLU E 220 -41.55 30.25 -8.20
CA GLU E 220 -41.90 29.85 -9.57
C GLU E 220 -40.74 29.19 -10.29
N SER E 221 -39.49 29.54 -9.94
CA SER E 221 -38.31 28.96 -10.57
C SER E 221 -38.03 27.61 -9.90
N VAL E 222 -38.77 26.60 -10.34
CA VAL E 222 -38.70 25.26 -9.76
C VAL E 222 -37.33 24.64 -10.03
N PRO E 223 -36.88 24.58 -11.28
CA PRO E 223 -35.61 23.90 -11.57
C PRO E 223 -34.44 24.38 -10.72
N ALA E 224 -34.34 25.70 -10.46
CA ALA E 224 -33.25 26.21 -9.63
C ALA E 224 -33.29 25.56 -8.24
N ARG E 225 -34.42 25.69 -7.55
CA ARG E 225 -34.54 25.13 -6.21
C ARG E 225 -34.31 23.62 -6.23
N THR E 226 -34.75 22.94 -7.29
CA THR E 226 -34.46 21.52 -7.43
C THR E 226 -32.96 21.26 -7.44
N VAL E 227 -32.22 22.01 -8.26
CA VAL E 227 -30.77 21.87 -8.30
C VAL E 227 -30.17 22.05 -6.91
N PHE E 228 -30.57 23.14 -6.23
CA PHE E 228 -30.06 23.39 -4.88
C PHE E 228 -30.30 22.19 -3.96
N VAL E 229 -31.57 21.78 -3.84
CA VAL E 229 -31.92 20.73 -2.88
C VAL E 229 -31.16 19.44 -3.20
N VAL E 230 -31.25 19.00 -4.46
CA VAL E 230 -30.64 17.72 -4.83
C VAL E 230 -29.14 17.75 -4.58
N THR E 231 -28.46 18.79 -5.08
CA THR E 231 -27.01 18.85 -4.94
C THR E 231 -26.59 18.89 -3.48
N THR E 232 -27.33 19.61 -2.63
CA THR E 232 -26.95 19.66 -1.22
C THR E 232 -27.18 18.31 -0.54
N VAL E 233 -28.25 17.60 -0.90
CA VAL E 233 -28.51 16.29 -0.30
C VAL E 233 -27.42 15.30 -0.69
N LEU E 234 -27.12 15.21 -1.99
CA LEU E 234 -26.06 14.30 -2.44
C LEU E 234 -24.73 14.68 -1.83
N THR E 235 -24.42 15.97 -1.76
CA THR E 235 -23.19 16.42 -1.13
C THR E 235 -23.13 15.94 0.32
N MET E 236 -24.25 16.05 1.04
CA MET E 236 -24.29 15.57 2.41
C MET E 236 -23.97 14.09 2.49
N THR E 237 -24.61 13.29 1.62
CA THR E 237 -24.34 11.85 1.64
C THR E 237 -22.87 11.56 1.39
N THR E 238 -22.28 12.22 0.38
CA THR E 238 -20.87 11.99 0.08
C THR E 238 -19.98 12.37 1.27
N LEU E 239 -20.27 13.49 1.92
CA LEU E 239 -19.48 13.87 3.09
C LEU E 239 -19.63 12.83 4.20
N SER E 240 -20.83 12.25 4.34
CA SER E 240 -21.05 11.22 5.35
C SER E 240 -20.16 10.00 5.08
N ILE E 241 -20.31 9.39 3.91
CA ILE E 241 -19.53 8.19 3.59
C ILE E 241 -18.03 8.51 3.68
N SER E 242 -17.61 9.58 2.99
CA SER E 242 -16.21 9.99 3.02
C SER E 242 -15.68 10.11 4.44
N ALA E 243 -16.49 10.69 5.34
CA ALA E 243 -16.06 10.85 6.71
C ALA E 243 -15.91 9.50 7.41
N ARG E 244 -16.89 8.62 7.24
CA ARG E 244 -16.79 7.30 7.86
C ARG E 244 -15.69 6.45 7.27
N ASN E 245 -15.13 6.82 6.11
CA ASN E 245 -14.06 6.03 5.51
C ASN E 245 -12.73 6.15 6.25
N SER E 246 -12.60 7.07 7.20
CA SER E 246 -11.35 7.24 7.94
C SER E 246 -11.25 6.34 9.17
N LEU E 247 -12.36 5.74 9.60
CA LEU E 247 -12.38 4.97 10.83
C LEU E 247 -12.45 3.47 10.53
N PRO E 248 -12.12 2.63 11.51
CA PRO E 248 -12.34 1.18 11.34
C PRO E 248 -13.82 0.85 11.42
N LYS E 249 -14.15 -0.37 11.00
CA LYS E 249 -15.54 -0.80 10.96
C LYS E 249 -16.13 -0.93 12.36
N VAL E 250 -16.20 0.20 13.08
CA VAL E 250 -16.81 0.21 14.40
C VAL E 250 -18.32 0.11 14.26
N ALA E 251 -18.97 -0.52 15.25
CA ALA E 251 -20.41 -0.72 15.18
C ALA E 251 -21.19 0.51 15.63
N TYR E 252 -20.60 1.32 16.51
CA TYR E 252 -21.29 2.47 17.09
C TYR E 252 -21.15 3.69 16.17
N ALA E 253 -21.57 4.85 16.68
CA ALA E 253 -21.50 6.10 15.94
C ALA E 253 -20.69 7.12 16.72
N THR E 254 -19.89 7.90 16.01
CA THR E 254 -19.03 8.90 16.62
C THR E 254 -19.75 10.24 16.73
N ALA E 255 -19.09 11.20 17.38
CA ALA E 255 -19.65 12.55 17.46
C ALA E 255 -19.78 13.17 16.07
N MET E 256 -18.75 13.00 15.24
CA MET E 256 -18.85 13.44 13.85
C MET E 256 -20.03 12.79 13.15
N ASP E 257 -20.30 11.52 13.46
CA ASP E 257 -21.46 10.85 12.89
C ASP E 257 -22.75 11.58 13.25
N TRP E 258 -22.86 12.03 14.50
CA TRP E 258 -24.06 12.75 14.93
C TRP E 258 -24.18 14.09 14.23
N PHE E 259 -23.07 14.85 14.16
CA PHE E 259 -23.13 16.14 13.49
C PHE E 259 -23.56 15.98 12.04
N ILE E 260 -22.92 15.06 11.32
CA ILE E 260 -23.29 14.81 9.92
C ILE E 260 -24.74 14.37 9.83
N ALA E 261 -25.22 13.60 10.81
CA ALA E 261 -26.60 13.13 10.77
C ALA E 261 -27.57 14.29 10.90
N VAL E 262 -27.33 15.20 11.84
CA VAL E 262 -28.22 16.35 12.00
C VAL E 262 -28.16 17.23 10.76
N CYS E 263 -26.97 17.46 10.20
CA CYS E 263 -26.89 18.21 8.96
C CYS E 263 -27.75 17.58 7.87
N TYR E 264 -27.65 16.25 7.72
CA TYR E 264 -28.48 15.57 6.73
C TYR E 264 -29.96 15.75 7.03
N ALA E 265 -30.33 15.79 8.32
CA ALA E 265 -31.72 16.03 8.67
C ALA E 265 -32.17 17.42 8.22
N PHE E 266 -31.33 18.44 8.43
CA PHE E 266 -31.68 19.79 7.98
C PHE E 266 -31.81 19.86 6.47
N VAL E 267 -30.87 19.27 5.74
CA VAL E 267 -30.90 19.35 4.28
C VAL E 267 -32.12 18.62 3.73
N PHE E 268 -32.36 17.40 4.20
CA PHE E 268 -33.52 16.66 3.74
C PHE E 268 -34.81 17.37 4.15
N SER E 269 -34.79 18.06 5.28
CA SER E 269 -35.93 18.90 5.67
C SER E 269 -36.15 20.01 4.64
N ALA E 270 -35.06 20.62 4.16
CA ALA E 270 -35.20 21.61 3.09
C ALA E 270 -35.78 20.98 1.83
N LEU E 271 -35.42 19.72 1.55
CA LEU E 271 -36.02 19.03 0.41
C LEU E 271 -37.53 18.86 0.61
N ILE E 272 -37.93 18.33 1.76
CA ILE E 272 -39.35 18.15 2.04
C ILE E 272 -40.09 19.48 1.95
N GLU E 273 -39.44 20.56 2.39
CA GLU E 273 -40.04 21.88 2.31
C GLU E 273 -40.23 22.31 0.86
N PHE E 274 -39.20 22.15 0.04
CA PHE E 274 -39.32 22.50 -1.38
C PHE E 274 -40.44 21.70 -2.05
N ALA E 275 -40.52 20.40 -1.76
CA ALA E 275 -41.58 19.58 -2.35
C ALA E 275 -42.95 20.04 -1.89
N THR E 276 -43.10 20.35 -0.60
CA THR E 276 -44.38 20.81 -0.09
C THR E 276 -44.80 22.12 -0.76
N VAL E 277 -43.92 23.11 -0.75
CA VAL E 277 -44.24 24.41 -1.35
C VAL E 277 -44.57 24.24 -2.83
N ASN E 278 -43.75 23.47 -3.55
CA ASN E 278 -44.03 23.21 -4.95
C ASN E 278 -45.39 22.53 -5.13
N TYR E 279 -45.82 21.75 -4.15
CA TYR E 279 -47.12 21.11 -4.22
C TYR E 279 -48.25 22.09 -3.93
N PHE E 280 -47.98 23.14 -3.16
CA PHE E 280 -48.98 24.13 -2.79
C PHE E 280 -48.80 25.46 -3.53
N THR E 281 -48.05 25.45 -4.64
CA THR E 281 -47.75 26.70 -5.33
C THR E 281 -48.95 27.17 -6.16
N LYS E 282 -49.54 26.28 -6.96
CA LYS E 282 -50.67 26.66 -7.80
C LYS E 282 -51.91 26.93 -6.95
N SER E 283 -52.34 25.93 -6.18
CA SER E 283 -53.47 26.08 -5.28
C SER E 283 -52.97 26.45 -3.89
N GLN E 284 -53.52 27.53 -3.33
CA GLN E 284 -53.15 28.01 -2.01
C GLN E 284 -51.76 28.65 -2.01
N PRO E 285 -51.49 29.61 -2.89
CA PRO E 285 -50.17 30.26 -2.89
C PRO E 285 -49.84 30.94 -1.57
N ALA E 286 -50.85 31.39 -0.83
CA ALA E 286 -50.60 32.01 0.47
C ALA E 286 -49.94 31.02 1.42
N ARG E 287 -50.36 29.75 1.37
CA ARG E 287 -49.75 28.73 2.21
C ARG E 287 -48.28 28.57 1.88
N ALA E 288 -47.95 28.42 0.60
CA ALA E 288 -46.55 28.29 0.19
C ALA E 288 -45.74 29.50 0.64
N ALA E 289 -46.28 30.70 0.42
CA ALA E 289 -45.58 31.91 0.84
C ALA E 289 -45.31 31.90 2.34
N LYS E 290 -46.29 31.45 3.13
CA LYS E 290 -46.08 31.36 4.58
C LYS E 290 -45.00 30.33 4.91
N ILE E 291 -44.98 29.21 4.19
CA ILE E 291 -43.99 28.17 4.45
C ILE E 291 -42.59 28.73 4.23
N ASP E 292 -42.37 29.38 3.09
CA ASP E 292 -41.06 29.97 2.82
C ASP E 292 -40.73 31.03 3.86
N ARG E 293 -41.67 31.93 4.13
CA ARG E 293 -41.42 33.03 5.07
C ARG E 293 -40.98 32.50 6.43
N LEU E 294 -41.66 31.47 6.94
CA LEU E 294 -41.30 30.92 8.24
C LEU E 294 -39.99 30.15 8.17
N SER E 295 -39.78 29.36 7.11
CA SER E 295 -38.57 28.58 7.00
C SER E 295 -37.33 29.47 7.01
N ARG E 296 -37.39 30.60 6.28
CA ARG E 296 -36.24 31.50 6.20
C ARG E 296 -35.76 31.97 7.56
N ILE E 297 -36.60 31.90 8.60
CA ILE E 297 -36.25 32.33 9.93
C ILE E 297 -36.00 31.15 10.86
N ALA E 298 -36.77 30.07 10.70
CA ALA E 298 -36.66 28.93 11.59
C ALA E 298 -35.42 28.09 11.29
N PHE E 299 -35.18 27.78 10.00
CA PHE E 299 -34.07 26.90 9.66
C PHE E 299 -32.74 27.41 10.19
N PRO E 300 -32.26 28.59 9.80
CA PRO E 300 -30.96 29.05 10.31
C PRO E 300 -30.94 29.23 11.82
N LEU E 301 -32.10 29.47 12.43
CA LEU E 301 -32.14 29.63 13.88
C LEU E 301 -31.97 28.29 14.58
N LEU E 302 -32.75 27.28 14.18
CA LEU E 302 -32.58 25.95 14.74
C LEU E 302 -31.18 25.42 14.48
N PHE E 303 -30.62 25.73 13.32
CA PHE E 303 -29.25 25.29 13.02
C PHE E 303 -28.25 25.98 13.94
N GLY E 304 -28.41 27.29 14.15
CA GLY E 304 -27.53 27.99 15.07
C GLY E 304 -27.61 27.45 16.49
N ILE E 305 -28.84 27.22 16.98
CA ILE E 305 -29.00 26.63 18.31
C ILE E 305 -28.32 25.27 18.37
N PHE E 306 -28.52 24.44 17.35
CA PHE E 306 -27.90 23.13 17.33
C PHE E 306 -26.38 23.23 17.41
N ASN E 307 -25.78 24.04 16.55
CA ASN E 307 -24.33 24.23 16.60
C ASN E 307 -23.88 24.72 17.97
N LEU E 308 -24.67 25.59 18.60
CA LEU E 308 -24.33 26.09 19.93
C LEU E 308 -24.26 24.94 20.92
N VAL E 309 -25.30 24.10 20.96
CA VAL E 309 -25.32 22.99 21.91
C VAL E 309 -24.22 21.99 21.61
N TYR E 310 -24.00 21.71 20.32
CA TYR E 310 -23.02 20.71 19.92
C TYR E 310 -21.61 21.15 20.30
N TRP E 311 -21.16 22.28 19.74
CA TRP E 311 -19.81 22.74 20.02
C TRP E 311 -19.61 23.06 21.49
N ALA E 312 -20.66 23.53 22.18
CA ALA E 312 -20.55 23.76 23.62
C ALA E 312 -20.33 22.45 24.37
N THR E 313 -20.96 21.37 23.92
CA THR E 313 -20.86 20.09 24.63
C THR E 313 -19.49 19.44 24.43
N TYR E 314 -19.06 19.30 23.19
CA TYR E 314 -17.85 18.55 22.86
C TYR E 314 -16.55 19.36 22.99
N LEU E 315 -16.61 20.55 23.57
CA LEU E 315 -15.39 21.33 23.80
C LEU E 315 -15.28 21.74 25.26
C ACT F . 20.18 6.07 22.59
O ACT F . 21.26 5.84 23.18
OXT ACT F . 20.02 5.49 21.50
CH3 ACT F . 19.14 7.00 23.16
CL CL G . 20.41 3.20 14.01
C8 A8W H . -20.91 44.43 -4.13
C5 A8W H . -23.31 45.99 -4.43
C6 A8W H . -22.30 46.16 -5.28
C2 A8W H . -25.19 46.44 -2.26
C4 A8W H . -24.65 46.61 -4.68
O A8W H . -17.89 41.10 -1.01
C1 A8W H . -23.77 45.92 -1.98
C10 A8W H . -23.19 45.13 -3.16
C11 A8W H . -21.48 43.86 -1.70
C12 A8W H . -20.03 43.49 -1.43
C13 A8W H . -19.33 42.97 -2.70
C14 A8W H . -19.46 44.09 -3.75
C15 A8W H . -18.47 43.67 -4.85
C16 A8W H . -17.34 42.94 -4.12
C17 A8W H . -17.77 42.83 -2.65
C18 A8W H . -19.97 41.65 -3.17
C19 A8W H . -23.99 43.84 -3.39
C20 A8W H . -17.28 41.59 -1.94
C3 A8W H . -25.18 47.35 -3.47
C7 A8W H . -20.94 45.57 -5.14
C9 A8W H . -21.68 44.83 -2.87
O1 A8W H . -26.59 47.71 -3.75
O2 A8W H . -27.74 49.69 -4.65
O3 A8W H . -28.36 48.68 -2.34
O4 A8W H . -26.33 49.81 -2.67
S A8W H . -27.40 49.02 -3.39
C21 A8W H . -16.00 40.98 -2.42
H3 A8W H . -21.38 43.56 -4.58
H18 A8W H . -22.43 46.76 -6.18
H21 A8W H . -25.57 46.97 -1.39
H22 A8W H . -25.89 45.61 -2.40
H24 A8W H . -25.37 45.87 -5.02
H23 A8W H . -24.55 47.30 -5.53
H20 A8W H . -23.14 46.76 -1.73
H19 A8W H . -23.79 45.30 -1.08
H14 A8W H . -21.90 44.26 -0.78
H15 A8W H . -22.05 42.94 -1.87
H12 A8W H . -19.49 44.35 -1.05
H13 A8W H . -19.96 42.74 -0.65
H1 A8W H . -19.05 45.00 -3.31
H11 A8W H . -18.96 43.05 -5.60
H10 A8W H . -18.11 44.54 -5.42
H8 A8W H . -17.15 41.97 -4.58
H9 A8W H . -16.39 43.47 -4.21
H A8W H . -17.37 43.68 -2.11
H31 A8W H . -19.87 40.87 -2.42
H29 A8W H . -19.52 41.27 -4.09
H30 A8W H . -21.04 41.75 -3.37
H28 A8W H . -23.99 43.20 -2.50
H27 A8W H . -23.62 43.25 -4.21
H26 A8W H . -25.04 44.04 -3.60
H4 A8W H . -24.63 48.27 -3.27
H17 A8W H . -20.57 45.23 -6.11
H16 A8W H . -20.26 46.38 -4.85
H2 A8W H . -21.25 45.78 -2.54
H7 A8W H . -15.37 40.67 -1.58
H5 A8W H . -15.43 41.69 -3.02
H6 A8W H . -16.16 40.10 -3.03
H25 A8W H . -26.36 50.62 -2.10
CAA Y01 I . -21.86 40.86 2.58
CBA Y01 I . -23.08 40.83 3.52
CAB Y01 I . -24.07 41.88 3.02
CAN Y01 I . -23.77 39.45 3.51
CAJ Y01 I . -22.80 38.32 3.89
CAO Y01 I . -23.51 36.96 3.77
CBB Y01 I . -22.57 35.81 3.38
CAC Y01 I . -21.77 36.24 2.13
CBE Y01 I . -21.66 35.43 4.57
CAP Y01 I . -22.50 34.75 5.68
CAQ Y01 I . -21.68 33.53 6.21
CBG Y01 I . -20.26 33.78 5.66
CBI Y01 I . -20.59 34.37 4.25
CAE Y01 I . -21.20 33.29 3.33
CAU Y01 I . -19.27 34.89 3.70
CAS Y01 I . -18.29 33.72 3.51
CBF Y01 I . -18.08 32.91 4.79
CBD Y01 I . -19.38 32.54 5.52
CAK Y01 I . -19.01 32.00 6.92
CAI Y01 I . -17.81 31.10 6.86
CAZ Y01 I . -17.01 30.95 5.84
CAV Y01 I . -16.05 29.77 5.84
CBH Y01 I . -17.24 31.66 4.54
CAD Y01 I . -17.98 30.68 3.62
CAT Y01 I . -15.88 31.99 3.90
CAR Y01 I . -14.96 30.76 3.81
CBC Y01 I . -14.72 30.19 5.22
OAW Y01 I . -13.84 29.02 5.26
CAY Y01 I . -13.30 28.41 4.18
OAG Y01 I . -13.88 28.34 3.12
CAM Y01 I . -11.94 27.78 4.33
CAL Y01 I . -11.58 26.91 3.12
CAX Y01 I . -10.30 26.17 3.40
OAH Y01 I . -9.63 25.58 2.40
OAF Y01 I . -9.88 26.09 4.54
HAA1 Y01 I . -21.21 40.20 2.87
HAA2 Y01 I . -22.14 40.67 1.68
HAA3 Y01 I . -21.45 41.75 2.61
HBA Y01 I . -22.80 41.04 4.41
HAB1 Y01 I . -24.34 41.68 2.10
HAB2 Y01 I . -24.85 41.88 3.60
HAB3 Y01 I . -23.65 42.75 3.05
HAN1 Y01 I . -24.50 39.46 4.15
HAN2 Y01 I . -24.12 39.28 2.62
HAJ1 Y01 I . -22.03 38.34 3.30
HAJ2 Y01 I . -22.50 38.45 4.80
HAO1 Y01 I . -23.92 36.76 4.62
HAO2 Y01 I . -24.21 37.04 3.10
HBB Y01 I . -23.10 35.04 3.15
HAC1 Y01 I . -21.52 35.45 1.62
HAC2 Y01 I . -22.32 36.81 1.57
HAC3 Y01 I . -20.97 36.71 2.40
HBE Y01 I . -21.23 36.22 4.92
HAP1 Y01 I . -22.66 35.38 6.41
HAP2 Y01 I . -23.34 34.45 5.32
HAQ1 Y01 I . -21.68 33.52 7.18
HAQ2 Y01 I . -22.04 32.70 5.86
HBG Y01 I . -19.82 34.45 6.20
HBD Y01 I . -19.86 31.86 5.02
HAE1 Y01 I . -21.33 33.66 2.44
HAE2 Y01 I . -20.62 32.52 3.29
HAE3 Y01 I . -22.07 33.02 3.68
HAU1 Y01 I . -19.43 35.32 2.85
HAU2 Y01 I . -18.89 35.53 4.32
HAS1 Y01 I . -18.64 33.13 2.82
HAS2 Y01 I . -17.44 34.08 3.21
HBF Y01 I . -17.56 33.47 5.39
HAK1 Y01 I . -18.81 32.76 7.50
HAK2 Y01 I . -19.76 31.52 7.28
HAI Y01 I . -17.62 30.59 7.62
HAV1 Y01 I . -15.91 29.48 6.75
HAV2 Y01 I . -16.44 29.04 5.33
HBC Y01 I . -14.33 30.88 5.77
HAD1 Y01 I . -18.17 31.11 2.77
HAD2 Y01 I . -17.42 29.90 3.46
HAD3 Y01 I . -18.81 30.40 4.03
HAT1 Y01 I . -16.04 32.33 3.00
HAT2 Y01 I . -15.45 32.68 4.42
HAR1 Y01 I . -15.37 30.08 3.26
HAR2 Y01 I . -14.11 31.02 3.42
HAM1 Y01 I . -11.27 28.49 4.42
HAM2 Y01 I . -11.93 27.23 5.14
HAL1 Y01 I . -12.29 26.27 2.97
HAL2 Y01 I . -11.47 27.47 2.34
C ACT J . 30.40 3.31 -2.46
O ACT J . 31.59 2.93 -2.55
OXT ACT J . 29.59 2.47 -2.01
CH3 ACT J . 29.97 4.68 -2.88
C ACT K . 30.78 -9.37 -3.28
O ACT K . 31.96 -9.21 -2.92
OXT ACT K . 30.35 -8.55 -4.12
CH3 ACT K . 29.92 -10.49 -2.75
CL CL L . 24.39 -3.51 -3.53
C8 A8W M . -14.52 33.19 -33.53
C5 A8W M . -16.37 35.26 -34.25
C6 A8W M . -16.12 34.29 -35.12
C2 A8W M . -16.45 37.86 -32.92
C4 A8W M . -17.49 36.25 -34.52
O A8W M . -10.05 31.64 -30.42
C1 A8W M . -15.25 36.93 -32.77
C10 A8W M . -15.61 35.44 -32.95
C11 A8W M . -13.50 34.65 -31.68
C12 A8W M . -12.25 33.76 -31.68
C13 A8W M . -12.59 32.32 -32.07
C14 A8W M . -13.21 32.41 -33.48
C15 A8W M . -13.17 30.95 -33.99
C16 A8W M . -11.99 30.28 -33.26
C17 A8W M . -11.39 31.38 -32.38
C18 A8W M . -13.53 31.68 -31.04
C19 A8W M . -16.52 34.99 -31.79
C20 A8W M . -10.66 30.87 -31.14
C3 A8W M . -17.07 37.68 -34.30
C7 A8W M . -15.06 33.26 -34.95
C9 A8W M . -14.29 34.61 -33.00
O1 A8W M . -18.29 38.52 -34.33
O2 A8W M . -19.67 39.71 -35.99
O3 A8W M . -18.54 40.95 -34.02
O4 A8W M . -17.27 40.10 -35.81
S A8W M . -18.56 39.91 -35.04
C21 A8W M . -10.69 29.41 -30.85
H3 A8W M . -15.27 32.69 -32.91
H18 A8W M . -16.70 34.18 -36.04
H21 A8W M . -16.15 38.89 -32.77
H22 A8W M . -17.20 37.67 -32.14
H24 A8W M . -18.36 36.02 -33.90
H23 A8W M . -17.84 36.11 -35.54
H20 A8W M . -14.49 37.22 -33.50
H19 A8W M . -14.79 37.10 -31.80
H14 A8W M . -13.20 35.67 -31.45
H15 A8W M . -14.14 34.35 -30.84
H12 A8W M . -11.51 34.18 -32.35
H13 A8W M . -11.78 33.79 -30.69
H1 A8W M . -12.52 32.95 -34.12
H11 A8W M . -14.12 30.44 -33.80
H10 A8W M . -13.07 30.91 -35.07
H8 A8W M . -12.33 29.41 -32.70
H9 A8W M . -11.25 29.89 -33.96
H A8W M . -10.66 31.93 -32.96
H31 A8W M . -13.06 31.64 -30.06
H29 A8W M . -13.81 30.66 -31.31
H30 A8W M . -14.46 32.23 -30.92
H28 A8W M . -16.05 35.12 -30.83
H27 A8W M . -16.82 33.95 -31.88
H26 A8W M . -17.46 35.55 -31.75
H4 A8W M . -16.40 38.04 -35.08
H17 A8W M . -15.43 32.28 -35.26
H16 A8W M . -14.26 33.49 -35.67
H2 A8W M . -13.66 35.10 -33.74
H7 A8W M . -10.00 29.15 -30.05
H5 A8W M . -10.42 28.82 -31.73
H6 A8W M . -11.69 29.08 -30.54
H25 A8W M . -16.33 40.18 -35.52
CAA Y01 N . -12.07 34.94 -27.50
CBA Y01 N . -11.61 36.34 -27.07
CAB Y01 N . -12.76 37.30 -27.34
CAN Y01 N . -11.20 36.43 -25.58
CAJ Y01 N . -10.48 35.15 -25.18
CAO Y01 N . -9.75 35.21 -23.82
CBB Y01 N . -9.44 33.77 -23.36
CAC Y01 N . -8.94 32.98 -24.59
CBE Y01 N . -8.41 33.77 -22.20
CAP Y01 N . -9.05 34.35 -20.90
CAQ Y01 N . -8.64 33.41 -19.73
CBG Y01 N . -7.48 32.57 -20.30
CBI Y01 N . -7.96 32.37 -21.78
CAE Y01 N . -9.17 31.40 -21.82
CAU Y01 N . -6.71 31.85 -22.48
CAS Y01 N . -6.42 30.44 -21.99
CBF Y01 N . -6.20 30.41 -20.47
CBD Y01 N . -7.22 31.22 -19.63
CAK Y01 N . -6.56 31.37 -18.25
CAI Y01 N . -6.21 30.01 -17.71
CAZ Y01 N . -6.06 28.93 -18.46
CAV Y01 N . -5.95 27.58 -17.79
CBH Y01 N . -6.14 28.98 -19.95
CAD Y01 N . -7.40 28.21 -20.38
CAT Y01 N . -4.90 28.25 -20.49
CAR Y01 N . -4.92 26.79 -20.06
CBC Y01 N . -5.06 26.57 -18.54
OAW Y01 N . -5.64 25.25 -18.37
CAY Y01 N . -5.10 24.40 -17.47
OAG Y01 N . -5.53 24.39 -16.34
CAM Y01 N . -4.01 23.45 -17.87
CAL Y01 N . -4.20 22.11 -17.16
CAX Y01 N . -3.05 21.19 -17.51
OAH Y01 N . -3.10 19.90 -17.16
OAF Y01 N . -2.09 21.62 -18.09
HAA1 Y01 N . -11.36 34.30 -27.33
HAA2 Y01 N . -12.86 34.69 -26.97
HAA3 Y01 N . -12.30 34.94 -28.43
HBA Y01 N . -10.85 36.61 -27.62
HAB1 Y01 N . -13.54 37.03 -26.82
HAB2 Y01 N . -12.50 38.21 -27.08
HAB3 Y01 N . -12.99 37.30 -28.28
HAN1 Y01 N . -10.63 37.19 -25.45
HAN2 Y01 N . -12.01 36.53 -25.04
HAJ1 Y01 N . -11.13 34.43 -25.15
HAJ2 Y01 N . -9.83 34.94 -25.86
HAO1 Y01 N . -8.93 35.71 -23.92
HAO2 Y01 N . -10.33 35.65 -23.16
HBB Y01 N . -10.26 33.36 -23.05
HAC1 Y01 N . -8.57 32.13 -24.29
HAC2 Y01 N . -9.66 32.82 -25.20
HAC3 Y01 N . -8.24 33.49 -25.03
HBE Y01 N . -7.64 34.30 -22.45
HAP1 Y01 N . -8.70 35.25 -20.74
HAP2 Y01 N . -10.01 34.38 -20.98
HAQ1 Y01 N . -8.36 33.92 -18.96
HAQ2 Y01 N . -9.39 32.83 -19.49
HBG Y01 N . -6.67 33.12 -20.29
HBD Y01 N . -8.05 30.73 -19.56
HAE1 Y01 N . -9.37 31.17 -22.74
HAE2 Y01 N . -8.96 30.59 -21.34
HAE3 Y01 N . -9.94 31.83 -21.42
HAU1 Y01 N . -6.86 31.84 -23.44
HAU2 Y01 N . -5.96 32.44 -22.27
HAS1 Y01 N . -7.17 29.87 -22.21
HAS2 Y01 N . -5.63 30.10 -22.43
HBF Y01 N . -5.33 30.80 -20.31
HAK1 Y01 N . -5.76 31.90 -18.33
HAK2 Y01 N . -7.19 31.80 -17.66
HAI Y01 N . -6.09 29.92 -16.80
HAV1 Y01 N . -5.60 27.70 -16.90
HAV2 Y01 N . -6.84 27.20 -17.73
HBC Y01 N . -4.17 26.58 -18.14
HAD1 Y01 N . -7.31 27.94 -21.32
HAD2 Y01 N . -7.50 27.41 -19.84
HAD3 Y01 N . -8.18 28.76 -20.28
HAT1 Y01 N . -4.90 28.31 -21.45
HAT2 Y01 N . -4.11 28.68 -20.13
HAR1 Y01 N . -5.67 26.35 -20.50
HAR2 Y01 N . -4.09 26.37 -20.36
HAM1 Y01 N . -4.04 23.31 -18.83
HAM2 Y01 N . -3.15 23.82 -17.63
HAL1 Y01 N . -4.22 22.25 -16.20
HAL2 Y01 N . -5.03 21.70 -17.45
CAA Y01 O . -19.93 12.73 -41.61
CBA Y01 O . -20.38 13.92 -40.77
CAB Y01 O . -21.49 14.66 -41.53
CAN Y01 O . -20.91 13.46 -39.41
CAJ Y01 O . -19.75 12.94 -38.56
CAO Y01 O . -20.24 12.50 -37.17
CBB Y01 O . -19.08 11.80 -36.44
CAC Y01 O . -18.07 12.87 -35.99
CBE Y01 O . -19.56 11.01 -35.20
CAP Y01 O . -20.60 9.93 -35.62
CAQ Y01 O . -20.21 8.61 -34.88
CBG Y01 O . -19.29 9.11 -33.75
CBI Y01 O . -18.46 10.20 -34.49
CAE Y01 O . -17.49 9.60 -35.53
CAU Y01 O . -17.69 10.93 -33.39
CAS Y01 O . -16.71 9.97 -32.73
CBF Y01 O . -17.41 8.73 -32.16
CBD Y01 O . -18.37 8.04 -33.14
CAK Y01 O . -19.21 7.03 -32.36
CAI Y01 O . -18.36 6.22 -31.41
CAZ Y01 O . -17.14 6.52 -31.05
CAV Y01 O . -16.35 5.48 -30.28
CBH Y01 O . -16.41 7.70 -31.62
CAD Y01 O . -15.49 7.19 -32.73
CAT Y01 O . -15.53 8.32 -30.52
CAR Y01 O . -14.63 7.27 -29.84
CBC Y01 O . -15.46 6.15 -29.22
OAW Y01 O . -14.56 5.14 -28.67
CAY Y01 O . -14.40 5.01 -27.35
OAG Y01 O . -14.98 5.74 -26.58
CAM Y01 O . -13.50 3.92 -26.81
CAL Y01 O . -13.68 3.77 -25.30
CAX Y01 O . -12.77 2.68 -24.79
OAH Y01 O . -12.96 2.16 -23.57
OAF Y01 O . -11.85 2.28 -25.48
HAA1 Y01 O . -19.23 12.25 -41.14
HAA2 Y01 O . -20.68 12.13 -41.76
HAA3 Y01 O . -19.60 13.04 -42.46
HBA Y01 O . -19.63 14.52 -40.64
HAB1 Y01 O . -22.24 14.06 -41.67
HAB2 Y01 O . -21.79 15.43 -41.01
HAB3 Y01 O . -21.15 14.97 -42.38
HAN1 Y01 O . -21.33 14.21 -38.96
HAN2 Y01 O . -21.56 12.76 -39.53
HAJ1 Y01 O . -19.34 12.18 -39.01
HAJ2 Y01 O . -19.09 13.65 -38.46
HAO1 Y01 O . -20.51 13.28 -36.66
HAO2 Y01 O . -20.98 11.88 -37.26
HBB Y01 O . -18.64 11.19 -37.05
HAC1 Y01 O . -17.24 12.44 -35.73
HAC2 Y01 O . -17.90 13.48 -36.73
HAC3 Y01 O . -18.43 13.36 -35.25
HBE Y01 O . -19.98 11.61 -34.57
HAP1 Y01 O . -21.48 10.20 -35.36
HAP2 Y01 O . -20.56 9.78 -36.58
HAQ1 Y01 O . -21.00 8.18 -34.51
HAQ2 Y01 O . -19.73 8.02 -35.47
HBG Y01 O . -19.83 9.51 -33.05
HBD Y01 O . -17.87 7.61 -33.85
HAE1 Y01 O . -16.91 10.30 -35.88
HAE2 Y01 O . -16.95 8.91 -35.12
HAE3 Y01 O . -18.01 9.22 -36.26
HAU1 Y01 O . -17.20 11.68 -33.78
HAU2 Y01 O . -18.33 11.26 -32.73
HAS1 Y01 O . -16.05 9.68 -33.38
HAS2 Y01 O . -16.25 10.43 -32.01
HBF Y01 O . -17.94 9.02 -31.39
HAK1 Y01 O . -19.88 7.50 -31.85
HAK2 Y01 O . -19.65 6.42 -32.99
HAI Y01 O . -18.73 5.45 -31.05
HAV1 Y01 O . -16.96 4.86 -29.84
HAV2 Y01 O . -15.78 4.98 -30.89
HBC Y01 O . -16.02 6.51 -28.51
HAD1 Y01 O . -14.94 7.91 -33.06
HAD2 Y01 O . -14.91 6.49 -32.39
HAD3 Y01 O . -16.02 6.83 -33.46
HAT1 Y01 O . -14.97 9.01 -30.92
HAT2 Y01 O . -16.10 8.72 -29.84
HAR1 Y01 O . -14.04 6.89 -30.51
HAR2 Y01 O . -14.10 7.69 -29.16
HAM1 Y01 O . -13.72 3.08 -27.25
HAM2 Y01 O . -12.58 4.14 -27.01
HAL1 Y01 O . -13.45 4.61 -24.87
HAL2 Y01 O . -14.60 3.54 -25.10
C ACT P . 19.79 -18.99 -13.82
O ACT P . 20.70 -19.83 -13.88
OXT ACT P . 19.17 -18.93 -12.74
CH3 ACT P . 19.45 -18.09 -14.98
CL CL Q . 14.97 -19.05 -6.74
C8 A8W R . -29.77 5.20 -35.99
C5 A8W R . -31.71 6.62 -37.56
C6 A8W R . -32.12 5.64 -36.77
C2 A8W R . -31.02 8.10 -39.97
C4 A8W R . -32.71 7.54 -38.22
O A8W R . -24.50 4.06 -35.06
C1 A8W R . -30.07 7.07 -39.38
C10 A8W R . -30.25 6.91 -37.85
C11 A8W R . -27.84 6.03 -37.45
C12 A8W R . -26.95 4.91 -36.91
C13 A8W R . -27.35 4.51 -35.49
C14 A8W R . -28.82 4.09 -35.55
C15 A8W R . -29.07 3.36 -34.22
C16 A8W R . -27.70 2.76 -33.82
C17 A8W R . -26.71 3.21 -34.92
C18 A8W R . -27.12 5.69 -34.51
C19 A8W R . -29.87 8.23 -37.15
C20 A8W R . -25.28 3.35 -34.47
C3 A8W R . -32.46 7.70 -39.71
C7 A8W R . -31.21 4.69 -36.06
C9 A8W R . -29.36 5.73 -37.36
O1 A8W R . -33.32 8.79 -40.20
O2 A8W R . -34.27 10.96 -40.91
O3 A8W R . -32.38 10.83 -39.14
O4 A8W R . -31.97 10.34 -41.41
S A8W R . -33.06 10.35 -40.35
C21 A8W R . -24.83 2.58 -33.27
H3 A8W R . -29.74 6.01 -35.26
H18 A8W R . -33.18 5.46 -36.58
H21 A8W R . -30.84 8.20 -41.04
H22 A8W R . -30.82 9.09 -39.57
H24 A8W R . -32.73 8.52 -37.73
H23 A8W R . -33.71 7.14 -38.05
H20 A8W R . -30.22 6.11 -39.87
H19 A8W R . -29.04 7.34 -39.62
H14 A8W R . -27.57 6.22 -38.49
H15 A8W R . -27.61 6.95 -36.92
H12 A8W R . -27.00 4.05 -37.57
H13 A8W R . -25.91 5.22 -36.95
H1 A8W R . -28.92 3.32 -36.32
H11 A8W R . -29.44 4.05 -33.46
H10 A8W R . -29.83 2.60 -34.29
H8 A8W R . -27.40 3.09 -32.83
H9 A8W R . -27.73 1.68 -33.75
H A8W R . -26.72 2.46 -35.71
H31 A8W R . -26.06 5.98 -34.49
H29 A8W R . -27.41 5.45 -33.49
H30 A8W R . -27.68 6.57 -34.79
H28 A8W R . -28.84 8.53 -37.36
H27 A8W R . -29.98 8.18 -36.07
H26 A8W R . -30.49 9.07 -37.48
H4 A8W R . -32.72 6.80 -40.27
H17 A8W R . -31.59 4.49 -35.06
H16 A8W R . -31.27 3.73 -36.58
H2 A8W R . -29.54 4.91 -38.07
H7 A8W R . -23.88 2.10 -33.44
H5 A8W R . -25.56 1.80 -33.01
H6 A8W R . -24.72 3.20 -32.38
H25 A8W R . -31.80 10.90 -42.21
C ACT S . 3.46 -30.15 4.39
O ACT S . 4.25 -30.87 5.04
OXT ACT S . 3.63 -28.91 4.50
CH3 ACT S . 2.39 -30.74 3.52
C ACT T . 9.54 -27.02 15.10
O ACT T . 10.26 -27.95 14.67
OXT ACT T . 8.31 -27.12 14.85
CH3 ACT T . 10.10 -25.85 15.86
CL CL U . 4.65 -22.55 9.70
C8 A8W V . -47.01 0.69 -10.45
C5 A8W V . -49.13 1.80 -12.01
C6 A8W V . -49.03 2.11 -10.72
C2 A8W V . -50.06 0.61 -14.49
C4 A8W V . -50.06 2.56 -12.91
O A8W V . -42.94 -3.02 -10.12
C1 A8W V . -49.27 -0.20 -13.47
C10 A8W V . -48.31 0.69 -12.65
C11 A8W V . -46.65 -1.23 -12.13
C12 A8W V . -45.81 -1.98 -11.09
C13 A8W V . -45.11 -1.01 -10.15
C14 A8W V . -46.22 -0.20 -9.47
C15 A8W V . -45.53 0.47 -8.27
C16 A8W V . -44.36 -0.44 -7.89
C17 A8W V . -44.42 -1.62 -8.89
C18 A8W V . -44.12 -0.12 -10.92
C19 A8W V . -47.28 1.33 -13.60
C20 A8W V . -43.09 -2.29 -9.16
C3 A8W V . -50.91 1.66 -13.80
C7 A8W V . -48.13 1.45 -9.74
C9 A8W V . -47.62 -0.19 -11.56
O1 A8W V . -51.49 2.52 -14.85
O2 A8W V . -53.72 3.12 -15.68
O3 A8W V . -51.90 2.18 -17.25
O4 A8W V . -52.93 0.82 -15.65
S A8W V . -52.58 2.26 -15.96
C21 A8W V . -41.95 -2.03 -8.22
H3 A8W V . -46.33 1.41 -10.89
H18 A8W V . -49.63 2.91 -10.29
H21 A8W V . -50.70 -0.05 -15.09
H22 A8W V . -49.41 1.08 -15.23
H24 A8W V . -49.51 3.26 -13.54
H23 A8W V . -50.70 3.19 -12.31
H20 A8W V . -49.95 -0.73 -12.81
H19 A8W V . -48.72 -0.99 -13.99
H14 A8W V . -47.19 -1.97 -12.73
H15 A8W V . -45.97 -0.76 -12.84
H12 A8W V . -46.46 -2.65 -10.53
H13 A8W V . -45.10 -2.63 -11.58
H1 A8W V . -46.94 -0.89 -9.05
H11 A8W V . -45.20 1.49 -8.50
H10 A8W V . -46.22 0.61 -7.43
H8 A8W V . -43.41 0.10 -7.94
H9 A8W V . -44.42 -0.79 -6.86
H A8W V . -45.08 -2.38 -8.48
H31 A8W V . -43.33 -0.72 -11.39
H29 A8W V . -43.61 0.60 -10.29
H30 A8W V . -44.58 0.44 -11.72
H28 A8W V . -46.69 0.59 -14.14
H27 A8W V . -46.58 1.98 -13.07
H26 A8W V . -47.75 1.96 -14.37
H4 A8W V . -51.74 1.21 -13.25
H17 A8W V . -47.70 2.18 -9.05
H16 A8W V . -48.72 0.79 -9.12
H2 A8W V . -48.42 -0.75 -11.08
H7 A8W V . -41.34 -2.92 -8.10
H5 A8W V . -42.32 -1.75 -7.24
H6 A8W V . -41.30 -1.22 -8.57
H25 A8W V . -53.41 0.11 -16.17
CAA Y01 W . -40.60 -0.89 -20.88
CBA Y01 W . -41.93 -0.92 -20.13
CAB Y01 W . -43.08 -1.11 -21.12
CAN Y01 W . -41.93 -2.09 -19.14
CAJ Y01 W . -40.99 -1.79 -17.98
CAO Y01 W . -39.74 -2.68 -18.08
CBB Y01 W . -38.78 -2.46 -16.90
CAC Y01 W . -39.46 -2.91 -15.60
CBE Y01 W . -37.49 -3.28 -17.14
CAP Y01 W . -36.71 -2.69 -18.34
CAQ Y01 W . -35.19 -2.82 -18.00
CBG Y01 W . -35.19 -3.73 -16.76
CBI Y01 W . -36.46 -3.22 -16.01
CAE Y01 W . -36.32 -1.77 -15.51
CAU Y01 W . -36.66 -4.19 -14.85
CAS Y01 W . -35.48 -4.07 -13.88
CBF Y01 W . -34.16 -4.41 -14.57
CBD Y01 W . -33.94 -3.62 -15.88
CAK Y01 W . -32.75 -4.24 -16.59
CAI Y01 W . -31.61 -4.57 -15.65
CAZ Y01 W . -31.70 -4.59 -14.35
CAV Y01 W . -30.42 -4.68 -13.54
CBH Y01 W . -32.97 -4.22 -13.63
CAD Y01 W . -32.84 -2.76 -13.18
CAT Y01 W . -33.11 -5.10 -12.38
CAR Y01 W . -31.85 -5.05 -11.51
CBC Y01 W . -30.64 -5.56 -12.31
OAW Y01 W . -29.46 -5.60 -11.46
CAY Y01 W . -28.88 -4.46 -11.01
OAG Y01 W . -29.45 -3.40 -11.08
CAM Y01 W . -27.49 -4.50 -10.41
CAL Y01 W . -27.58 -4.46 -8.88
CAX Y01 W . -26.42 -5.21 -8.27
OAH Y01 W . -25.85 -4.73 -7.15
OAF Y01 W . -26.03 -6.23 -8.77
HAA1 Y01 W . -39.87 -0.78 -20.25
HAA2 Y01 W . -40.48 -1.73 -21.36
HAA3 Y01 W . -40.60 -0.15 -21.52
HBA Y01 W . -42.05 -0.09 -19.64
HAB1 Y01 W . -42.96 -1.94 -21.60
HAB2 Y01 W . -43.92 -1.13 -20.64
HAB3 Y01 W . -43.08 -0.36 -21.75
HAN1 Y01 W . -42.82 -2.23 -18.81
HAN2 Y01 W . -41.62 -2.89 -19.60
HAJ1 Y01 W . -40.73 -0.86 -18.00
HAJ2 Y01 W . -41.45 -1.97 -17.14
HAO1 Y01 W . -40.01 -3.60 -18.10
HAO2 Y01 W . -39.27 -2.46 -18.91
HBB Y01 W . -38.56 -1.52 -16.82
HAC1 Y01 W . -38.96 -2.59 -14.84
HAC2 Y01 W . -40.36 -2.57 -15.56
HAC3 Y01 W . -39.50 -3.89 -15.57
HBE Y01 W . -37.73 -4.20 -17.33
HAP1 Y01 W . -36.90 -3.20 -19.15
HAP2 Y01 W . -36.94 -1.76 -18.47
HAQ1 Y01 W . -34.71 -3.24 -18.73
HAQ2 Y01 W . -34.81 -1.95 -17.78
HBG Y01 W . -35.32 -4.65 -17.03
HBD Y01 W . -33.77 -2.68 -15.67
HAE1 Y01 W . -37.05 -1.56 -14.92
HAE2 Y01 W . -35.48 -1.67 -15.05
HAE3 Y01 W . -36.35 -1.17 -16.27
HAU1 Y01 W . -37.48 -3.97 -14.38
HAU2 Y01 W . -36.71 -5.09 -15.19
HAS1 Y01 W . -35.44 -3.17 -13.54
HAS2 Y01 W . -35.62 -4.68 -13.14
HBF Y01 W . -34.19 -5.35 -14.81
HAK1 Y01 W . -33.03 -5.07 -17.03
HAK2 Y01 W . -32.43 -3.63 -17.27
HAI Y01 W . -30.78 -4.77 -16.02
HAV1 Y01 W . -29.72 -5.07 -14.09
HAV2 Y01 W . -30.15 -3.80 -13.27
HBC Y01 W . -30.83 -6.46 -12.61
HAD1 Y01 W . -33.61 -2.52 -12.65
HAD2 Y01 W . -32.03 -2.66 -12.65
HAD3 Y01 W . -32.79 -2.18 -13.97
HAT1 Y01 W . -33.86 -4.77 -11.86
HAT2 Y01 W . -33.28 -6.01 -12.65
HAR1 Y01 W . -31.69 -4.14 -11.22
HAR2 Y01 W . -31.98 -5.62 -10.72
HAM1 Y01 W . -27.06 -5.33 -10.69
HAM2 Y01 W . -26.98 -3.75 -10.73
HAL1 Y01 W . -27.56 -3.53 -8.60
HAL2 Y01 W . -28.42 -4.86 -8.59
C ACT X . 3.19 -14.64 26.89
O ACT X . 3.64 -14.99 27.99
OXT ACT X . 4.02 -14.50 25.96
CH3 ACT X . 1.72 -14.40 26.67
C ACT Y . 15.03 -10.70 26.25
O ACT Y . 15.13 -10.36 27.45
OXT ACT Y . 13.88 -10.60 25.75
CH3 ACT Y . 16.21 -11.19 25.46
CL CL Z . 8.21 -8.93 22.03
C8 A8W AA . -41.54 24.64 9.78
C5 A8W AA . -44.10 25.71 8.98
C6 A8W AA . -43.25 26.47 9.67
C2 A8W AA . -46.36 24.05 8.26
C4 A8W AA . -45.34 26.31 8.38
O A8W AA . -38.53 20.07 10.82
C1 A8W AA . -45.17 23.46 9.00
C10 A8W AA . -43.86 24.22 8.74
C11 A8W AA . -42.37 22.23 9.42
C12 A8W AA . -41.25 21.71 10.33
C13 A8W AA . -40.01 22.61 10.26
C14 A8W AA . -40.48 24.02 10.69
C15 A8W AA . -39.17 24.77 10.94
C16 A8W AA . -38.15 23.71 11.40
C17 A8W AA . -38.91 22.36 11.33
C18 A8W AA . -39.41 22.59 8.86
C19 A8W AA . -43.46 24.06 7.25
C20 A8W AA . -38.04 21.15 11.07
C3 A8W AA . -46.57 25.49 8.65
C7 A8W AA . -41.98 25.99 10.31
C9 A8W AA . -42.76 23.70 9.69
O1 A8W AA . -47.66 26.02 7.79
O2 A8W AA . -49.66 27.43 7.64
O3 A8W AA . -49.80 24.85 7.48
O4 A8W AA . -49.30 25.92 9.51
S A8W AA . -49.22 26.09 8.00
C21 A8W AA . -36.56 21.32 11.15
H3 A8W AA . -41.13 24.78 8.78
H18 A8W AA . -43.44 27.53 9.82
H21 A8W AA . -47.25 23.46 8.46
H22 A8W AA . -46.23 23.95 7.18
H24 A8W AA . -45.22 26.46 7.30
H23 A8W AA . -45.46 27.33 8.76
H20 A8W AA . -45.39 23.47 10.07
H19 A8W AA . -45.07 22.41 8.75
H14 A8W AA . -43.24 21.59 9.55
H15 A8W AA . -42.07 22.10 8.39
H12 A8W AA . -41.62 21.63 11.35
H13 A8W AA . -40.99 20.69 10.05
H1 A8W AA . -40.95 23.93 11.66
H11 A8W AA . -38.83 25.30 10.05
H10 A8W AA . -39.29 25.57 11.68
H8 A8W AA . -37.27 23.72 10.77
H9 A8W AA . -37.79 23.90 12.41
H A8W AA . -39.40 22.20 12.29
H31 A8W AA . -39.09 21.59 8.57
H29 A8W AA . -38.53 23.23 8.77
H30 A8W AA . -40.10 22.92 8.08
H28 A8W AA . -43.32 23.01 7.00
H27 A8W AA . -42.55 24.58 7.00
H26 A8W AA . -44.22 24.43 6.57
H4 A8W AA . -46.91 25.58 9.68
H17 A8W AA . -41.19 26.72 10.15
H16 A8W AA . -42.14 25.97 11.39
H2 A8W AA . -43.21 23.70 10.69
H7 A8W AA . -36.07 20.37 11.34
H5 A8W AA . -36.28 21.99 11.96
H6 A8W AA . -36.14 21.73 10.24
H25 A8W AA . -50.05 25.70 10.13
CAA Y01 BA . -44.63 12.88 7.26
CBA Y01 BA . -44.53 11.87 6.11
CAB Y01 BA . -45.95 11.46 5.70
CAN Y01 BA . -43.83 12.48 4.89
CAJ Y01 BA . -42.43 12.99 5.24
CAO Y01 BA . -41.63 11.93 6.00
CBB Y01 BA . -40.13 12.27 6.06
CAC Y01 BA . -39.93 13.69 6.59
CBE Y01 BA . -39.42 11.24 6.96
CAP Y01 BA . -39.53 9.82 6.37
CAQ Y01 BA . -38.16 9.12 6.58
CBG Y01 BA . -37.42 10.04 7.57
CBI Y01 BA . -37.91 11.44 7.10
CAE Y01 BA . -37.33 11.82 5.73
CAU Y01 BA . -37.45 12.41 8.19
CAS Y01 BA . -35.92 12.46 8.20
CBF Y01 BA . -35.29 11.08 8.40
CBD Y01 BA . -35.90 9.96 7.54
CAK Y01 BA . -35.41 8.64 8.15
CAI Y01 BA . -33.91 8.67 8.36
CAZ Y01 BA . -33.19 9.77 8.44
CAV Y01 BA . -31.68 9.64 8.41
CBH Y01 BA . -33.78 11.12 8.21
CAD Y01 BA . -33.41 11.54 6.78
CAT Y01 BA . -33.14 12.11 9.19
CAR Y01 BA . -31.61 12.11 9.07
CBC Y01 BA . -31.01 10.72 9.28
OAW Y01 BA . -29.59 10.83 8.94
CAY Y01 BA . -28.85 9.74 8.71
OAG Y01 BA . -29.08 8.72 9.31
CAM Y01 BA . -27.75 9.80 7.69
CAL Y01 BA . -26.59 8.88 8.08
CAX Y01 BA . -25.61 9.62 8.95
OAH Y01 BA . -25.99 10.74 9.59
OAF Y01 BA . -24.47 9.21 9.06
HAA1 Y01 BA . -43.73 13.15 7.53
HAA2 Y01 BA . -45.11 13.66 6.97
HAA3 Y01 BA . -45.08 12.47 8.01
HBA Y01 BA . -44.04 11.09 6.40
HAB1 Y01 BA . -46.45 12.25 5.41
HAB2 Y01 BA . -45.90 10.83 4.96
HAB3 Y01 BA . -46.40 11.06 6.46
HAN1 Y01 BA . -43.75 11.81 4.19
HAN2 Y01 BA . -44.36 13.22 4.56
HAJ1 Y01 BA . -41.95 13.23 4.42
HAJ2 Y01 BA . -42.51 13.78 5.80
HAO1 Y01 BA . -41.97 11.86 6.91
HAO2 Y01 BA . -41.74 11.07 5.55
HBB Y01 BA . -39.76 12.21 5.15
HAC1 Y01 BA . -39.00 13.95 6.49
HAC2 Y01 BA . -40.48 14.31 6.09
HAC3 Y01 BA . -40.17 13.72 7.53
HBE Y01 BA . -39.83 11.25 7.85
HAP1 Y01 BA . -40.23 9.31 6.82
HAP2 Y01 BA . -39.73 9.87 5.42
HAQ1 Y01 BA . -38.27 8.24 6.95
HAQ2 Y01 BA . -37.67 9.08 5.74
HBG Y01 BA . -37.75 9.86 8.48
HBD Y01 BA . -35.59 10.05 6.62
HAE1 Y01 BA . -37.53 12.76 5.53
HAE2 Y01 BA . -36.37 11.70 5.72
HAE3 Y01 BA . -37.73 11.26 5.04
HAU1 Y01 BA . -37.82 13.29 8.02
HAU2 Y01 BA . -37.77 12.08 9.05
HAS1 Y01 BA . -35.62 12.82 7.35
HAS2 Y01 BA . -35.64 13.06 8.91
HBF Y01 BA . -35.45 10.84 9.33
HAK1 Y01 BA . -35.84 8.49 9.00
HAK2 Y01 BA . -35.62 7.91 7.54
HAI Y01 BA . -33.47 7.86 8.46
HAV1 Y01 BA . -31.43 8.76 8.74
HAV2 Y01 BA . -31.37 9.73 7.49
HBC Y01 BA . -31.09 10.47 10.21
HAD1 Y01 BA . -33.69 12.46 6.63
HAD2 Y01 BA . -32.45 11.48 6.66
HAD3 Y01 BA . -33.86 10.96 6.15
HAT1 Y01 BA . -33.48 13.00 9.02
HAT2 Y01 BA . -33.38 11.86 10.10
HAR1 Y01 BA . -31.38 12.42 8.18
HAR2 Y01 BA . -31.24 12.71 9.73
HAM1 Y01 BA . -28.09 9.52 6.82
HAM2 Y01 BA . -27.41 10.71 7.63
HAL1 Y01 BA . -26.94 8.12 8.59
HAL2 Y01 BA . -26.14 8.55 7.29
#